data_2FV8
# 
_entry.id   2FV8 
# 
_audit_conform.dict_name       mmcif_pdbx.dic 
_audit_conform.dict_version    5.389 
_audit_conform.dict_location   http://mmcif.pdb.org/dictionaries/ascii/mmcif_pdbx.dic 
# 
loop_
_database_2.database_id 
_database_2.database_code 
_database_2.pdbx_database_accession 
_database_2.pdbx_DOI 
PDB   2FV8         pdb_00002fv8 10.2210/pdb2fv8/pdb 
RCSB  RCSB036352   ?            ?                   
WWPDB D_1000036352 ?            ?                   
# 
loop_
_pdbx_audit_revision_history.ordinal 
_pdbx_audit_revision_history.data_content_type 
_pdbx_audit_revision_history.major_revision 
_pdbx_audit_revision_history.minor_revision 
_pdbx_audit_revision_history.revision_date 
1 'Structure model' 1 0 2006-02-28 
2 'Structure model' 1 1 2008-05-01 
3 'Structure model' 1 2 2011-07-13 
4 'Structure model' 1 3 2024-02-14 
5 'Structure model' 1 4 2024-04-03 
# 
_pdbx_audit_revision_details.ordinal             1 
_pdbx_audit_revision_details.revision_ordinal    1 
_pdbx_audit_revision_details.data_content_type   'Structure model' 
_pdbx_audit_revision_details.provider            repository 
_pdbx_audit_revision_details.type                'Initial release' 
_pdbx_audit_revision_details.description         ? 
_pdbx_audit_revision_details.details             ? 
# 
loop_
_pdbx_audit_revision_group.ordinal 
_pdbx_audit_revision_group.revision_ordinal 
_pdbx_audit_revision_group.data_content_type 
_pdbx_audit_revision_group.group 
1 2 'Structure model' 'Version format compliance' 
2 3 'Structure model' Advisory                    
3 3 'Structure model' 'Version format compliance' 
4 4 'Structure model' 'Data collection'           
5 4 'Structure model' 'Database references'       
6 4 'Structure model' 'Derived calculations'      
7 5 'Structure model' 'Refinement description'    
# 
loop_
_pdbx_audit_revision_category.ordinal 
_pdbx_audit_revision_category.revision_ordinal 
_pdbx_audit_revision_category.data_content_type 
_pdbx_audit_revision_category.category 
1 4 'Structure model' chem_comp_atom                
2 4 'Structure model' chem_comp_bond                
3 4 'Structure model' database_2                    
4 4 'Structure model' struct_ref_seq_dif            
5 4 'Structure model' struct_site                   
6 5 'Structure model' pdbx_initial_refinement_model 
# 
loop_
_pdbx_audit_revision_item.ordinal 
_pdbx_audit_revision_item.revision_ordinal 
_pdbx_audit_revision_item.data_content_type 
_pdbx_audit_revision_item.item 
1 4 'Structure model' '_database_2.pdbx_DOI'                
2 4 'Structure model' '_database_2.pdbx_database_accession' 
3 4 'Structure model' '_struct_ref_seq_dif.details'         
4 4 'Structure model' '_struct_site.pdbx_auth_asym_id'      
5 4 'Structure model' '_struct_site.pdbx_auth_comp_id'      
6 4 'Structure model' '_struct_site.pdbx_auth_seq_id'       
# 
_pdbx_database_status.status_code                     REL 
_pdbx_database_status.entry_id                        2FV8 
_pdbx_database_status.recvd_initial_deposition_date   2006-01-30 
_pdbx_database_status.deposit_site                    RCSB 
_pdbx_database_status.process_site                    RCSB 
_pdbx_database_status.status_code_sf                  REL 
_pdbx_database_status.status_code_mr                  ? 
_pdbx_database_status.SG_entry                        Y 
_pdbx_database_status.pdb_format_compatible           Y 
_pdbx_database_status.status_code_cs                  ? 
_pdbx_database_status.status_code_nmr_data            ? 
_pdbx_database_status.methods_development_category    ? 
# 
loop_
_audit_author.name 
_audit_author.pdbx_ordinal 
'Turnbull, A.P.'                       1  
'Soundararajan, M.'                    2  
'Smee, C.'                             3  
'Johansson, C.'                        4  
'Schoch, G.'                           5  
'Gorrec, F.'                           6  
'Bray, J.'                             7  
'Papagrigoriou, E.'                    8  
'von Delft, F.'                        9  
'Weigelt, J.'                          10 
'Edwards, A.'                          11 
'Arrowsmith, C.'                       12 
'Sundstrom, M.'                        13 
'Doyle, D.'                            14 
'Structural Genomics Consortium (SGC)' 15 
# 
_citation.id                        primary 
_citation.title                     'The crystal structure of RhoB in the GDP-bound state' 
_citation.journal_abbrev            'To be Published' 
_citation.journal_volume            ? 
_citation.page_first                ? 
_citation.page_last                 ? 
_citation.year                      ? 
_citation.journal_id_ASTM           ? 
_citation.country                   ? 
_citation.journal_id_ISSN           ? 
_citation.journal_id_CSD            0353 
_citation.book_publisher            ? 
_citation.pdbx_database_id_PubMed   ? 
_citation.pdbx_database_id_DOI      ? 
# 
loop_
_citation_author.citation_id 
_citation_author.name 
_citation_author.ordinal 
_citation_author.identifier_ORCID 
primary 'Turnbull, A.P.'    1  ? 
primary 'Soundararajan, M.' 2  ? 
primary 'Smee, C.'          3  ? 
primary 'Johansson, C.'     4  ? 
primary 'Schoch, G.'        5  ? 
primary 'Gorrec, F.'        6  ? 
primary 'Bray, J.'          7  ? 
primary 'Papagrigoriou, E.' 8  ? 
primary 'von Delft, F.'     9  ? 
primary 'Weigelt, J.'       10 ? 
primary 'Edwards, A.'       11 ? 
primary 'Arrowsmith, C.'    12 ? 
primary 'Sundstrom, M.'     13 ? 
primary 'Doyle, D.'         14 ? 
# 
loop_
_entity.id 
_entity.type 
_entity.src_method 
_entity.pdbx_description 
_entity.formula_weight 
_entity.pdbx_number_of_molecules 
_entity.pdbx_ec 
_entity.pdbx_mutation 
_entity.pdbx_fragment 
_entity.details 
1 polymer     man 'Rho-related GTP-binding protein RhoB' 23632.775 1   ? ? 'residues 4-187' ? 
2 non-polymer syn "GUANOSINE-5'-DIPHOSPHATE"             443.201   1   ? ? ?                ? 
3 water       nat water                                  18.015    112 ? ? ?                ? 
# 
_entity_name_com.entity_id   1 
_entity_name_com.name        H6 
# 
_entity_poly.entity_id                      1 
_entity_poly.type                           'polypeptide(L)' 
_entity_poly.nstd_linkage                   no 
_entity_poly.nstd_monomer                   no 
_entity_poly.pdbx_seq_one_letter_code       
;MHHHHHHSSGVDLGTENLYFQSMIRKKLVVVGDGACGKTCLLIVFSKDEFPEVYVPTVFENYVADIEVDGKQVELALWDT
AGQEDYDRLRPLSYPDTDVILMCFSVDSPDSLENIPEKWVPEVKHFCPNVPIILVANKKDLRSDEHVRTELARMKQEPVR
TDDGRAMAVRIQAYDYLECSAKTKEGVREVFETATRAALQKRYGSQN
;
_entity_poly.pdbx_seq_one_letter_code_can   
;MHHHHHHSSGVDLGTENLYFQSMIRKKLVVVGDGACGKTCLLIVFSKDEFPEVYVPTVFENYVADIEVDGKQVELALWDT
AGQEDYDRLRPLSYPDTDVILMCFSVDSPDSLENIPEKWVPEVKHFCPNVPIILVANKKDLRSDEHVRTELARMKQEPVR
TDDGRAMAVRIQAYDYLECSAKTKEGVREVFETATRAALQKRYGSQN
;
_entity_poly.pdbx_strand_id                 A 
_entity_poly.pdbx_target_identifier         ? 
# 
loop_
_pdbx_entity_nonpoly.entity_id 
_pdbx_entity_nonpoly.name 
_pdbx_entity_nonpoly.comp_id 
2 "GUANOSINE-5'-DIPHOSPHATE" GDP 
3 water                      HOH 
# 
loop_
_entity_poly_seq.entity_id 
_entity_poly_seq.num 
_entity_poly_seq.mon_id 
_entity_poly_seq.hetero 
1 1   MET n 
1 2   HIS n 
1 3   HIS n 
1 4   HIS n 
1 5   HIS n 
1 6   HIS n 
1 7   HIS n 
1 8   SER n 
1 9   SER n 
1 10  GLY n 
1 11  VAL n 
1 12  ASP n 
1 13  LEU n 
1 14  GLY n 
1 15  THR n 
1 16  GLU n 
1 17  ASN n 
1 18  LEU n 
1 19  TYR n 
1 20  PHE n 
1 21  GLN n 
1 22  SER n 
1 23  MET n 
1 24  ILE n 
1 25  ARG n 
1 26  LYS n 
1 27  LYS n 
1 28  LEU n 
1 29  VAL n 
1 30  VAL n 
1 31  VAL n 
1 32  GLY n 
1 33  ASP n 
1 34  GLY n 
1 35  ALA n 
1 36  CYS n 
1 37  GLY n 
1 38  LYS n 
1 39  THR n 
1 40  CYS n 
1 41  LEU n 
1 42  LEU n 
1 43  ILE n 
1 44  VAL n 
1 45  PHE n 
1 46  SER n 
1 47  LYS n 
1 48  ASP n 
1 49  GLU n 
1 50  PHE n 
1 51  PRO n 
1 52  GLU n 
1 53  VAL n 
1 54  TYR n 
1 55  VAL n 
1 56  PRO n 
1 57  THR n 
1 58  VAL n 
1 59  PHE n 
1 60  GLU n 
1 61  ASN n 
1 62  TYR n 
1 63  VAL n 
1 64  ALA n 
1 65  ASP n 
1 66  ILE n 
1 67  GLU n 
1 68  VAL n 
1 69  ASP n 
1 70  GLY n 
1 71  LYS n 
1 72  GLN n 
1 73  VAL n 
1 74  GLU n 
1 75  LEU n 
1 76  ALA n 
1 77  LEU n 
1 78  TRP n 
1 79  ASP n 
1 80  THR n 
1 81  ALA n 
1 82  GLY n 
1 83  GLN n 
1 84  GLU n 
1 85  ASP n 
1 86  TYR n 
1 87  ASP n 
1 88  ARG n 
1 89  LEU n 
1 90  ARG n 
1 91  PRO n 
1 92  LEU n 
1 93  SER n 
1 94  TYR n 
1 95  PRO n 
1 96  ASP n 
1 97  THR n 
1 98  ASP n 
1 99  VAL n 
1 100 ILE n 
1 101 LEU n 
1 102 MET n 
1 103 CYS n 
1 104 PHE n 
1 105 SER n 
1 106 VAL n 
1 107 ASP n 
1 108 SER n 
1 109 PRO n 
1 110 ASP n 
1 111 SER n 
1 112 LEU n 
1 113 GLU n 
1 114 ASN n 
1 115 ILE n 
1 116 PRO n 
1 117 GLU n 
1 118 LYS n 
1 119 TRP n 
1 120 VAL n 
1 121 PRO n 
1 122 GLU n 
1 123 VAL n 
1 124 LYS n 
1 125 HIS n 
1 126 PHE n 
1 127 CYS n 
1 128 PRO n 
1 129 ASN n 
1 130 VAL n 
1 131 PRO n 
1 132 ILE n 
1 133 ILE n 
1 134 LEU n 
1 135 VAL n 
1 136 ALA n 
1 137 ASN n 
1 138 LYS n 
1 139 LYS n 
1 140 ASP n 
1 141 LEU n 
1 142 ARG n 
1 143 SER n 
1 144 ASP n 
1 145 GLU n 
1 146 HIS n 
1 147 VAL n 
1 148 ARG n 
1 149 THR n 
1 150 GLU n 
1 151 LEU n 
1 152 ALA n 
1 153 ARG n 
1 154 MET n 
1 155 LYS n 
1 156 GLN n 
1 157 GLU n 
1 158 PRO n 
1 159 VAL n 
1 160 ARG n 
1 161 THR n 
1 162 ASP n 
1 163 ASP n 
1 164 GLY n 
1 165 ARG n 
1 166 ALA n 
1 167 MET n 
1 168 ALA n 
1 169 VAL n 
1 170 ARG n 
1 171 ILE n 
1 172 GLN n 
1 173 ALA n 
1 174 TYR n 
1 175 ASP n 
1 176 TYR n 
1 177 LEU n 
1 178 GLU n 
1 179 CYS n 
1 180 SER n 
1 181 ALA n 
1 182 LYS n 
1 183 THR n 
1 184 LYS n 
1 185 GLU n 
1 186 GLY n 
1 187 VAL n 
1 188 ARG n 
1 189 GLU n 
1 190 VAL n 
1 191 PHE n 
1 192 GLU n 
1 193 THR n 
1 194 ALA n 
1 195 THR n 
1 196 ARG n 
1 197 ALA n 
1 198 ALA n 
1 199 LEU n 
1 200 GLN n 
1 201 LYS n 
1 202 ARG n 
1 203 TYR n 
1 204 GLY n 
1 205 SER n 
1 206 GLN n 
1 207 ASN n 
# 
_entity_src_gen.entity_id                          1 
_entity_src_gen.pdbx_src_id                        1 
_entity_src_gen.pdbx_alt_source_flag               sample 
_entity_src_gen.pdbx_seq_type                      ? 
_entity_src_gen.pdbx_beg_seq_num                   ? 
_entity_src_gen.pdbx_end_seq_num                   ? 
_entity_src_gen.gene_src_common_name               human 
_entity_src_gen.gene_src_genus                     Homo 
_entity_src_gen.pdbx_gene_src_gene                 'RHOB, ARH6, ARHB' 
_entity_src_gen.gene_src_species                   ? 
_entity_src_gen.gene_src_strain                    ? 
_entity_src_gen.gene_src_tissue                    ? 
_entity_src_gen.gene_src_tissue_fraction           ? 
_entity_src_gen.gene_src_details                   ? 
_entity_src_gen.pdbx_gene_src_fragment             ? 
_entity_src_gen.pdbx_gene_src_scientific_name      'Homo sapiens' 
_entity_src_gen.pdbx_gene_src_ncbi_taxonomy_id     9606 
_entity_src_gen.pdbx_gene_src_variant              ? 
_entity_src_gen.pdbx_gene_src_cell_line            ? 
_entity_src_gen.pdbx_gene_src_atcc                 ? 
_entity_src_gen.pdbx_gene_src_organ                ? 
_entity_src_gen.pdbx_gene_src_organelle            ? 
_entity_src_gen.pdbx_gene_src_cell                 ? 
_entity_src_gen.pdbx_gene_src_cellular_location    ? 
_entity_src_gen.host_org_common_name               ? 
_entity_src_gen.pdbx_host_org_scientific_name      'Escherichia coli' 
_entity_src_gen.pdbx_host_org_ncbi_taxonomy_id     562 
_entity_src_gen.host_org_genus                     Escherichia 
_entity_src_gen.pdbx_host_org_gene                 ? 
_entity_src_gen.pdbx_host_org_organ                ? 
_entity_src_gen.host_org_species                   ? 
_entity_src_gen.pdbx_host_org_tissue               ? 
_entity_src_gen.pdbx_host_org_tissue_fraction      ? 
_entity_src_gen.pdbx_host_org_strain               'BL-21(DE3)R3' 
_entity_src_gen.pdbx_host_org_variant              ? 
_entity_src_gen.pdbx_host_org_cell_line            ? 
_entity_src_gen.pdbx_host_org_atcc                 ? 
_entity_src_gen.pdbx_host_org_culture_collection   ? 
_entity_src_gen.pdbx_host_org_cell                 ? 
_entity_src_gen.pdbx_host_org_organelle            ? 
_entity_src_gen.pdbx_host_org_cellular_location    ? 
_entity_src_gen.pdbx_host_org_vector_type          PLASMID 
_entity_src_gen.pdbx_host_org_vector               ? 
_entity_src_gen.host_org_details                   ? 
_entity_src_gen.expression_system_id               ? 
_entity_src_gen.plasmid_name                       pNIC28-Bsa4 
_entity_src_gen.plasmid_details                    ? 
_entity_src_gen.pdbx_description                   ? 
# 
loop_
_chem_comp.id 
_chem_comp.type 
_chem_comp.mon_nstd_flag 
_chem_comp.name 
_chem_comp.pdbx_synonyms 
_chem_comp.formula 
_chem_comp.formula_weight 
ALA 'L-peptide linking' y ALANINE                    ? 'C3 H7 N O2'        89.093  
ARG 'L-peptide linking' y ARGININE                   ? 'C6 H15 N4 O2 1'    175.209 
ASN 'L-peptide linking' y ASPARAGINE                 ? 'C4 H8 N2 O3'       132.118 
ASP 'L-peptide linking' y 'ASPARTIC ACID'            ? 'C4 H7 N O4'        133.103 
CYS 'L-peptide linking' y CYSTEINE                   ? 'C3 H7 N O2 S'      121.158 
GDP 'RNA linking'       n "GUANOSINE-5'-DIPHOSPHATE" ? 'C10 H15 N5 O11 P2' 443.201 
GLN 'L-peptide linking' y GLUTAMINE                  ? 'C5 H10 N2 O3'      146.144 
GLU 'L-peptide linking' y 'GLUTAMIC ACID'            ? 'C5 H9 N O4'        147.129 
GLY 'peptide linking'   y GLYCINE                    ? 'C2 H5 N O2'        75.067  
HIS 'L-peptide linking' y HISTIDINE                  ? 'C6 H10 N3 O2 1'    156.162 
HOH non-polymer         . WATER                      ? 'H2 O'              18.015  
ILE 'L-peptide linking' y ISOLEUCINE                 ? 'C6 H13 N O2'       131.173 
LEU 'L-peptide linking' y LEUCINE                    ? 'C6 H13 N O2'       131.173 
LYS 'L-peptide linking' y LYSINE                     ? 'C6 H15 N2 O2 1'    147.195 
MET 'L-peptide linking' y METHIONINE                 ? 'C5 H11 N O2 S'     149.211 
PHE 'L-peptide linking' y PHENYLALANINE              ? 'C9 H11 N O2'       165.189 
PRO 'L-peptide linking' y PROLINE                    ? 'C5 H9 N O2'        115.130 
SER 'L-peptide linking' y SERINE                     ? 'C3 H7 N O3'        105.093 
THR 'L-peptide linking' y THREONINE                  ? 'C4 H9 N O3'        119.119 
TRP 'L-peptide linking' y TRYPTOPHAN                 ? 'C11 H12 N2 O2'     204.225 
TYR 'L-peptide linking' y TYROSINE                   ? 'C9 H11 N O3'       181.189 
VAL 'L-peptide linking' y VALINE                     ? 'C5 H11 N O2'       117.146 
# 
loop_
_pdbx_poly_seq_scheme.asym_id 
_pdbx_poly_seq_scheme.entity_id 
_pdbx_poly_seq_scheme.seq_id 
_pdbx_poly_seq_scheme.mon_id 
_pdbx_poly_seq_scheme.ndb_seq_num 
_pdbx_poly_seq_scheme.pdb_seq_num 
_pdbx_poly_seq_scheme.auth_seq_num 
_pdbx_poly_seq_scheme.pdb_mon_id 
_pdbx_poly_seq_scheme.auth_mon_id 
_pdbx_poly_seq_scheme.pdb_strand_id 
_pdbx_poly_seq_scheme.pdb_ins_code 
_pdbx_poly_seq_scheme.hetero 
A 1 1   MET 1   -22 ?   ?   ?   A . n 
A 1 2   HIS 2   -21 ?   ?   ?   A . n 
A 1 3   HIS 3   -20 ?   ?   ?   A . n 
A 1 4   HIS 4   -19 ?   ?   ?   A . n 
A 1 5   HIS 5   -18 ?   ?   ?   A . n 
A 1 6   HIS 6   -17 ?   ?   ?   A . n 
A 1 7   HIS 7   -16 ?   ?   ?   A . n 
A 1 8   SER 8   -15 ?   ?   ?   A . n 
A 1 9   SER 9   -14 ?   ?   ?   A . n 
A 1 10  GLY 10  -13 ?   ?   ?   A . n 
A 1 11  VAL 11  -12 ?   ?   ?   A . n 
A 1 12  ASP 12  -11 ?   ?   ?   A . n 
A 1 13  LEU 13  -10 ?   ?   ?   A . n 
A 1 14  GLY 14  -9  ?   ?   ?   A . n 
A 1 15  THR 15  -8  ?   ?   ?   A . n 
A 1 16  GLU 16  -7  ?   ?   ?   A . n 
A 1 17  ASN 17  -6  ?   ?   ?   A . n 
A 1 18  LEU 18  -5  ?   ?   ?   A . n 
A 1 19  TYR 19  -4  -4  TYR TYR A . n 
A 1 20  PHE 20  -3  -3  PHE PHE A . n 
A 1 21  GLN 21  -2  -2  GLN GLN A . n 
A 1 22  SER 22  -1  -1  SER SER A . n 
A 1 23  MET 23  0   0   MET MET A . n 
A 1 24  ILE 24  4   4   ILE ILE A . n 
A 1 25  ARG 25  5   5   ARG ARG A . n 
A 1 26  LYS 26  6   6   LYS LYS A . n 
A 1 27  LYS 27  7   7   LYS LYS A . n 
A 1 28  LEU 28  8   8   LEU LEU A . n 
A 1 29  VAL 29  9   9   VAL VAL A . n 
A 1 30  VAL 30  10  10  VAL VAL A . n 
A 1 31  VAL 31  11  11  VAL VAL A . n 
A 1 32  GLY 32  12  12  GLY GLY A . n 
A 1 33  ASP 33  13  13  ASP ASP A . n 
A 1 34  GLY 34  14  14  GLY GLY A . n 
A 1 35  ALA 35  15  15  ALA ALA A . n 
A 1 36  CYS 36  16  16  CYS CYS A . n 
A 1 37  GLY 37  17  17  GLY GLY A . n 
A 1 38  LYS 38  18  18  LYS LYS A . n 
A 1 39  THR 39  19  19  THR THR A . n 
A 1 40  CYS 40  20  20  CYS CYS A . n 
A 1 41  LEU 41  21  21  LEU LEU A . n 
A 1 42  LEU 42  22  22  LEU LEU A . n 
A 1 43  ILE 43  23  23  ILE ILE A . n 
A 1 44  VAL 44  24  24  VAL VAL A . n 
A 1 45  PHE 45  25  25  PHE PHE A . n 
A 1 46  SER 46  26  26  SER SER A . n 
A 1 47  LYS 47  27  27  LYS LYS A . n 
A 1 48  ASP 48  28  28  ASP ASP A . n 
A 1 49  GLU 49  29  29  GLU GLU A . n 
A 1 50  PHE 50  30  30  PHE PHE A . n 
A 1 51  PRO 51  31  31  PRO PRO A . n 
A 1 52  GLU 52  32  ?   ?   ?   A . n 
A 1 53  VAL 53  33  ?   ?   ?   A . n 
A 1 54  TYR 54  34  ?   ?   ?   A . n 
A 1 55  VAL 55  35  ?   ?   ?   A . n 
A 1 56  PRO 56  36  ?   ?   ?   A . n 
A 1 57  THR 57  37  ?   ?   ?   A . n 
A 1 58  VAL 58  38  ?   ?   ?   A . n 
A 1 59  PHE 59  39  39  PHE PHE A . n 
A 1 60  GLU 60  40  40  GLU GLU A . n 
A 1 61  ASN 61  41  41  ASN ASN A . n 
A 1 62  TYR 62  42  42  TYR TYR A . n 
A 1 63  VAL 63  43  43  VAL VAL A . n 
A 1 64  ALA 64  44  44  ALA ALA A . n 
A 1 65  ASP 65  45  45  ASP ASP A . n 
A 1 66  ILE 66  46  46  ILE ILE A . n 
A 1 67  GLU 67  47  47  GLU GLU A . n 
A 1 68  VAL 68  48  48  VAL VAL A . n 
A 1 69  ASP 69  49  49  ASP ASP A . n 
A 1 70  GLY 70  50  50  GLY GLY A . n 
A 1 71  LYS 71  51  51  LYS LYS A . n 
A 1 72  GLN 72  52  52  GLN GLN A . n 
A 1 73  VAL 73  53  53  VAL VAL A . n 
A 1 74  GLU 74  54  54  GLU GLU A . n 
A 1 75  LEU 75  55  55  LEU LEU A . n 
A 1 76  ALA 76  56  56  ALA ALA A . n 
A 1 77  LEU 77  57  57  LEU LEU A . n 
A 1 78  TRP 78  58  58  TRP TRP A . n 
A 1 79  ASP 79  59  59  ASP ASP A . n 
A 1 80  THR 80  60  60  THR THR A . n 
A 1 81  ALA 81  61  61  ALA ALA A . n 
A 1 82  GLY 82  62  62  GLY GLY A . n 
A 1 83  GLN 83  63  63  GLN GLN A . n 
A 1 84  GLU 84  64  64  GLU GLU A . n 
A 1 85  ASP 85  65  65  ASP ASP A . n 
A 1 86  TYR 86  66  66  TYR TYR A . n 
A 1 87  ASP 87  67  67  ASP ASP A . n 
A 1 88  ARG 88  68  68  ARG ARG A . n 
A 1 89  LEU 89  69  69  LEU LEU A . n 
A 1 90  ARG 90  70  70  ARG ARG A . n 
A 1 91  PRO 91  71  71  PRO PRO A . n 
A 1 92  LEU 92  72  72  LEU LEU A . n 
A 1 93  SER 93  73  73  SER SER A . n 
A 1 94  TYR 94  74  74  TYR TYR A . n 
A 1 95  PRO 95  75  75  PRO PRO A . n 
A 1 96  ASP 96  76  76  ASP ASP A . n 
A 1 97  THR 97  77  77  THR THR A . n 
A 1 98  ASP 98  78  78  ASP ASP A . n 
A 1 99  VAL 99  79  79  VAL VAL A . n 
A 1 100 ILE 100 80  80  ILE ILE A . n 
A 1 101 LEU 101 81  81  LEU LEU A . n 
A 1 102 MET 102 82  82  MET MET A . n 
A 1 103 CYS 103 83  83  CYS CYS A . n 
A 1 104 PHE 104 84  84  PHE PHE A . n 
A 1 105 SER 105 85  85  SER SER A . n 
A 1 106 VAL 106 86  86  VAL VAL A . n 
A 1 107 ASP 107 87  87  ASP ASP A . n 
A 1 108 SER 108 88  88  SER SER A . n 
A 1 109 PRO 109 89  89  PRO PRO A . n 
A 1 110 ASP 110 90  90  ASP ASP A . n 
A 1 111 SER 111 91  91  SER SER A . n 
A 1 112 LEU 112 92  92  LEU LEU A . n 
A 1 113 GLU 113 93  93  GLU GLU A . n 
A 1 114 ASN 114 94  94  ASN ASN A . n 
A 1 115 ILE 115 95  95  ILE ILE A . n 
A 1 116 PRO 116 96  96  PRO PRO A . n 
A 1 117 GLU 117 97  97  GLU GLU A . n 
A 1 118 LYS 118 98  98  LYS LYS A . n 
A 1 119 TRP 119 99  99  TRP TRP A . n 
A 1 120 VAL 120 100 100 VAL VAL A . n 
A 1 121 PRO 121 101 101 PRO PRO A . n 
A 1 122 GLU 122 102 102 GLU GLU A . n 
A 1 123 VAL 123 103 103 VAL VAL A . n 
A 1 124 LYS 124 104 104 LYS LYS A . n 
A 1 125 HIS 125 105 105 HIS HIS A . n 
A 1 126 PHE 126 106 106 PHE PHE A . n 
A 1 127 CYS 127 107 107 CYS CYS A . n 
A 1 128 PRO 128 108 108 PRO PRO A . n 
A 1 129 ASN 129 109 109 ASN ASN A . n 
A 1 130 VAL 130 110 110 VAL VAL A . n 
A 1 131 PRO 131 111 111 PRO PRO A . n 
A 1 132 ILE 132 112 112 ILE ILE A . n 
A 1 133 ILE 133 113 113 ILE ILE A . n 
A 1 134 LEU 134 114 114 LEU LEU A . n 
A 1 135 VAL 135 115 115 VAL VAL A . n 
A 1 136 ALA 136 116 116 ALA ALA A . n 
A 1 137 ASN 137 117 117 ASN ASN A . n 
A 1 138 LYS 138 118 118 LYS LYS A . n 
A 1 139 LYS 139 119 119 LYS LYS A . n 
A 1 140 ASP 140 120 120 ASP ASP A . n 
A 1 141 LEU 141 121 121 LEU LEU A . n 
A 1 142 ARG 142 122 122 ARG ARG A . n 
A 1 143 SER 143 123 123 SER SER A . n 
A 1 144 ASP 144 124 124 ASP ASP A . n 
A 1 145 GLU 145 125 125 GLU GLU A . n 
A 1 146 HIS 146 126 126 HIS HIS A . n 
A 1 147 VAL 147 127 127 VAL VAL A . n 
A 1 148 ARG 148 128 128 ARG ARG A . n 
A 1 149 THR 149 129 129 THR THR A . n 
A 1 150 GLU 150 130 130 GLU GLU A . n 
A 1 151 LEU 151 131 131 LEU LEU A . n 
A 1 152 ALA 152 132 132 ALA ALA A . n 
A 1 153 ARG 153 133 133 ARG ARG A . n 
A 1 154 MET 154 134 134 MET MET A . n 
A 1 155 LYS 155 135 135 LYS LYS A . n 
A 1 156 GLN 156 136 136 GLN GLN A . n 
A 1 157 GLU 157 137 137 GLU GLU A . n 
A 1 158 PRO 158 138 138 PRO PRO A . n 
A 1 159 VAL 159 139 139 VAL VAL A . n 
A 1 160 ARG 160 140 140 ARG ARG A . n 
A 1 161 THR 161 141 141 THR THR A . n 
A 1 162 ASP 162 142 142 ASP ASP A . n 
A 1 163 ASP 163 143 143 ASP ASP A . n 
A 1 164 GLY 164 144 144 GLY GLY A . n 
A 1 165 ARG 165 145 145 ARG ARG A . n 
A 1 166 ALA 166 146 146 ALA ALA A . n 
A 1 167 MET 167 147 147 MET MET A . n 
A 1 168 ALA 168 148 148 ALA ALA A . n 
A 1 169 VAL 169 149 149 VAL VAL A . n 
A 1 170 ARG 170 150 150 ARG ARG A . n 
A 1 171 ILE 171 151 151 ILE ILE A . n 
A 1 172 GLN 172 152 152 GLN GLN A . n 
A 1 173 ALA 173 153 153 ALA ALA A . n 
A 1 174 TYR 174 154 154 TYR TYR A . n 
A 1 175 ASP 175 155 155 ASP ASP A . n 
A 1 176 TYR 176 156 156 TYR TYR A . n 
A 1 177 LEU 177 157 157 LEU LEU A . n 
A 1 178 GLU 178 158 158 GLU GLU A . n 
A 1 179 CYS 179 159 159 CYS CYS A . n 
A 1 180 SER 180 160 160 SER SER A . n 
A 1 181 ALA 181 161 161 ALA ALA A . n 
A 1 182 LYS 182 162 162 LYS LYS A . n 
A 1 183 THR 183 163 163 THR THR A . n 
A 1 184 LYS 184 164 164 LYS LYS A . n 
A 1 185 GLU 185 165 165 GLU GLU A . n 
A 1 186 GLY 186 166 166 GLY GLY A . n 
A 1 187 VAL 187 167 167 VAL VAL A . n 
A 1 188 ARG 188 168 168 ARG ARG A . n 
A 1 189 GLU 189 169 169 GLU GLU A . n 
A 1 190 VAL 190 170 170 VAL VAL A . n 
A 1 191 PHE 191 171 171 PHE PHE A . n 
A 1 192 GLU 192 172 172 GLU GLU A . n 
A 1 193 THR 193 173 173 THR THR A . n 
A 1 194 ALA 194 174 174 ALA ALA A . n 
A 1 195 THR 195 175 175 THR THR A . n 
A 1 196 ARG 196 176 176 ARG ARG A . n 
A 1 197 ALA 197 177 177 ALA ALA A . n 
A 1 198 ALA 198 178 178 ALA ALA A . n 
A 1 199 LEU 199 179 179 LEU LEU A . n 
A 1 200 GLN 200 180 180 GLN GLN A . n 
A 1 201 LYS 201 181 181 LYS LYS A . n 
A 1 202 ARG 202 182 182 ARG ARG A . n 
A 1 203 TYR 203 183 183 TYR TYR A . n 
A 1 204 GLY 204 184 184 GLY GLY A . n 
A 1 205 SER 205 185 185 SER SER A . n 
A 1 206 GLN 206 186 ?   ?   ?   A . n 
A 1 207 ASN 207 187 ?   ?   ?   A . n 
# 
loop_
_pdbx_nonpoly_scheme.asym_id 
_pdbx_nonpoly_scheme.entity_id 
_pdbx_nonpoly_scheme.mon_id 
_pdbx_nonpoly_scheme.ndb_seq_num 
_pdbx_nonpoly_scheme.pdb_seq_num 
_pdbx_nonpoly_scheme.auth_seq_num 
_pdbx_nonpoly_scheme.pdb_mon_id 
_pdbx_nonpoly_scheme.auth_mon_id 
_pdbx_nonpoly_scheme.pdb_strand_id 
_pdbx_nonpoly_scheme.pdb_ins_code 
B 2 GDP 1   201 201 GDP GDP A . 
C 3 HOH 1   202 1   HOH HOH A . 
C 3 HOH 2   203 2   HOH HOH A . 
C 3 HOH 3   204 3   HOH HOH A . 
C 3 HOH 4   205 4   HOH HOH A . 
C 3 HOH 5   206 5   HOH HOH A . 
C 3 HOH 6   207 6   HOH HOH A . 
C 3 HOH 7   208 7   HOH HOH A . 
C 3 HOH 8   209 8   HOH HOH A . 
C 3 HOH 9   210 9   HOH HOH A . 
C 3 HOH 10  211 10  HOH HOH A . 
C 3 HOH 11  212 11  HOH HOH A . 
C 3 HOH 12  213 12  HOH HOH A . 
C 3 HOH 13  214 13  HOH HOH A . 
C 3 HOH 14  215 14  HOH HOH A . 
C 3 HOH 15  216 15  HOH HOH A . 
C 3 HOH 16  217 16  HOH HOH A . 
C 3 HOH 17  218 17  HOH HOH A . 
C 3 HOH 18  219 18  HOH HOH A . 
C 3 HOH 19  220 19  HOH HOH A . 
C 3 HOH 20  221 20  HOH HOH A . 
C 3 HOH 21  222 21  HOH HOH A . 
C 3 HOH 22  223 22  HOH HOH A . 
C 3 HOH 23  224 23  HOH HOH A . 
C 3 HOH 24  225 24  HOH HOH A . 
C 3 HOH 25  226 25  HOH HOH A . 
C 3 HOH 26  227 26  HOH HOH A . 
C 3 HOH 27  228 27  HOH HOH A . 
C 3 HOH 28  229 28  HOH HOH A . 
C 3 HOH 29  230 29  HOH HOH A . 
C 3 HOH 30  231 30  HOH HOH A . 
C 3 HOH 31  232 31  HOH HOH A . 
C 3 HOH 32  233 32  HOH HOH A . 
C 3 HOH 33  234 33  HOH HOH A . 
C 3 HOH 34  235 34  HOH HOH A . 
C 3 HOH 35  236 35  HOH HOH A . 
C 3 HOH 36  237 36  HOH HOH A . 
C 3 HOH 37  238 37  HOH HOH A . 
C 3 HOH 38  239 38  HOH HOH A . 
C 3 HOH 39  240 39  HOH HOH A . 
C 3 HOH 40  241 40  HOH HOH A . 
C 3 HOH 41  242 41  HOH HOH A . 
C 3 HOH 42  243 42  HOH HOH A . 
C 3 HOH 43  244 43  HOH HOH A . 
C 3 HOH 44  245 44  HOH HOH A . 
C 3 HOH 45  246 45  HOH HOH A . 
C 3 HOH 46  247 46  HOH HOH A . 
C 3 HOH 47  248 47  HOH HOH A . 
C 3 HOH 48  249 48  HOH HOH A . 
C 3 HOH 49  250 49  HOH HOH A . 
C 3 HOH 50  251 50  HOH HOH A . 
C 3 HOH 51  252 51  HOH HOH A . 
C 3 HOH 52  253 52  HOH HOH A . 
C 3 HOH 53  254 53  HOH HOH A . 
C 3 HOH 54  255 54  HOH HOH A . 
C 3 HOH 55  256 55  HOH HOH A . 
C 3 HOH 56  257 56  HOH HOH A . 
C 3 HOH 57  258 57  HOH HOH A . 
C 3 HOH 58  259 58  HOH HOH A . 
C 3 HOH 59  260 59  HOH HOH A . 
C 3 HOH 60  261 60  HOH HOH A . 
C 3 HOH 61  262 61  HOH HOH A . 
C 3 HOH 62  263 62  HOH HOH A . 
C 3 HOH 63  264 63  HOH HOH A . 
C 3 HOH 64  265 65  HOH HOH A . 
C 3 HOH 65  266 66  HOH HOH A . 
C 3 HOH 66  267 67  HOH HOH A . 
C 3 HOH 67  268 68  HOH HOH A . 
C 3 HOH 68  269 69  HOH HOH A . 
C 3 HOH 69  270 70  HOH HOH A . 
C 3 HOH 70  271 71  HOH HOH A . 
C 3 HOH 71  272 72  HOH HOH A . 
C 3 HOH 72  273 73  HOH HOH A . 
C 3 HOH 73  274 74  HOH HOH A . 
C 3 HOH 74  275 75  HOH HOH A . 
C 3 HOH 75  276 76  HOH HOH A . 
C 3 HOH 76  277 77  HOH HOH A . 
C 3 HOH 77  278 78  HOH HOH A . 
C 3 HOH 78  279 79  HOH HOH A . 
C 3 HOH 79  280 80  HOH HOH A . 
C 3 HOH 80  281 81  HOH HOH A . 
C 3 HOH 81  282 82  HOH HOH A . 
C 3 HOH 82  283 83  HOH HOH A . 
C 3 HOH 83  284 84  HOH HOH A . 
C 3 HOH 84  285 85  HOH HOH A . 
C 3 HOH 85  286 86  HOH HOH A . 
C 3 HOH 86  287 87  HOH HOH A . 
C 3 HOH 87  288 88  HOH HOH A . 
C 3 HOH 88  289 89  HOH HOH A . 
C 3 HOH 89  290 90  HOH HOH A . 
C 3 HOH 90  291 91  HOH HOH A . 
C 3 HOH 91  292 92  HOH HOH A . 
C 3 HOH 92  293 93  HOH HOH A . 
C 3 HOH 93  294 94  HOH HOH A . 
C 3 HOH 94  295 95  HOH HOH A . 
C 3 HOH 95  296 96  HOH HOH A . 
C 3 HOH 96  297 97  HOH HOH A . 
C 3 HOH 97  298 98  HOH HOH A . 
C 3 HOH 98  299 99  HOH HOH A . 
C 3 HOH 99  300 100 HOH HOH A . 
C 3 HOH 100 301 101 HOH HOH A . 
C 3 HOH 101 302 103 HOH HOH A . 
C 3 HOH 102 303 105 HOH HOH A . 
C 3 HOH 103 304 108 HOH HOH A . 
C 3 HOH 104 305 109 HOH HOH A . 
C 3 HOH 105 306 113 HOH HOH A . 
C 3 HOH 106 307 115 HOH HOH A . 
C 3 HOH 107 308 116 HOH HOH A . 
C 3 HOH 108 309 117 HOH HOH A . 
C 3 HOH 109 310 118 HOH HOH A . 
C 3 HOH 110 311 119 HOH HOH A . 
C 3 HOH 111 312 120 HOH HOH A . 
C 3 HOH 112 313 121 HOH HOH A . 
# 
loop_
_pdbx_unobs_or_zero_occ_atoms.id 
_pdbx_unobs_or_zero_occ_atoms.PDB_model_num 
_pdbx_unobs_or_zero_occ_atoms.polymer_flag 
_pdbx_unobs_or_zero_occ_atoms.occupancy_flag 
_pdbx_unobs_or_zero_occ_atoms.auth_asym_id 
_pdbx_unobs_or_zero_occ_atoms.auth_comp_id 
_pdbx_unobs_or_zero_occ_atoms.auth_seq_id 
_pdbx_unobs_or_zero_occ_atoms.PDB_ins_code 
_pdbx_unobs_or_zero_occ_atoms.auth_atom_id 
_pdbx_unobs_or_zero_occ_atoms.label_alt_id 
_pdbx_unobs_or_zero_occ_atoms.label_asym_id 
_pdbx_unobs_or_zero_occ_atoms.label_comp_id 
_pdbx_unobs_or_zero_occ_atoms.label_seq_id 
_pdbx_unobs_or_zero_occ_atoms.label_atom_id 
1  1 Y 1 A TYR -4  ? CG  ? A TYR 19  CG  
2  1 Y 1 A TYR -4  ? CD1 ? A TYR 19  CD1 
3  1 Y 1 A TYR -4  ? CD2 ? A TYR 19  CD2 
4  1 Y 1 A TYR -4  ? CE1 ? A TYR 19  CE1 
5  1 Y 1 A TYR -4  ? CE2 ? A TYR 19  CE2 
6  1 Y 1 A TYR -4  ? CZ  ? A TYR 19  CZ  
7  1 Y 1 A TYR -4  ? OH  ? A TYR 19  OH  
8  1 Y 1 A PHE -3  ? CG  ? A PHE 20  CG  
9  1 Y 1 A PHE -3  ? CD1 ? A PHE 20  CD1 
10 1 Y 1 A PHE -3  ? CD2 ? A PHE 20  CD2 
11 1 Y 1 A PHE -3  ? CE1 ? A PHE 20  CE1 
12 1 Y 1 A PHE -3  ? CE2 ? A PHE 20  CE2 
13 1 Y 1 A PHE -3  ? CZ  ? A PHE 20  CZ  
14 1 Y 1 A LYS 27  ? CE  ? A LYS 47  CE  
15 1 Y 1 A LYS 27  ? NZ  ? A LYS 47  NZ  
16 1 Y 1 A GLU 29  ? CG  ? A GLU 49  CG  
17 1 Y 1 A GLU 29  ? CD  ? A GLU 49  CD  
18 1 Y 1 A GLU 29  ? OE1 ? A GLU 49  OE1 
19 1 Y 1 A GLU 29  ? OE2 ? A GLU 49  OE2 
20 1 Y 1 A LYS 51  ? CD  ? A LYS 71  CD  
21 1 Y 1 A LYS 51  ? CE  ? A LYS 71  CE  
22 1 Y 1 A LYS 51  ? NZ  ? A LYS 71  NZ  
23 1 Y 1 A GLU 125 ? CG  ? A GLU 145 CG  
24 1 Y 1 A GLU 125 ? CD  ? A GLU 145 CD  
25 1 Y 1 A GLU 125 ? OE1 ? A GLU 145 OE1 
26 1 Y 1 A GLU 125 ? OE2 ? A GLU 145 OE2 
27 1 Y 1 A HIS 126 ? CG  ? A HIS 146 CG  
28 1 Y 1 A HIS 126 ? ND1 ? A HIS 146 ND1 
29 1 Y 1 A HIS 126 ? CD2 ? A HIS 146 CD2 
30 1 Y 1 A HIS 126 ? CE1 ? A HIS 146 CE1 
31 1 Y 1 A HIS 126 ? NE2 ? A HIS 146 NE2 
32 1 Y 1 A GLU 130 ? CG  ? A GLU 150 CG  
33 1 Y 1 A GLU 130 ? CD  ? A GLU 150 CD  
34 1 Y 1 A GLU 130 ? OE1 ? A GLU 150 OE1 
35 1 Y 1 A GLU 130 ? OE2 ? A GLU 150 OE2 
36 1 Y 1 A MET 134 ? CG  ? A MET 154 CG  
37 1 Y 1 A MET 134 ? SD  ? A MET 154 SD  
38 1 Y 1 A MET 134 ? CE  ? A MET 154 CE  
39 1 Y 1 A LYS 135 ? CG  ? A LYS 155 CG  
40 1 Y 1 A LYS 135 ? CD  ? A LYS 155 CD  
41 1 Y 1 A LYS 135 ? CE  ? A LYS 155 CE  
42 1 Y 1 A LYS 135 ? NZ  ? A LYS 155 NZ  
43 1 Y 1 A GLU 137 ? CD  ? A GLU 157 CD  
44 1 Y 1 A GLU 137 ? OE1 ? A GLU 157 OE1 
45 1 Y 1 A GLU 137 ? OE2 ? A GLU 157 OE2 
46 1 Y 1 A LYS 162 ? CE  ? A LYS 182 CE  
47 1 Y 1 A LYS 162 ? NZ  ? A LYS 182 NZ  
48 1 Y 1 A LYS 164 ? CE  ? A LYS 184 CE  
49 1 Y 1 A LYS 164 ? NZ  ? A LYS 184 NZ  
50 1 Y 1 A ARG 182 ? CD  ? A ARG 202 CD  
51 1 Y 1 A ARG 182 ? NE  ? A ARG 202 NE  
52 1 Y 1 A ARG 182 ? CZ  ? A ARG 202 CZ  
53 1 Y 1 A ARG 182 ? NH1 ? A ARG 202 NH1 
54 1 Y 1 A ARG 182 ? NH2 ? A ARG 202 NH2 
# 
loop_
_software.name 
_software.classification 
_software.version 
_software.citation_id 
_software.pdbx_ordinal 
REFMAC    refinement       5.2.0019 ? 1 
HKL-2000  'data reduction' .        ? 2 
SCALEPACK 'data scaling'   .        ? 3 
PHASER    phasing          .        ? 4 
# 
_cell.entry_id           2FV8 
_cell.length_a           137.519 
_cell.length_b           42.233 
_cell.length_c           33.850 
_cell.angle_alpha        90.00 
_cell.angle_beta         90.58 
_cell.angle_gamma        90.00 
_cell.Z_PDB              4 
_cell.pdbx_unique_axis   ? 
_cell.length_a_esd       ? 
_cell.length_b_esd       ? 
_cell.length_c_esd       ? 
_cell.angle_alpha_esd    ? 
_cell.angle_beta_esd     ? 
_cell.angle_gamma_esd    ? 
# 
_symmetry.entry_id                         2FV8 
_symmetry.space_group_name_H-M             'C 1 2 1' 
_symmetry.pdbx_full_space_group_name_H-M   ? 
_symmetry.cell_setting                     ? 
_symmetry.Int_Tables_number                5 
_symmetry.space_group_name_Hall            ? 
# 
_exptl.entry_id          2FV8 
_exptl.method            'X-RAY DIFFRACTION' 
_exptl.crystals_number   1 
# 
_exptl_crystal.id                    1 
_exptl_crystal.density_meas          ? 
_exptl_crystal.density_Matthews      2.08 
_exptl_crystal.density_percent_sol   40.83 
_exptl_crystal.description           ? 
_exptl_crystal.F_000                 ? 
_exptl_crystal.preparation           ? 
# 
_exptl_crystal_grow.crystal_id      1 
_exptl_crystal_grow.method          'VAPOR DIFFUSION, SITTING DROP' 
_exptl_crystal_grow.temp            293 
_exptl_crystal_grow.temp_details    ? 
_exptl_crystal_grow.pH              5.0 
_exptl_crystal_grow.pdbx_details    
'30 % PEG 3350, 0.075M ammonium citrate, pH 5.0, VAPOR DIFFUSION, SITTING DROP, temperature 293K' 
_exptl_crystal_grow.pdbx_pH_range   . 
# 
_diffrn.id                     1 
_diffrn.ambient_temp           100 
_diffrn.ambient_temp_details   ? 
_diffrn.crystal_id             1 
# 
_diffrn_detector.diffrn_id              1 
_diffrn_detector.detector               CCD 
_diffrn_detector.type                   'ADSC QUANTUM 210' 
_diffrn_detector.pdbx_collection_date   2006-01-24 
_diffrn_detector.details                ? 
# 
_diffrn_radiation.diffrn_id                        1 
_diffrn_radiation.wavelength_id                    1 
_diffrn_radiation.pdbx_monochromatic_or_laue_m_l   M 
_diffrn_radiation.monochromator                    ? 
_diffrn_radiation.pdbx_diffrn_protocol             'SINGLE WAVELENGTH' 
_diffrn_radiation.pdbx_scattering_type             x-ray 
# 
_diffrn_radiation_wavelength.id           1 
_diffrn_radiation_wavelength.wavelength   1.000 
_diffrn_radiation_wavelength.wt           1.0 
# 
_diffrn_source.diffrn_id                   1 
_diffrn_source.source                      SYNCHROTRON 
_diffrn_source.type                        'ALS BEAMLINE 8.2.1' 
_diffrn_source.pdbx_synchrotron_site       ALS 
_diffrn_source.pdbx_synchrotron_beamline   8.2.1 
_diffrn_source.pdbx_wavelength             ? 
_diffrn_source.pdbx_wavelength_list        1.000 
# 
_reflns.entry_id                     2FV8 
_reflns.observed_criterion_sigma_I   0 
_reflns.observed_criterion_sigma_F   0 
_reflns.d_resolution_low             50 
_reflns.d_resolution_high            1.9 
_reflns.number_obs                   14890 
_reflns.number_all                   ? 
_reflns.percent_possible_obs         96.7 
_reflns.pdbx_Rmerge_I_obs            ? 
_reflns.pdbx_Rsym_value              ? 
_reflns.pdbx_netI_over_sigmaI        ? 
_reflns.B_iso_Wilson_estimate        ? 
_reflns.pdbx_redundancy              2.4 
_reflns.R_free_details               ? 
_reflns.limit_h_max                  ? 
_reflns.limit_h_min                  ? 
_reflns.limit_k_max                  ? 
_reflns.limit_k_min                  ? 
_reflns.limit_l_max                  ? 
_reflns.limit_l_min                  ? 
_reflns.observed_criterion_F_max     ? 
_reflns.observed_criterion_F_min     ? 
_reflns.pdbx_chi_squared             ? 
_reflns.pdbx_scaling_rejects         ? 
_reflns.pdbx_ordinal                 1 
_reflns.pdbx_diffrn_id               1 
# 
_reflns_shell.d_res_high             1.90 
_reflns_shell.d_res_low              1.97 
_reflns_shell.percent_possible_all   97.5 
_reflns_shell.Rmerge_I_obs           ? 
_reflns_shell.pdbx_Rsym_value        ? 
_reflns_shell.meanI_over_sigI_obs    ? 
_reflns_shell.pdbx_redundancy        ? 
_reflns_shell.percent_possible_obs   ? 
_reflns_shell.number_unique_all      ? 
_reflns_shell.number_measured_all    ? 
_reflns_shell.number_measured_obs    ? 
_reflns_shell.number_unique_obs      ? 
_reflns_shell.pdbx_chi_squared       ? 
_reflns_shell.pdbx_ordinal           1 
_reflns_shell.pdbx_diffrn_id         1 
# 
_refine.entry_id                                 2FV8 
_refine.ls_number_reflns_obs                     14125 
_refine.ls_number_reflns_all                     14125 
_refine.pdbx_ls_sigma_I                          ? 
_refine.pdbx_ls_sigma_F                          0 
_refine.pdbx_data_cutoff_high_absF               ? 
_refine.pdbx_data_cutoff_low_absF                ? 
_refine.pdbx_data_cutoff_high_rms_absF           ? 
_refine.ls_d_res_low                             34.4 
_refine.ls_d_res_high                            1.90 
_refine.ls_percent_reflns_obs                    96.02 
_refine.ls_R_factor_obs                          0.21249 
_refine.ls_R_factor_all                          0.21249 
_refine.ls_R_factor_R_work                       0.21033 
_refine.ls_R_factor_R_free                       0.25324 
_refine.ls_R_factor_R_free_error                 ? 
_refine.ls_R_factor_R_free_error_details         ? 
_refine.ls_percent_reflns_R_free                 5.1 
_refine.ls_number_reflns_R_free                  758 
_refine.ls_number_parameters                     ? 
_refine.ls_number_restraints                     ? 
_refine.occupancy_min                            ? 
_refine.occupancy_max                            ? 
_refine.correlation_coeff_Fo_to_Fc               0.953 
_refine.correlation_coeff_Fo_to_Fc_free          0.933 
_refine.B_iso_mean                               29.511 
_refine.aniso_B[1][1]                            0.28 
_refine.aniso_B[2][2]                            2.37 
_refine.aniso_B[3][3]                            -2.64 
_refine.aniso_B[1][2]                            0.00 
_refine.aniso_B[1][3]                            0.20 
_refine.aniso_B[2][3]                            0.00 
_refine.solvent_model_details                    MASK 
_refine.solvent_model_param_ksol                 ? 
_refine.solvent_model_param_bsol                 ? 
_refine.pdbx_solvent_vdw_probe_radii             1.40 
_refine.pdbx_solvent_ion_probe_radii             0.80 
_refine.pdbx_solvent_shrinkage_radii             0.80 
_refine.pdbx_ls_cross_valid_method               THROUGHOUT 
_refine.details                                  'HYDROGENS HAVE BEEN ADDED IN THE RIDING POSITIONS' 
_refine.pdbx_starting_model                      Swissmodel 
_refine.pdbx_method_to_determine_struct          'MOLECULAR REPLACEMENT' 
_refine.pdbx_isotropic_thermal_model             ? 
_refine.pdbx_stereochemistry_target_values       'MAXIMUM LIKELIHOOD' 
_refine.pdbx_stereochem_target_val_spec_case     ? 
_refine.pdbx_R_Free_selection_details            RANDOM 
_refine.pdbx_overall_ESU_R                       0.180 
_refine.pdbx_overall_ESU_R_Free                  0.163 
_refine.overall_SU_ML                            0.153 
_refine.overall_SU_B                             10.437 
_refine.ls_redundancy_reflns_obs                 ? 
_refine.B_iso_min                                ? 
_refine.B_iso_max                                ? 
_refine.overall_SU_R_Cruickshank_DPI             ? 
_refine.overall_SU_R_free                        ? 
_refine.ls_wR_factor_R_free                      ? 
_refine.ls_wR_factor_R_work                      ? 
_refine.overall_FOM_free_R_set                   ? 
_refine.overall_FOM_work_R_set                   ? 
_refine.pdbx_refine_id                           'X-RAY DIFFRACTION' 
_refine.pdbx_TLS_residual_ADP_flag               'LIKELY RESIDUAL' 
_refine.pdbx_diffrn_id                           1 
_refine.pdbx_overall_phase_error                 ? 
_refine.pdbx_overall_SU_R_free_Cruickshank_DPI   ? 
_refine.pdbx_overall_SU_R_Blow_DPI               ? 
_refine.pdbx_overall_SU_R_free_Blow_DPI          ? 
# 
_refine_hist.pdbx_refine_id                   'X-RAY DIFFRACTION' 
_refine_hist.cycle_id                         LAST 
_refine_hist.pdbx_number_atoms_protein        1387 
_refine_hist.pdbx_number_atoms_nucleic_acid   0 
_refine_hist.pdbx_number_atoms_ligand         28 
_refine_hist.number_atoms_solvent             112 
_refine_hist.number_atoms_total               1527 
_refine_hist.d_res_high                       1.90 
_refine_hist.d_res_low                        34.4 
# 
loop_
_refine_ls_restr.type 
_refine_ls_restr.dev_ideal 
_refine_ls_restr.dev_ideal_target 
_refine_ls_restr.weight 
_refine_ls_restr.number 
_refine_ls_restr.pdbx_refine_id 
_refine_ls_restr.pdbx_restraint_function 
r_bond_refined_d             0.012  0.022  ? 1440 'X-RAY DIFFRACTION' ? 
r_bond_other_d               0.002  0.020  ? 963  'X-RAY DIFFRACTION' ? 
r_angle_refined_deg          1.413  1.996  ? 1959 'X-RAY DIFFRACTION' ? 
r_angle_other_deg            0.976  3.000  ? 2346 'X-RAY DIFFRACTION' ? 
r_dihedral_angle_1_deg       6.296  5.000  ? 177  'X-RAY DIFFRACTION' ? 
r_dihedral_angle_2_deg       33.300 24.127 ? 63   'X-RAY DIFFRACTION' ? 
r_dihedral_angle_3_deg       13.654 15.000 ? 236  'X-RAY DIFFRACTION' ? 
r_dihedral_angle_4_deg       17.883 15.000 ? 11   'X-RAY DIFFRACTION' ? 
r_chiral_restr               0.090  0.200  ? 224  'X-RAY DIFFRACTION' ? 
r_gen_planes_refined         0.004  0.020  ? 1581 'X-RAY DIFFRACTION' ? 
r_gen_planes_other           0.001  0.020  ? 284  'X-RAY DIFFRACTION' ? 
r_nbd_refined                0.215  0.200  ? 285  'X-RAY DIFFRACTION' ? 
r_nbd_other                  0.197  0.200  ? 998  'X-RAY DIFFRACTION' ? 
r_nbtor_refined              0.172  0.200  ? 693  'X-RAY DIFFRACTION' ? 
r_nbtor_other                0.084  0.200  ? 719  'X-RAY DIFFRACTION' ? 
r_xyhbond_nbd_refined        0.157  0.200  ? 97   'X-RAY DIFFRACTION' ? 
r_xyhbond_nbd_other          ?      ?      ? ?    'X-RAY DIFFRACTION' ? 
r_metal_ion_refined          ?      ?      ? ?    'X-RAY DIFFRACTION' ? 
r_metal_ion_other            ?      ?      ? ?    'X-RAY DIFFRACTION' ? 
r_symmetry_vdw_refined       0.200  0.200  ? 12   'X-RAY DIFFRACTION' ? 
r_symmetry_vdw_other         0.278  0.200  ? 39   'X-RAY DIFFRACTION' ? 
r_symmetry_hbond_refined     0.172  0.200  ? 2    'X-RAY DIFFRACTION' ? 
r_symmetry_hbond_other       ?      ?      ? ?    'X-RAY DIFFRACTION' ? 
r_symmetry_metal_ion_refined ?      ?      ? ?    'X-RAY DIFFRACTION' ? 
r_symmetry_metal_ion_other   ?      ?      ? ?    'X-RAY DIFFRACTION' ? 
r_mcbond_it                  0.635  1.500  ? 936  'X-RAY DIFFRACTION' ? 
r_mcbond_other               0.133  1.500  ? 358  'X-RAY DIFFRACTION' ? 
r_mcangle_it                 0.951  2.000  ? 1447 'X-RAY DIFFRACTION' ? 
r_scbond_it                  1.481  3.000  ? 601  'X-RAY DIFFRACTION' ? 
r_scangle_it                 2.164  4.500  ? 512  'X-RAY DIFFRACTION' ? 
r_rigid_bond_restr           ?      ?      ? ?    'X-RAY DIFFRACTION' ? 
r_sphericity_free            ?      ?      ? ?    'X-RAY DIFFRACTION' ? 
r_sphericity_bonded          ?      ?      ? ?    'X-RAY DIFFRACTION' ? 
# 
_refine_ls_shell.pdbx_total_number_of_bins_used   20 
_refine_ls_shell.d_res_high                       1.901 
_refine_ls_shell.d_res_low                        1.950 
_refine_ls_shell.number_reflns_R_work             961 
_refine_ls_shell.R_factor_R_work                  0.428 
_refine_ls_shell.percent_reflns_obs               88.44 
_refine_ls_shell.R_factor_R_free                  0.449 
_refine_ls_shell.R_factor_R_free_error            ? 
_refine_ls_shell.percent_reflns_R_free            ? 
_refine_ls_shell.number_reflns_R_free             41 
_refine_ls_shell.number_reflns_all                ? 
_refine_ls_shell.R_factor_all                     ? 
_refine_ls_shell.number_reflns_obs                ? 
_refine_ls_shell.redundancy_reflns_obs            ? 
_refine_ls_shell.pdbx_refine_id                   'X-RAY DIFFRACTION' 
# 
_struct.entry_id                  2FV8 
_struct.title                     'The crystal structure of RhoB in the GDP-bound state' 
_struct.pdbx_model_details        ? 
_struct.pdbx_CASP_flag            ? 
_struct.pdbx_model_type_details   ? 
# 
_struct_keywords.entry_id        2FV8 
_struct_keywords.pdbx_keywords   'SIGNALING PROTEIN' 
_struct_keywords.text            
'RHOB, GDP/GTP binding, GTP hydrolysis, Structural Genomics, Structural Genomics Consortium, SGC, SIGNALING PROTEIN' 
# 
loop_
_struct_asym.id 
_struct_asym.pdbx_blank_PDB_chainid_flag 
_struct_asym.pdbx_modified 
_struct_asym.entity_id 
_struct_asym.details 
A N N 1 ? 
B N N 2 ? 
C N N 3 ? 
# 
_struct_ref.id                         1 
_struct_ref.db_name                    UNP 
_struct_ref.db_code                    RHOB_HUMAN 
_struct_ref.pdbx_db_accession          P62745 
_struct_ref.entity_id                  1 
_struct_ref.pdbx_seq_one_letter_code   
;IRKKLVVVGDGACGKTCLLIVFSKDEFPEVYVPTVFENYVADIEVDGKQVELALWDTAGQEDYDRLRPLSYPDTDVILMC
FSVDSPDSLENIPEKWVPEVKHFCPNVPIILVANKKDLRSDEHVRTELARMKQEPVRTDDGRAMAVRIQAYDYLECSAKT
KEGVREVFETATRAALQKRYGSQN
;
_struct_ref.pdbx_align_begin           4 
_struct_ref.pdbx_db_isoform            ? 
# 
_struct_ref_seq.align_id                      1 
_struct_ref_seq.ref_id                        1 
_struct_ref_seq.pdbx_PDB_id_code              2FV8 
_struct_ref_seq.pdbx_strand_id                A 
_struct_ref_seq.seq_align_beg                 24 
_struct_ref_seq.pdbx_seq_align_beg_ins_code   ? 
_struct_ref_seq.seq_align_end                 207 
_struct_ref_seq.pdbx_seq_align_end_ins_code   ? 
_struct_ref_seq.pdbx_db_accession             P62745 
_struct_ref_seq.db_align_beg                  4 
_struct_ref_seq.pdbx_db_align_beg_ins_code    ? 
_struct_ref_seq.db_align_end                  187 
_struct_ref_seq.pdbx_db_align_end_ins_code    ? 
_struct_ref_seq.pdbx_auth_seq_align_beg       4 
_struct_ref_seq.pdbx_auth_seq_align_end       187 
# 
loop_
_struct_ref_seq_dif.align_id 
_struct_ref_seq_dif.pdbx_pdb_id_code 
_struct_ref_seq_dif.mon_id 
_struct_ref_seq_dif.pdbx_pdb_strand_id 
_struct_ref_seq_dif.seq_num 
_struct_ref_seq_dif.pdbx_pdb_ins_code 
_struct_ref_seq_dif.pdbx_seq_db_name 
_struct_ref_seq_dif.pdbx_seq_db_accession_code 
_struct_ref_seq_dif.db_mon_id 
_struct_ref_seq_dif.pdbx_seq_db_seq_num 
_struct_ref_seq_dif.details 
_struct_ref_seq_dif.pdbx_auth_seq_num 
_struct_ref_seq_dif.pdbx_ordinal 
1 2FV8 MET A 1  ? UNP P62745 ? ? 'cloning artifact' -22 1  
1 2FV8 HIS A 2  ? UNP P62745 ? ? 'expression tag'   -21 2  
1 2FV8 HIS A 3  ? UNP P62745 ? ? 'expression tag'   -20 3  
1 2FV8 HIS A 4  ? UNP P62745 ? ? 'expression tag'   -19 4  
1 2FV8 HIS A 5  ? UNP P62745 ? ? 'expression tag'   -18 5  
1 2FV8 HIS A 6  ? UNP P62745 ? ? 'expression tag'   -17 6  
1 2FV8 HIS A 7  ? UNP P62745 ? ? 'expression tag'   -16 7  
1 2FV8 SER A 8  ? UNP P62745 ? ? 'cloning artifact' -15 8  
1 2FV8 SER A 9  ? UNP P62745 ? ? 'cloning artifact' -14 9  
1 2FV8 GLY A 10 ? UNP P62745 ? ? 'cloning artifact' -13 10 
1 2FV8 VAL A 11 ? UNP P62745 ? ? 'cloning artifact' -12 11 
1 2FV8 ASP A 12 ? UNP P62745 ? ? 'cloning artifact' -11 12 
1 2FV8 LEU A 13 ? UNP P62745 ? ? 'cloning artifact' -10 13 
1 2FV8 GLY A 14 ? UNP P62745 ? ? 'cloning artifact' -9  14 
1 2FV8 THR A 15 ? UNP P62745 ? ? 'cloning artifact' -8  15 
1 2FV8 GLU A 16 ? UNP P62745 ? ? 'cloning artifact' -7  16 
1 2FV8 ASN A 17 ? UNP P62745 ? ? 'cloning artifact' -6  17 
1 2FV8 LEU A 18 ? UNP P62745 ? ? 'cloning artifact' -5  18 
1 2FV8 TYR A 19 ? UNP P62745 ? ? 'cloning artifact' -4  19 
1 2FV8 PHE A 20 ? UNP P62745 ? ? 'cloning artifact' -3  20 
1 2FV8 GLN A 21 ? UNP P62745 ? ? 'cloning artifact' -2  21 
1 2FV8 SER A 22 ? UNP P62745 ? ? 'cloning artifact' -1  22 
1 2FV8 MET A 23 ? UNP P62745 ? ? 'cloning artifact' 0   23 
# 
_pdbx_struct_assembly.id                   1 
_pdbx_struct_assembly.details              author_defined_assembly 
_pdbx_struct_assembly.method_details       ? 
_pdbx_struct_assembly.oligomeric_details   monomeric 
_pdbx_struct_assembly.oligomeric_count     1 
# 
_pdbx_struct_assembly_gen.assembly_id       1 
_pdbx_struct_assembly_gen.oper_expression   1 
_pdbx_struct_assembly_gen.asym_id_list      A,B,C 
# 
_pdbx_struct_oper_list.id                   1 
_pdbx_struct_oper_list.type                 'identity operation' 
_pdbx_struct_oper_list.name                 1_555 
_pdbx_struct_oper_list.symmetry_operation   x,y,z 
_pdbx_struct_oper_list.matrix[1][1]         1.0000000000 
_pdbx_struct_oper_list.matrix[1][2]         0.0000000000 
_pdbx_struct_oper_list.matrix[1][3]         0.0000000000 
_pdbx_struct_oper_list.vector[1]            0.0000000000 
_pdbx_struct_oper_list.matrix[2][1]         0.0000000000 
_pdbx_struct_oper_list.matrix[2][2]         1.0000000000 
_pdbx_struct_oper_list.matrix[2][3]         0.0000000000 
_pdbx_struct_oper_list.vector[2]            0.0000000000 
_pdbx_struct_oper_list.matrix[3][1]         0.0000000000 
_pdbx_struct_oper_list.matrix[3][2]         0.0000000000 
_pdbx_struct_oper_list.matrix[3][3]         1.0000000000 
_pdbx_struct_oper_list.vector[3]            0.0000000000 
# 
_struct_biol.id   1 
# 
loop_
_struct_conf.conf_type_id 
_struct_conf.id 
_struct_conf.pdbx_PDB_helix_id 
_struct_conf.beg_label_comp_id 
_struct_conf.beg_label_asym_id 
_struct_conf.beg_label_seq_id 
_struct_conf.pdbx_beg_PDB_ins_code 
_struct_conf.end_label_comp_id 
_struct_conf.end_label_asym_id 
_struct_conf.end_label_seq_id 
_struct_conf.pdbx_end_PDB_ins_code 
_struct_conf.beg_auth_comp_id 
_struct_conf.beg_auth_asym_id 
_struct_conf.beg_auth_seq_id 
_struct_conf.end_auth_comp_id 
_struct_conf.end_auth_asym_id 
_struct_conf.end_auth_seq_id 
_struct_conf.pdbx_PDB_helix_class 
_struct_conf.details 
_struct_conf.pdbx_PDB_helix_length 
HELX_P HELX_P1 1 TYR A 19  ? MET A 23  ? TYR A -4  MET A 0   5 ? 5  
HELX_P HELX_P2 2 GLY A 37  ? ASP A 48  ? GLY A 17  ASP A 28  1 ? 12 
HELX_P HELX_P3 3 LEU A 89  ? TYR A 94  ? LEU A 69  TYR A 74  5 ? 6  
HELX_P HELX_P4 4 SER A 108 ? LYS A 118 ? SER A 88  LYS A 98  1 ? 11 
HELX_P HELX_P5 5 LYS A 118 ? CYS A 127 ? LYS A 98  CYS A 107 1 ? 10 
HELX_P HELX_P6 6 LYS A 138 ? SER A 143 ? LYS A 118 SER A 123 5 ? 6  
HELX_P HELX_P7 7 ASP A 144 ? MET A 154 ? ASP A 124 MET A 134 1 ? 11 
HELX_P HELX_P8 8 ARG A 160 ? ILE A 171 ? ARG A 140 ILE A 151 1 ? 12 
HELX_P HELX_P9 9 GLY A 186 ? GLN A 200 ? GLY A 166 GLN A 180 1 ? 15 
# 
_struct_conf_type.id          HELX_P 
_struct_conf_type.criteria    ? 
_struct_conf_type.reference   ? 
# 
_struct_sheet.id               A 
_struct_sheet.type             ? 
_struct_sheet.number_strands   6 
_struct_sheet.details          ? 
# 
loop_
_struct_sheet_order.sheet_id 
_struct_sheet_order.range_id_1 
_struct_sheet_order.range_id_2 
_struct_sheet_order.offset 
_struct_sheet_order.sense 
A 1 2 ? anti-parallel 
A 2 3 ? parallel      
A 3 4 ? parallel      
A 4 5 ? parallel      
A 5 6 ? parallel      
# 
loop_
_struct_sheet_range.sheet_id 
_struct_sheet_range.id 
_struct_sheet_range.beg_label_comp_id 
_struct_sheet_range.beg_label_asym_id 
_struct_sheet_range.beg_label_seq_id 
_struct_sheet_range.pdbx_beg_PDB_ins_code 
_struct_sheet_range.end_label_comp_id 
_struct_sheet_range.end_label_asym_id 
_struct_sheet_range.end_label_seq_id 
_struct_sheet_range.pdbx_end_PDB_ins_code 
_struct_sheet_range.beg_auth_comp_id 
_struct_sheet_range.beg_auth_asym_id 
_struct_sheet_range.beg_auth_seq_id 
_struct_sheet_range.end_auth_comp_id 
_struct_sheet_range.end_auth_asym_id 
_struct_sheet_range.end_auth_seq_id 
A 1 ASN A 61  ? VAL A 68  ? ASN A 41  VAL A 48  
A 2 LYS A 71  ? ASP A 79  ? LYS A 51  ASP A 59  
A 3 ARG A 25  ? GLY A 32  ? ARG A 5   GLY A 12  
A 4 VAL A 99  ? SER A 105 ? VAL A 79  SER A 85  
A 5 ILE A 132 ? ASN A 137 ? ILE A 112 ASN A 117 
A 6 ASP A 175 ? GLU A 178 ? ASP A 155 GLU A 158 
# 
loop_
_pdbx_struct_sheet_hbond.sheet_id 
_pdbx_struct_sheet_hbond.range_id_1 
_pdbx_struct_sheet_hbond.range_id_2 
_pdbx_struct_sheet_hbond.range_1_label_atom_id 
_pdbx_struct_sheet_hbond.range_1_label_comp_id 
_pdbx_struct_sheet_hbond.range_1_label_asym_id 
_pdbx_struct_sheet_hbond.range_1_label_seq_id 
_pdbx_struct_sheet_hbond.range_1_PDB_ins_code 
_pdbx_struct_sheet_hbond.range_1_auth_atom_id 
_pdbx_struct_sheet_hbond.range_1_auth_comp_id 
_pdbx_struct_sheet_hbond.range_1_auth_asym_id 
_pdbx_struct_sheet_hbond.range_1_auth_seq_id 
_pdbx_struct_sheet_hbond.range_2_label_atom_id 
_pdbx_struct_sheet_hbond.range_2_label_comp_id 
_pdbx_struct_sheet_hbond.range_2_label_asym_id 
_pdbx_struct_sheet_hbond.range_2_label_seq_id 
_pdbx_struct_sheet_hbond.range_2_PDB_ins_code 
_pdbx_struct_sheet_hbond.range_2_auth_atom_id 
_pdbx_struct_sheet_hbond.range_2_auth_comp_id 
_pdbx_struct_sheet_hbond.range_2_auth_asym_id 
_pdbx_struct_sheet_hbond.range_2_auth_seq_id 
A 1 2 N ALA A 64  ? N ALA A 44  O LEU A 75  ? O LEU A 55  
A 2 3 O ALA A 76  ? O ALA A 56  N LYS A 26  ? N LYS A 6   
A 3 4 N VAL A 31  ? N VAL A 11  O CYS A 103 ? O CYS A 83  
A 4 5 N PHE A 104 ? N PHE A 84  O ASN A 137 ? O ASN A 117 
A 5 6 N LEU A 134 ? N LEU A 114 O LEU A 177 ? O LEU A 157 
# 
_struct_site.id                   AC1 
_struct_site.pdbx_evidence_code   Software 
_struct_site.pdbx_auth_asym_id    A 
_struct_site.pdbx_auth_comp_id    GDP 
_struct_site.pdbx_auth_seq_id     201 
_struct_site.pdbx_auth_ins_code   ? 
_struct_site.pdbx_num_residues    18 
_struct_site.details              'BINDING SITE FOR RESIDUE GDP A 201' 
# 
loop_
_struct_site_gen.id 
_struct_site_gen.site_id 
_struct_site_gen.pdbx_num_res 
_struct_site_gen.label_comp_id 
_struct_site_gen.label_asym_id 
_struct_site_gen.label_seq_id 
_struct_site_gen.pdbx_auth_ins_code 
_struct_site_gen.auth_comp_id 
_struct_site_gen.auth_asym_id 
_struct_site_gen.auth_seq_id 
_struct_site_gen.label_atom_id 
_struct_site_gen.label_alt_id 
_struct_site_gen.symmetry 
_struct_site_gen.details 
1  AC1 18 ASP A 33  ? ASP A 13  . ? 1_555 ? 
2  AC1 18 ALA A 35  ? ALA A 15  . ? 1_555 ? 
3  AC1 18 CYS A 36  ? CYS A 16  . ? 1_555 ? 
4  AC1 18 GLY A 37  ? GLY A 17  . ? 1_555 ? 
5  AC1 18 LYS A 38  ? LYS A 18  . ? 1_555 ? 
6  AC1 18 THR A 39  ? THR A 19  . ? 1_555 ? 
7  AC1 18 CYS A 40  ? CYS A 20  . ? 1_555 ? 
8  AC1 18 PHE A 50  ? PHE A 30  . ? 1_555 ? 
9  AC1 18 ALA A 81  ? ALA A 61  . ? 1_555 ? 
10 AC1 18 LYS A 138 ? LYS A 118 . ? 1_555 ? 
11 AC1 18 ASP A 140 ? ASP A 120 . ? 1_555 ? 
12 AC1 18 LEU A 141 ? LEU A 121 . ? 1_555 ? 
13 AC1 18 SER A 180 ? SER A 160 . ? 1_555 ? 
14 AC1 18 ALA A 181 ? ALA A 161 . ? 1_555 ? 
15 AC1 18 LYS A 182 ? LYS A 162 . ? 1_555 ? 
16 AC1 18 HOH C .   ? HOH A 231 . ? 1_555 ? 
17 AC1 18 HOH C .   ? HOH A 237 . ? 1_555 ? 
18 AC1 18 HOH C .   ? HOH A 268 . ? 1_555 ? 
# 
loop_
_pdbx_validate_torsion.id 
_pdbx_validate_torsion.PDB_model_num 
_pdbx_validate_torsion.auth_comp_id 
_pdbx_validate_torsion.auth_asym_id 
_pdbx_validate_torsion.auth_seq_id 
_pdbx_validate_torsion.PDB_ins_code 
_pdbx_validate_torsion.label_alt_id 
_pdbx_validate_torsion.phi 
_pdbx_validate_torsion.psi 
1 1 GLU A 40  ? ? 164.04  177.66 
2 1 LYS A 98  ? ? -128.77 -59.33 
3 1 LYS A 164 ? ? 75.59   -8.32  
# 
_pdbx_validate_peptide_omega.id               1 
_pdbx_validate_peptide_omega.PDB_model_num    1 
_pdbx_validate_peptide_omega.auth_comp_id_1   GLU 
_pdbx_validate_peptide_omega.auth_asym_id_1   A 
_pdbx_validate_peptide_omega.auth_seq_id_1    40 
_pdbx_validate_peptide_omega.PDB_ins_code_1   ? 
_pdbx_validate_peptide_omega.label_alt_id_1   ? 
_pdbx_validate_peptide_omega.auth_comp_id_2   ASN 
_pdbx_validate_peptide_omega.auth_asym_id_2   A 
_pdbx_validate_peptide_omega.auth_seq_id_2    41 
_pdbx_validate_peptide_omega.PDB_ins_code_2   ? 
_pdbx_validate_peptide_omega.label_alt_id_2   ? 
_pdbx_validate_peptide_omega.omega            143.69 
# 
_pdbx_SG_project.id                    1 
_pdbx_SG_project.project_name          ? 
_pdbx_SG_project.full_name_of_center   'Structural Genomics Consortium' 
_pdbx_SG_project.initial_of_center     SGC 
# 
_pdbx_refine_tls.id               1 
_pdbx_refine_tls.details          ? 
_pdbx_refine_tls.method           refined 
_pdbx_refine_tls.origin_x         0.0118 
_pdbx_refine_tls.origin_y         -0.1195 
_pdbx_refine_tls.origin_z         -0.3646 
_pdbx_refine_tls.T[1][1]          -0.1734 
_pdbx_refine_tls.T[2][2]          -0.1503 
_pdbx_refine_tls.T[3][3]          -0.1017 
_pdbx_refine_tls.T[1][2]          -0.0213 
_pdbx_refine_tls.T[1][3]          0.0038 
_pdbx_refine_tls.T[2][3]          0.0231 
_pdbx_refine_tls.L[1][1]          2.0349 
_pdbx_refine_tls.L[2][2]          4.3547 
_pdbx_refine_tls.L[3][3]          2.2881 
_pdbx_refine_tls.L[1][2]          0.6705 
_pdbx_refine_tls.L[1][3]          0.5242 
_pdbx_refine_tls.L[2][3]          0.3818 
_pdbx_refine_tls.S[1][1]          0.1053 
_pdbx_refine_tls.S[1][2]          -0.1270 
_pdbx_refine_tls.S[1][3]          -0.2455 
_pdbx_refine_tls.S[2][1]          0.2439 
_pdbx_refine_tls.S[2][2]          0.0212 
_pdbx_refine_tls.S[2][3]          -0.5092 
_pdbx_refine_tls.S[3][1]          0.0255 
_pdbx_refine_tls.S[3][2]          -0.0309 
_pdbx_refine_tls.S[3][3]          -0.1265 
_pdbx_refine_tls.pdbx_refine_id   'X-RAY DIFFRACTION' 
# 
loop_
_pdbx_refine_tls_group.id 
_pdbx_refine_tls_group.refine_tls_id 
_pdbx_refine_tls_group.beg_auth_asym_id 
_pdbx_refine_tls_group.beg_auth_seq_id 
_pdbx_refine_tls_group.beg_label_asym_id 
_pdbx_refine_tls_group.beg_label_seq_id 
_pdbx_refine_tls_group.end_auth_asym_id 
_pdbx_refine_tls_group.end_auth_seq_id 
_pdbx_refine_tls_group.end_label_asym_id 
_pdbx_refine_tls_group.end_label_seq_id 
_pdbx_refine_tls_group.selection 
_pdbx_refine_tls_group.pdbx_refine_id 
_pdbx_refine_tls_group.selection_details 
1 1 A -4 A 19 A 0   A 23  ? 'X-RAY DIFFRACTION' ? 
2 1 A 4  A 24 A 31  A 51  ? 'X-RAY DIFFRACTION' ? 
3 1 A 39 A 59 A 185 A 205 ? 'X-RAY DIFFRACTION' ? 
# 
loop_
_pdbx_unobs_or_zero_occ_residues.id 
_pdbx_unobs_or_zero_occ_residues.PDB_model_num 
_pdbx_unobs_or_zero_occ_residues.polymer_flag 
_pdbx_unobs_or_zero_occ_residues.occupancy_flag 
_pdbx_unobs_or_zero_occ_residues.auth_asym_id 
_pdbx_unobs_or_zero_occ_residues.auth_comp_id 
_pdbx_unobs_or_zero_occ_residues.auth_seq_id 
_pdbx_unobs_or_zero_occ_residues.PDB_ins_code 
_pdbx_unobs_or_zero_occ_residues.label_asym_id 
_pdbx_unobs_or_zero_occ_residues.label_comp_id 
_pdbx_unobs_or_zero_occ_residues.label_seq_id 
1  1 Y 1 A MET -22 ? A MET 1   
2  1 Y 1 A HIS -21 ? A HIS 2   
3  1 Y 1 A HIS -20 ? A HIS 3   
4  1 Y 1 A HIS -19 ? A HIS 4   
5  1 Y 1 A HIS -18 ? A HIS 5   
6  1 Y 1 A HIS -17 ? A HIS 6   
7  1 Y 1 A HIS -16 ? A HIS 7   
8  1 Y 1 A SER -15 ? A SER 8   
9  1 Y 1 A SER -14 ? A SER 9   
10 1 Y 1 A GLY -13 ? A GLY 10  
11 1 Y 1 A VAL -12 ? A VAL 11  
12 1 Y 1 A ASP -11 ? A ASP 12  
13 1 Y 1 A LEU -10 ? A LEU 13  
14 1 Y 1 A GLY -9  ? A GLY 14  
15 1 Y 1 A THR -8  ? A THR 15  
16 1 Y 1 A GLU -7  ? A GLU 16  
17 1 Y 1 A ASN -6  ? A ASN 17  
18 1 Y 1 A LEU -5  ? A LEU 18  
19 1 Y 1 A GLU 32  ? A GLU 52  
20 1 Y 1 A VAL 33  ? A VAL 53  
21 1 Y 1 A TYR 34  ? A TYR 54  
22 1 Y 1 A VAL 35  ? A VAL 55  
23 1 Y 1 A PRO 36  ? A PRO 56  
24 1 Y 1 A THR 37  ? A THR 57  
25 1 Y 1 A VAL 38  ? A VAL 58  
26 1 Y 1 A GLN 186 ? A GLN 206 
27 1 Y 1 A ASN 187 ? A ASN 207 
# 
loop_
_chem_comp_atom.comp_id 
_chem_comp_atom.atom_id 
_chem_comp_atom.type_symbol 
_chem_comp_atom.pdbx_aromatic_flag 
_chem_comp_atom.pdbx_stereo_config 
_chem_comp_atom.pdbx_ordinal 
ALA N      N N N 1   
ALA CA     C N S 2   
ALA C      C N N 3   
ALA O      O N N 4   
ALA CB     C N N 5   
ALA OXT    O N N 6   
ALA H      H N N 7   
ALA H2     H N N 8   
ALA HA     H N N 9   
ALA HB1    H N N 10  
ALA HB2    H N N 11  
ALA HB3    H N N 12  
ALA HXT    H N N 13  
ARG N      N N N 14  
ARG CA     C N S 15  
ARG C      C N N 16  
ARG O      O N N 17  
ARG CB     C N N 18  
ARG CG     C N N 19  
ARG CD     C N N 20  
ARG NE     N N N 21  
ARG CZ     C N N 22  
ARG NH1    N N N 23  
ARG NH2    N N N 24  
ARG OXT    O N N 25  
ARG H      H N N 26  
ARG H2     H N N 27  
ARG HA     H N N 28  
ARG HB2    H N N 29  
ARG HB3    H N N 30  
ARG HG2    H N N 31  
ARG HG3    H N N 32  
ARG HD2    H N N 33  
ARG HD3    H N N 34  
ARG HE     H N N 35  
ARG HH11   H N N 36  
ARG HH12   H N N 37  
ARG HH21   H N N 38  
ARG HH22   H N N 39  
ARG HXT    H N N 40  
ASN N      N N N 41  
ASN CA     C N S 42  
ASN C      C N N 43  
ASN O      O N N 44  
ASN CB     C N N 45  
ASN CG     C N N 46  
ASN OD1    O N N 47  
ASN ND2    N N N 48  
ASN OXT    O N N 49  
ASN H      H N N 50  
ASN H2     H N N 51  
ASN HA     H N N 52  
ASN HB2    H N N 53  
ASN HB3    H N N 54  
ASN HD21   H N N 55  
ASN HD22   H N N 56  
ASN HXT    H N N 57  
ASP N      N N N 58  
ASP CA     C N S 59  
ASP C      C N N 60  
ASP O      O N N 61  
ASP CB     C N N 62  
ASP CG     C N N 63  
ASP OD1    O N N 64  
ASP OD2    O N N 65  
ASP OXT    O N N 66  
ASP H      H N N 67  
ASP H2     H N N 68  
ASP HA     H N N 69  
ASP HB2    H N N 70  
ASP HB3    H N N 71  
ASP HD2    H N N 72  
ASP HXT    H N N 73  
CYS N      N N N 74  
CYS CA     C N R 75  
CYS C      C N N 76  
CYS O      O N N 77  
CYS CB     C N N 78  
CYS SG     S N N 79  
CYS OXT    O N N 80  
CYS H      H N N 81  
CYS H2     H N N 82  
CYS HA     H N N 83  
CYS HB2    H N N 84  
CYS HB3    H N N 85  
CYS HG     H N N 86  
CYS HXT    H N N 87  
GDP PB     P N N 88  
GDP O1B    O N N 89  
GDP O2B    O N N 90  
GDP O3B    O N N 91  
GDP O3A    O N N 92  
GDP PA     P N N 93  
GDP O1A    O N N 94  
GDP O2A    O N N 95  
GDP "O5'"  O N N 96  
GDP "C5'"  C N N 97  
GDP "C4'"  C N R 98  
GDP "O4'"  O N N 99  
GDP "C3'"  C N S 100 
GDP "O3'"  O N N 101 
GDP "C2'"  C N R 102 
GDP "O2'"  O N N 103 
GDP "C1'"  C N R 104 
GDP N9     N Y N 105 
GDP C8     C Y N 106 
GDP N7     N Y N 107 
GDP C5     C Y N 108 
GDP C6     C N N 109 
GDP O6     O N N 110 
GDP N1     N N N 111 
GDP C2     C N N 112 
GDP N2     N N N 113 
GDP N3     N N N 114 
GDP C4     C Y N 115 
GDP HOB2   H N N 116 
GDP HOB3   H N N 117 
GDP HOA2   H N N 118 
GDP "H5'"  H N N 119 
GDP "H5''" H N N 120 
GDP "H4'"  H N N 121 
GDP "H3'"  H N N 122 
GDP "HO3'" H N N 123 
GDP "H2'"  H N N 124 
GDP "HO2'" H N N 125 
GDP "H1'"  H N N 126 
GDP H8     H N N 127 
GDP HN1    H N N 128 
GDP HN21   H N N 129 
GDP HN22   H N N 130 
GLN N      N N N 131 
GLN CA     C N S 132 
GLN C      C N N 133 
GLN O      O N N 134 
GLN CB     C N N 135 
GLN CG     C N N 136 
GLN CD     C N N 137 
GLN OE1    O N N 138 
GLN NE2    N N N 139 
GLN OXT    O N N 140 
GLN H      H N N 141 
GLN H2     H N N 142 
GLN HA     H N N 143 
GLN HB2    H N N 144 
GLN HB3    H N N 145 
GLN HG2    H N N 146 
GLN HG3    H N N 147 
GLN HE21   H N N 148 
GLN HE22   H N N 149 
GLN HXT    H N N 150 
GLU N      N N N 151 
GLU CA     C N S 152 
GLU C      C N N 153 
GLU O      O N N 154 
GLU CB     C N N 155 
GLU CG     C N N 156 
GLU CD     C N N 157 
GLU OE1    O N N 158 
GLU OE2    O N N 159 
GLU OXT    O N N 160 
GLU H      H N N 161 
GLU H2     H N N 162 
GLU HA     H N N 163 
GLU HB2    H N N 164 
GLU HB3    H N N 165 
GLU HG2    H N N 166 
GLU HG3    H N N 167 
GLU HE2    H N N 168 
GLU HXT    H N N 169 
GLY N      N N N 170 
GLY CA     C N N 171 
GLY C      C N N 172 
GLY O      O N N 173 
GLY OXT    O N N 174 
GLY H      H N N 175 
GLY H2     H N N 176 
GLY HA2    H N N 177 
GLY HA3    H N N 178 
GLY HXT    H N N 179 
HIS N      N N N 180 
HIS CA     C N S 181 
HIS C      C N N 182 
HIS O      O N N 183 
HIS CB     C N N 184 
HIS CG     C Y N 185 
HIS ND1    N Y N 186 
HIS CD2    C Y N 187 
HIS CE1    C Y N 188 
HIS NE2    N Y N 189 
HIS OXT    O N N 190 
HIS H      H N N 191 
HIS H2     H N N 192 
HIS HA     H N N 193 
HIS HB2    H N N 194 
HIS HB3    H N N 195 
HIS HD1    H N N 196 
HIS HD2    H N N 197 
HIS HE1    H N N 198 
HIS HE2    H N N 199 
HIS HXT    H N N 200 
HOH O      O N N 201 
HOH H1     H N N 202 
HOH H2     H N N 203 
ILE N      N N N 204 
ILE CA     C N S 205 
ILE C      C N N 206 
ILE O      O N N 207 
ILE CB     C N S 208 
ILE CG1    C N N 209 
ILE CG2    C N N 210 
ILE CD1    C N N 211 
ILE OXT    O N N 212 
ILE H      H N N 213 
ILE H2     H N N 214 
ILE HA     H N N 215 
ILE HB     H N N 216 
ILE HG12   H N N 217 
ILE HG13   H N N 218 
ILE HG21   H N N 219 
ILE HG22   H N N 220 
ILE HG23   H N N 221 
ILE HD11   H N N 222 
ILE HD12   H N N 223 
ILE HD13   H N N 224 
ILE HXT    H N N 225 
LEU N      N N N 226 
LEU CA     C N S 227 
LEU C      C N N 228 
LEU O      O N N 229 
LEU CB     C N N 230 
LEU CG     C N N 231 
LEU CD1    C N N 232 
LEU CD2    C N N 233 
LEU OXT    O N N 234 
LEU H      H N N 235 
LEU H2     H N N 236 
LEU HA     H N N 237 
LEU HB2    H N N 238 
LEU HB3    H N N 239 
LEU HG     H N N 240 
LEU HD11   H N N 241 
LEU HD12   H N N 242 
LEU HD13   H N N 243 
LEU HD21   H N N 244 
LEU HD22   H N N 245 
LEU HD23   H N N 246 
LEU HXT    H N N 247 
LYS N      N N N 248 
LYS CA     C N S 249 
LYS C      C N N 250 
LYS O      O N N 251 
LYS CB     C N N 252 
LYS CG     C N N 253 
LYS CD     C N N 254 
LYS CE     C N N 255 
LYS NZ     N N N 256 
LYS OXT    O N N 257 
LYS H      H N N 258 
LYS H2     H N N 259 
LYS HA     H N N 260 
LYS HB2    H N N 261 
LYS HB3    H N N 262 
LYS HG2    H N N 263 
LYS HG3    H N N 264 
LYS HD2    H N N 265 
LYS HD3    H N N 266 
LYS HE2    H N N 267 
LYS HE3    H N N 268 
LYS HZ1    H N N 269 
LYS HZ2    H N N 270 
LYS HZ3    H N N 271 
LYS HXT    H N N 272 
MET N      N N N 273 
MET CA     C N S 274 
MET C      C N N 275 
MET O      O N N 276 
MET CB     C N N 277 
MET CG     C N N 278 
MET SD     S N N 279 
MET CE     C N N 280 
MET OXT    O N N 281 
MET H      H N N 282 
MET H2     H N N 283 
MET HA     H N N 284 
MET HB2    H N N 285 
MET HB3    H N N 286 
MET HG2    H N N 287 
MET HG3    H N N 288 
MET HE1    H N N 289 
MET HE2    H N N 290 
MET HE3    H N N 291 
MET HXT    H N N 292 
PHE N      N N N 293 
PHE CA     C N S 294 
PHE C      C N N 295 
PHE O      O N N 296 
PHE CB     C N N 297 
PHE CG     C Y N 298 
PHE CD1    C Y N 299 
PHE CD2    C Y N 300 
PHE CE1    C Y N 301 
PHE CE2    C Y N 302 
PHE CZ     C Y N 303 
PHE OXT    O N N 304 
PHE H      H N N 305 
PHE H2     H N N 306 
PHE HA     H N N 307 
PHE HB2    H N N 308 
PHE HB3    H N N 309 
PHE HD1    H N N 310 
PHE HD2    H N N 311 
PHE HE1    H N N 312 
PHE HE2    H N N 313 
PHE HZ     H N N 314 
PHE HXT    H N N 315 
PRO N      N N N 316 
PRO CA     C N S 317 
PRO C      C N N 318 
PRO O      O N N 319 
PRO CB     C N N 320 
PRO CG     C N N 321 
PRO CD     C N N 322 
PRO OXT    O N N 323 
PRO H      H N N 324 
PRO HA     H N N 325 
PRO HB2    H N N 326 
PRO HB3    H N N 327 
PRO HG2    H N N 328 
PRO HG3    H N N 329 
PRO HD2    H N N 330 
PRO HD3    H N N 331 
PRO HXT    H N N 332 
SER N      N N N 333 
SER CA     C N S 334 
SER C      C N N 335 
SER O      O N N 336 
SER CB     C N N 337 
SER OG     O N N 338 
SER OXT    O N N 339 
SER H      H N N 340 
SER H2     H N N 341 
SER HA     H N N 342 
SER HB2    H N N 343 
SER HB3    H N N 344 
SER HG     H N N 345 
SER HXT    H N N 346 
THR N      N N N 347 
THR CA     C N S 348 
THR C      C N N 349 
THR O      O N N 350 
THR CB     C N R 351 
THR OG1    O N N 352 
THR CG2    C N N 353 
THR OXT    O N N 354 
THR H      H N N 355 
THR H2     H N N 356 
THR HA     H N N 357 
THR HB     H N N 358 
THR HG1    H N N 359 
THR HG21   H N N 360 
THR HG22   H N N 361 
THR HG23   H N N 362 
THR HXT    H N N 363 
TRP N      N N N 364 
TRP CA     C N S 365 
TRP C      C N N 366 
TRP O      O N N 367 
TRP CB     C N N 368 
TRP CG     C Y N 369 
TRP CD1    C Y N 370 
TRP CD2    C Y N 371 
TRP NE1    N Y N 372 
TRP CE2    C Y N 373 
TRP CE3    C Y N 374 
TRP CZ2    C Y N 375 
TRP CZ3    C Y N 376 
TRP CH2    C Y N 377 
TRP OXT    O N N 378 
TRP H      H N N 379 
TRP H2     H N N 380 
TRP HA     H N N 381 
TRP HB2    H N N 382 
TRP HB3    H N N 383 
TRP HD1    H N N 384 
TRP HE1    H N N 385 
TRP HE3    H N N 386 
TRP HZ2    H N N 387 
TRP HZ3    H N N 388 
TRP HH2    H N N 389 
TRP HXT    H N N 390 
TYR N      N N N 391 
TYR CA     C N S 392 
TYR C      C N N 393 
TYR O      O N N 394 
TYR CB     C N N 395 
TYR CG     C Y N 396 
TYR CD1    C Y N 397 
TYR CD2    C Y N 398 
TYR CE1    C Y N 399 
TYR CE2    C Y N 400 
TYR CZ     C Y N 401 
TYR OH     O N N 402 
TYR OXT    O N N 403 
TYR H      H N N 404 
TYR H2     H N N 405 
TYR HA     H N N 406 
TYR HB2    H N N 407 
TYR HB3    H N N 408 
TYR HD1    H N N 409 
TYR HD2    H N N 410 
TYR HE1    H N N 411 
TYR HE2    H N N 412 
TYR HH     H N N 413 
TYR HXT    H N N 414 
VAL N      N N N 415 
VAL CA     C N S 416 
VAL C      C N N 417 
VAL O      O N N 418 
VAL CB     C N N 419 
VAL CG1    C N N 420 
VAL CG2    C N N 421 
VAL OXT    O N N 422 
VAL H      H N N 423 
VAL H2     H N N 424 
VAL HA     H N N 425 
VAL HB     H N N 426 
VAL HG11   H N N 427 
VAL HG12   H N N 428 
VAL HG13   H N N 429 
VAL HG21   H N N 430 
VAL HG22   H N N 431 
VAL HG23   H N N 432 
VAL HXT    H N N 433 
# 
loop_
_chem_comp_bond.comp_id 
_chem_comp_bond.atom_id_1 
_chem_comp_bond.atom_id_2 
_chem_comp_bond.value_order 
_chem_comp_bond.pdbx_aromatic_flag 
_chem_comp_bond.pdbx_stereo_config 
_chem_comp_bond.pdbx_ordinal 
ALA N     CA     sing N N 1   
ALA N     H      sing N N 2   
ALA N     H2     sing N N 3   
ALA CA    C      sing N N 4   
ALA CA    CB     sing N N 5   
ALA CA    HA     sing N N 6   
ALA C     O      doub N N 7   
ALA C     OXT    sing N N 8   
ALA CB    HB1    sing N N 9   
ALA CB    HB2    sing N N 10  
ALA CB    HB3    sing N N 11  
ALA OXT   HXT    sing N N 12  
ARG N     CA     sing N N 13  
ARG N     H      sing N N 14  
ARG N     H2     sing N N 15  
ARG CA    C      sing N N 16  
ARG CA    CB     sing N N 17  
ARG CA    HA     sing N N 18  
ARG C     O      doub N N 19  
ARG C     OXT    sing N N 20  
ARG CB    CG     sing N N 21  
ARG CB    HB2    sing N N 22  
ARG CB    HB3    sing N N 23  
ARG CG    CD     sing N N 24  
ARG CG    HG2    sing N N 25  
ARG CG    HG3    sing N N 26  
ARG CD    NE     sing N N 27  
ARG CD    HD2    sing N N 28  
ARG CD    HD3    sing N N 29  
ARG NE    CZ     sing N N 30  
ARG NE    HE     sing N N 31  
ARG CZ    NH1    sing N N 32  
ARG CZ    NH2    doub N N 33  
ARG NH1   HH11   sing N N 34  
ARG NH1   HH12   sing N N 35  
ARG NH2   HH21   sing N N 36  
ARG NH2   HH22   sing N N 37  
ARG OXT   HXT    sing N N 38  
ASN N     CA     sing N N 39  
ASN N     H      sing N N 40  
ASN N     H2     sing N N 41  
ASN CA    C      sing N N 42  
ASN CA    CB     sing N N 43  
ASN CA    HA     sing N N 44  
ASN C     O      doub N N 45  
ASN C     OXT    sing N N 46  
ASN CB    CG     sing N N 47  
ASN CB    HB2    sing N N 48  
ASN CB    HB3    sing N N 49  
ASN CG    OD1    doub N N 50  
ASN CG    ND2    sing N N 51  
ASN ND2   HD21   sing N N 52  
ASN ND2   HD22   sing N N 53  
ASN OXT   HXT    sing N N 54  
ASP N     CA     sing N N 55  
ASP N     H      sing N N 56  
ASP N     H2     sing N N 57  
ASP CA    C      sing N N 58  
ASP CA    CB     sing N N 59  
ASP CA    HA     sing N N 60  
ASP C     O      doub N N 61  
ASP C     OXT    sing N N 62  
ASP CB    CG     sing N N 63  
ASP CB    HB2    sing N N 64  
ASP CB    HB3    sing N N 65  
ASP CG    OD1    doub N N 66  
ASP CG    OD2    sing N N 67  
ASP OD2   HD2    sing N N 68  
ASP OXT   HXT    sing N N 69  
CYS N     CA     sing N N 70  
CYS N     H      sing N N 71  
CYS N     H2     sing N N 72  
CYS CA    C      sing N N 73  
CYS CA    CB     sing N N 74  
CYS CA    HA     sing N N 75  
CYS C     O      doub N N 76  
CYS C     OXT    sing N N 77  
CYS CB    SG     sing N N 78  
CYS CB    HB2    sing N N 79  
CYS CB    HB3    sing N N 80  
CYS SG    HG     sing N N 81  
CYS OXT   HXT    sing N N 82  
GDP PB    O1B    doub N N 83  
GDP PB    O2B    sing N N 84  
GDP PB    O3B    sing N N 85  
GDP PB    O3A    sing N N 86  
GDP O2B   HOB2   sing N N 87  
GDP O3B   HOB3   sing N N 88  
GDP O3A   PA     sing N N 89  
GDP PA    O1A    doub N N 90  
GDP PA    O2A    sing N N 91  
GDP PA    "O5'"  sing N N 92  
GDP O2A   HOA2   sing N N 93  
GDP "O5'" "C5'"  sing N N 94  
GDP "C5'" "C4'"  sing N N 95  
GDP "C5'" "H5'"  sing N N 96  
GDP "C5'" "H5''" sing N N 97  
GDP "C4'" "O4'"  sing N N 98  
GDP "C4'" "C3'"  sing N N 99  
GDP "C4'" "H4'"  sing N N 100 
GDP "O4'" "C1'"  sing N N 101 
GDP "C3'" "O3'"  sing N N 102 
GDP "C3'" "C2'"  sing N N 103 
GDP "C3'" "H3'"  sing N N 104 
GDP "O3'" "HO3'" sing N N 105 
GDP "C2'" "O2'"  sing N N 106 
GDP "C2'" "C1'"  sing N N 107 
GDP "C2'" "H2'"  sing N N 108 
GDP "O2'" "HO2'" sing N N 109 
GDP "C1'" N9     sing N N 110 
GDP "C1'" "H1'"  sing N N 111 
GDP N9    C8     sing Y N 112 
GDP N9    C4     sing Y N 113 
GDP C8    N7     doub Y N 114 
GDP C8    H8     sing N N 115 
GDP N7    C5     sing Y N 116 
GDP C5    C6     sing N N 117 
GDP C5    C4     doub Y N 118 
GDP C6    O6     doub N N 119 
GDP C6    N1     sing N N 120 
GDP N1    C2     sing N N 121 
GDP N1    HN1    sing N N 122 
GDP C2    N2     sing N N 123 
GDP C2    N3     doub N N 124 
GDP N2    HN21   sing N N 125 
GDP N2    HN22   sing N N 126 
GDP N3    C4     sing N N 127 
GLN N     CA     sing N N 128 
GLN N     H      sing N N 129 
GLN N     H2     sing N N 130 
GLN CA    C      sing N N 131 
GLN CA    CB     sing N N 132 
GLN CA    HA     sing N N 133 
GLN C     O      doub N N 134 
GLN C     OXT    sing N N 135 
GLN CB    CG     sing N N 136 
GLN CB    HB2    sing N N 137 
GLN CB    HB3    sing N N 138 
GLN CG    CD     sing N N 139 
GLN CG    HG2    sing N N 140 
GLN CG    HG3    sing N N 141 
GLN CD    OE1    doub N N 142 
GLN CD    NE2    sing N N 143 
GLN NE2   HE21   sing N N 144 
GLN NE2   HE22   sing N N 145 
GLN OXT   HXT    sing N N 146 
GLU N     CA     sing N N 147 
GLU N     H      sing N N 148 
GLU N     H2     sing N N 149 
GLU CA    C      sing N N 150 
GLU CA    CB     sing N N 151 
GLU CA    HA     sing N N 152 
GLU C     O      doub N N 153 
GLU C     OXT    sing N N 154 
GLU CB    CG     sing N N 155 
GLU CB    HB2    sing N N 156 
GLU CB    HB3    sing N N 157 
GLU CG    CD     sing N N 158 
GLU CG    HG2    sing N N 159 
GLU CG    HG3    sing N N 160 
GLU CD    OE1    doub N N 161 
GLU CD    OE2    sing N N 162 
GLU OE2   HE2    sing N N 163 
GLU OXT   HXT    sing N N 164 
GLY N     CA     sing N N 165 
GLY N     H      sing N N 166 
GLY N     H2     sing N N 167 
GLY CA    C      sing N N 168 
GLY CA    HA2    sing N N 169 
GLY CA    HA3    sing N N 170 
GLY C     O      doub N N 171 
GLY C     OXT    sing N N 172 
GLY OXT   HXT    sing N N 173 
HIS N     CA     sing N N 174 
HIS N     H      sing N N 175 
HIS N     H2     sing N N 176 
HIS CA    C      sing N N 177 
HIS CA    CB     sing N N 178 
HIS CA    HA     sing N N 179 
HIS C     O      doub N N 180 
HIS C     OXT    sing N N 181 
HIS CB    CG     sing N N 182 
HIS CB    HB2    sing N N 183 
HIS CB    HB3    sing N N 184 
HIS CG    ND1    sing Y N 185 
HIS CG    CD2    doub Y N 186 
HIS ND1   CE1    doub Y N 187 
HIS ND1   HD1    sing N N 188 
HIS CD2   NE2    sing Y N 189 
HIS CD2   HD2    sing N N 190 
HIS CE1   NE2    sing Y N 191 
HIS CE1   HE1    sing N N 192 
HIS NE2   HE2    sing N N 193 
HIS OXT   HXT    sing N N 194 
HOH O     H1     sing N N 195 
HOH O     H2     sing N N 196 
ILE N     CA     sing N N 197 
ILE N     H      sing N N 198 
ILE N     H2     sing N N 199 
ILE CA    C      sing N N 200 
ILE CA    CB     sing N N 201 
ILE CA    HA     sing N N 202 
ILE C     O      doub N N 203 
ILE C     OXT    sing N N 204 
ILE CB    CG1    sing N N 205 
ILE CB    CG2    sing N N 206 
ILE CB    HB     sing N N 207 
ILE CG1   CD1    sing N N 208 
ILE CG1   HG12   sing N N 209 
ILE CG1   HG13   sing N N 210 
ILE CG2   HG21   sing N N 211 
ILE CG2   HG22   sing N N 212 
ILE CG2   HG23   sing N N 213 
ILE CD1   HD11   sing N N 214 
ILE CD1   HD12   sing N N 215 
ILE CD1   HD13   sing N N 216 
ILE OXT   HXT    sing N N 217 
LEU N     CA     sing N N 218 
LEU N     H      sing N N 219 
LEU N     H2     sing N N 220 
LEU CA    C      sing N N 221 
LEU CA    CB     sing N N 222 
LEU CA    HA     sing N N 223 
LEU C     O      doub N N 224 
LEU C     OXT    sing N N 225 
LEU CB    CG     sing N N 226 
LEU CB    HB2    sing N N 227 
LEU CB    HB3    sing N N 228 
LEU CG    CD1    sing N N 229 
LEU CG    CD2    sing N N 230 
LEU CG    HG     sing N N 231 
LEU CD1   HD11   sing N N 232 
LEU CD1   HD12   sing N N 233 
LEU CD1   HD13   sing N N 234 
LEU CD2   HD21   sing N N 235 
LEU CD2   HD22   sing N N 236 
LEU CD2   HD23   sing N N 237 
LEU OXT   HXT    sing N N 238 
LYS N     CA     sing N N 239 
LYS N     H      sing N N 240 
LYS N     H2     sing N N 241 
LYS CA    C      sing N N 242 
LYS CA    CB     sing N N 243 
LYS CA    HA     sing N N 244 
LYS C     O      doub N N 245 
LYS C     OXT    sing N N 246 
LYS CB    CG     sing N N 247 
LYS CB    HB2    sing N N 248 
LYS CB    HB3    sing N N 249 
LYS CG    CD     sing N N 250 
LYS CG    HG2    sing N N 251 
LYS CG    HG3    sing N N 252 
LYS CD    CE     sing N N 253 
LYS CD    HD2    sing N N 254 
LYS CD    HD3    sing N N 255 
LYS CE    NZ     sing N N 256 
LYS CE    HE2    sing N N 257 
LYS CE    HE3    sing N N 258 
LYS NZ    HZ1    sing N N 259 
LYS NZ    HZ2    sing N N 260 
LYS NZ    HZ3    sing N N 261 
LYS OXT   HXT    sing N N 262 
MET N     CA     sing N N 263 
MET N     H      sing N N 264 
MET N     H2     sing N N 265 
MET CA    C      sing N N 266 
MET CA    CB     sing N N 267 
MET CA    HA     sing N N 268 
MET C     O      doub N N 269 
MET C     OXT    sing N N 270 
MET CB    CG     sing N N 271 
MET CB    HB2    sing N N 272 
MET CB    HB3    sing N N 273 
MET CG    SD     sing N N 274 
MET CG    HG2    sing N N 275 
MET CG    HG3    sing N N 276 
MET SD    CE     sing N N 277 
MET CE    HE1    sing N N 278 
MET CE    HE2    sing N N 279 
MET CE    HE3    sing N N 280 
MET OXT   HXT    sing N N 281 
PHE N     CA     sing N N 282 
PHE N     H      sing N N 283 
PHE N     H2     sing N N 284 
PHE CA    C      sing N N 285 
PHE CA    CB     sing N N 286 
PHE CA    HA     sing N N 287 
PHE C     O      doub N N 288 
PHE C     OXT    sing N N 289 
PHE CB    CG     sing N N 290 
PHE CB    HB2    sing N N 291 
PHE CB    HB3    sing N N 292 
PHE CG    CD1    doub Y N 293 
PHE CG    CD2    sing Y N 294 
PHE CD1   CE1    sing Y N 295 
PHE CD1   HD1    sing N N 296 
PHE CD2   CE2    doub Y N 297 
PHE CD2   HD2    sing N N 298 
PHE CE1   CZ     doub Y N 299 
PHE CE1   HE1    sing N N 300 
PHE CE2   CZ     sing Y N 301 
PHE CE2   HE2    sing N N 302 
PHE CZ    HZ     sing N N 303 
PHE OXT   HXT    sing N N 304 
PRO N     CA     sing N N 305 
PRO N     CD     sing N N 306 
PRO N     H      sing N N 307 
PRO CA    C      sing N N 308 
PRO CA    CB     sing N N 309 
PRO CA    HA     sing N N 310 
PRO C     O      doub N N 311 
PRO C     OXT    sing N N 312 
PRO CB    CG     sing N N 313 
PRO CB    HB2    sing N N 314 
PRO CB    HB3    sing N N 315 
PRO CG    CD     sing N N 316 
PRO CG    HG2    sing N N 317 
PRO CG    HG3    sing N N 318 
PRO CD    HD2    sing N N 319 
PRO CD    HD3    sing N N 320 
PRO OXT   HXT    sing N N 321 
SER N     CA     sing N N 322 
SER N     H      sing N N 323 
SER N     H2     sing N N 324 
SER CA    C      sing N N 325 
SER CA    CB     sing N N 326 
SER CA    HA     sing N N 327 
SER C     O      doub N N 328 
SER C     OXT    sing N N 329 
SER CB    OG     sing N N 330 
SER CB    HB2    sing N N 331 
SER CB    HB3    sing N N 332 
SER OG    HG     sing N N 333 
SER OXT   HXT    sing N N 334 
THR N     CA     sing N N 335 
THR N     H      sing N N 336 
THR N     H2     sing N N 337 
THR CA    C      sing N N 338 
THR CA    CB     sing N N 339 
THR CA    HA     sing N N 340 
THR C     O      doub N N 341 
THR C     OXT    sing N N 342 
THR CB    OG1    sing N N 343 
THR CB    CG2    sing N N 344 
THR CB    HB     sing N N 345 
THR OG1   HG1    sing N N 346 
THR CG2   HG21   sing N N 347 
THR CG2   HG22   sing N N 348 
THR CG2   HG23   sing N N 349 
THR OXT   HXT    sing N N 350 
TRP N     CA     sing N N 351 
TRP N     H      sing N N 352 
TRP N     H2     sing N N 353 
TRP CA    C      sing N N 354 
TRP CA    CB     sing N N 355 
TRP CA    HA     sing N N 356 
TRP C     O      doub N N 357 
TRP C     OXT    sing N N 358 
TRP CB    CG     sing N N 359 
TRP CB    HB2    sing N N 360 
TRP CB    HB3    sing N N 361 
TRP CG    CD1    doub Y N 362 
TRP CG    CD2    sing Y N 363 
TRP CD1   NE1    sing Y N 364 
TRP CD1   HD1    sing N N 365 
TRP CD2   CE2    doub Y N 366 
TRP CD2   CE3    sing Y N 367 
TRP NE1   CE2    sing Y N 368 
TRP NE1   HE1    sing N N 369 
TRP CE2   CZ2    sing Y N 370 
TRP CE3   CZ3    doub Y N 371 
TRP CE3   HE3    sing N N 372 
TRP CZ2   CH2    doub Y N 373 
TRP CZ2   HZ2    sing N N 374 
TRP CZ3   CH2    sing Y N 375 
TRP CZ3   HZ3    sing N N 376 
TRP CH2   HH2    sing N N 377 
TRP OXT   HXT    sing N N 378 
TYR N     CA     sing N N 379 
TYR N     H      sing N N 380 
TYR N     H2     sing N N 381 
TYR CA    C      sing N N 382 
TYR CA    CB     sing N N 383 
TYR CA    HA     sing N N 384 
TYR C     O      doub N N 385 
TYR C     OXT    sing N N 386 
TYR CB    CG     sing N N 387 
TYR CB    HB2    sing N N 388 
TYR CB    HB3    sing N N 389 
TYR CG    CD1    doub Y N 390 
TYR CG    CD2    sing Y N 391 
TYR CD1   CE1    sing Y N 392 
TYR CD1   HD1    sing N N 393 
TYR CD2   CE2    doub Y N 394 
TYR CD2   HD2    sing N N 395 
TYR CE1   CZ     doub Y N 396 
TYR CE1   HE1    sing N N 397 
TYR CE2   CZ     sing Y N 398 
TYR CE2   HE2    sing N N 399 
TYR CZ    OH     sing N N 400 
TYR OH    HH     sing N N 401 
TYR OXT   HXT    sing N N 402 
VAL N     CA     sing N N 403 
VAL N     H      sing N N 404 
VAL N     H2     sing N N 405 
VAL CA    C      sing N N 406 
VAL CA    CB     sing N N 407 
VAL CA    HA     sing N N 408 
VAL C     O      doub N N 409 
VAL C     OXT    sing N N 410 
VAL CB    CG1    sing N N 411 
VAL CB    CG2    sing N N 412 
VAL CB    HB     sing N N 413 
VAL CG1   HG11   sing N N 414 
VAL CG1   HG12   sing N N 415 
VAL CG1   HG13   sing N N 416 
VAL CG2   HG21   sing N N 417 
VAL CG2   HG22   sing N N 418 
VAL CG2   HG23   sing N N 419 
VAL OXT   HXT    sing N N 420 
# 
_pdbx_initial_refinement_model.accession_code   ? 
_pdbx_initial_refinement_model.id               1 
_pdbx_initial_refinement_model.entity_id_list   ? 
_pdbx_initial_refinement_model.type             'in silico model' 
_pdbx_initial_refinement_model.source_name      SwissModel 
_pdbx_initial_refinement_model.details          Swissmodel 
# 
_atom_sites.entry_id                    2FV8 
_atom_sites.fract_transf_matrix[1][1]   0.00543648 
_atom_sites.fract_transf_matrix[1][2]   -0.00267869 
_atom_sites.fract_transf_matrix[1][3]   0.00401954 
_atom_sites.fract_transf_matrix[2][1]   0.01382994 
_atom_sites.fract_transf_matrix[2][2]   -0.00074951 
_atom_sites.fract_transf_matrix[2][3]   -0.01920465 
_atom_sites.fract_transf_matrix[3][1]   0.00956741 
_atom_sites.fract_transf_matrix[3][2]   0.02733874 
_atom_sites.fract_transf_matrix[3][3]   0.00582287 
_atom_sites.fract_transf_vector[1]      0.350274 
_atom_sites.fract_transf_vector[2]      0.871080 
_atom_sites.fract_transf_vector[3]      0.251600 
# 
loop_
_atom_type.symbol 
C 
N 
O 
P 
S 
# 
loop_
_atom_site.group_PDB 
_atom_site.id 
_atom_site.type_symbol 
_atom_site.label_atom_id 
_atom_site.label_alt_id 
_atom_site.label_comp_id 
_atom_site.label_asym_id 
_atom_site.label_entity_id 
_atom_site.label_seq_id 
_atom_site.pdbx_PDB_ins_code 
_atom_site.Cartn_x 
_atom_site.Cartn_y 
_atom_site.Cartn_z 
_atom_site.occupancy 
_atom_site.B_iso_or_equiv 
_atom_site.pdbx_formal_charge 
_atom_site.auth_seq_id 
_atom_site.auth_comp_id 
_atom_site.auth_asym_id 
_atom_site.auth_atom_id 
_atom_site.pdbx_PDB_model_num 
ATOM   1    N N     . TYR A 1 19  ? -26.561 11.163  -9.748  1.00 55.20 ? -4  TYR A N     1 
ATOM   2    C CA    . TYR A 1 19  ? -26.287 11.887  -8.479  1.00 55.26 ? -4  TYR A CA    1 
ATOM   3    C C     . TYR A 1 19  ? -24.834 11.639  -8.089  1.00 55.49 ? -4  TYR A C     1 
ATOM   4    O O     . TYR A 1 19  ? -24.011 12.565  -8.071  1.00 55.82 ? -4  TYR A O     1 
ATOM   5    C CB    . TYR A 1 19  ? -27.240 11.417  -7.377  1.00 55.28 ? -4  TYR A CB    1 
ATOM   6    N N     . PHE A 1 20  ? -24.516 10.377  -7.805  1.00 55.25 ? -3  PHE A N     1 
ATOM   7    C CA    . PHE A 1 20  ? -23.140 9.958   -7.610  1.00 55.05 ? -3  PHE A CA    1 
ATOM   8    C C     . PHE A 1 20  ? -22.433 9.865   -8.961  1.00 54.83 ? -3  PHE A C     1 
ATOM   9    O O     . PHE A 1 20  ? -21.224 9.666   -9.007  1.00 54.84 ? -3  PHE A O     1 
ATOM   10   C CB    . PHE A 1 20  ? -23.078 8.605   -6.895  1.00 55.27 ? -3  PHE A CB    1 
ATOM   11   N N     . GLN A 1 21  ? -23.204 10.002  -10.044 1.00 54.48 ? -2  GLN A N     1 
ATOM   12   C CA    . GLN A 1 21  ? -22.683 10.089  -11.415 1.00 54.26 ? -2  GLN A CA    1 
ATOM   13   C C     . GLN A 1 21  ? -21.959 11.409  -11.739 1.00 53.92 ? -2  GLN A C     1 
ATOM   14   O O     . GLN A 1 21  ? -21.232 11.486  -12.737 1.00 54.08 ? -2  GLN A O     1 
ATOM   15   C CB    . GLN A 1 21  ? -23.824 9.875   -12.410 1.00 54.08 ? -2  GLN A CB    1 
ATOM   16   C CG    . GLN A 1 21  ? -24.419 8.487   -12.315 1.00 54.44 ? -2  GLN A CG    1 
ATOM   17   C CD    . GLN A 1 21  ? -25.390 8.181   -13.432 1.00 55.13 ? -2  GLN A CD    1 
ATOM   18   O OE1   . GLN A 1 21  ? -25.289 7.140   -14.083 1.00 56.00 ? -2  GLN A OE1   1 
ATOM   19   N NE2   . GLN A 1 21  ? -26.338 9.085   -13.664 1.00 54.79 ? -2  GLN A NE2   1 
ATOM   20   N N     . SER A 1 22  ? -22.169 12.433  -10.905 1.00 53.21 ? -1  SER A N     1 
ATOM   21   C CA    . SER A 1 22  ? -21.392 13.674  -10.965 1.00 52.63 ? -1  SER A CA    1 
ATOM   22   C C     . SER A 1 22  ? -20.048 13.577  -10.229 1.00 52.06 ? -1  SER A C     1 
ATOM   23   O O     . SER A 1 22  ? -19.276 14.541  -10.224 1.00 51.85 ? -1  SER A O     1 
ATOM   24   C CB    . SER A 1 22  ? -22.192 14.834  -10.371 1.00 52.76 ? -1  SER A CB    1 
ATOM   25   O OG    . SER A 1 22  ? -21.341 15.936  -10.082 1.00 53.07 ? -1  SER A OG    1 
ATOM   26   N N     . MET A 1 23  ? -19.754 12.443  -9.621  1.00 51.25 ? 0   MET A N     1 
ATOM   27   C CA    . MET A 1 23  ? -18.531 12.347  -8.860  1.00 50.67 ? 0   MET A CA    1 
ATOM   28   C C     . MET A 1 23  ? -17.377 11.851  -9.718  1.00 50.32 ? 0   MET A C     1 
ATOM   29   O O     . MET A 1 23  ? -17.575 11.167  -10.707 1.00 49.85 ? 0   MET A O     1 
ATOM   30   C CB    . MET A 1 23  ? -18.723 11.477  -7.631  1.00 50.57 ? 0   MET A CB    1 
ATOM   31   C CG    . MET A 1 23  ? -19.273 12.216  -6.446  1.00 50.56 ? 0   MET A CG    1 
ATOM   32   S SD    . MET A 1 23  ? -19.700 11.098  -5.122  1.00 49.84 ? 0   MET A SD    1 
ATOM   33   C CE    . MET A 1 23  ? -18.607 11.677  -3.837  1.00 48.62 ? 0   MET A CE    1 
ATOM   34   N N     . ILE A 1 24  ? -16.172 12.233  -9.329  1.00 37.44 ? 4   ILE A N     1 
ATOM   35   C CA    . ILE A 1 24  ? -14.972 11.555  -9.765  1.00 37.94 ? 4   ILE A CA    1 
ATOM   36   C C     . ILE A 1 24  ? -14.798 10.250  -8.994  1.00 37.60 ? 4   ILE A C     1 
ATOM   37   O O     . ILE A 1 24  ? -14.658 10.252  -7.784  1.00 37.89 ? 4   ILE A O     1 
ATOM   38   C CB    . ILE A 1 24  ? -13.766 12.478  -9.585  1.00 37.61 ? 4   ILE A CB    1 
ATOM   39   C CG1   . ILE A 1 24  ? -13.994 13.789  -10.326 1.00 39.08 ? 4   ILE A CG1   1 
ATOM   40   C CG2   . ILE A 1 24  ? -12.514 11.830  -10.084 1.00 38.24 ? 4   ILE A CG2   1 
ATOM   41   C CD1   . ILE A 1 24  ? -12.958 14.824  -10.050 1.00 39.18 ? 4   ILE A CD1   1 
ATOM   42   N N     . ARG A 1 25  ? -14.818 9.143   -9.714  1.00 37.44 ? 5   ARG A N     1 
ATOM   43   C CA    . ARG A 1 25  ? -14.681 7.812   -9.123  1.00 37.93 ? 5   ARG A CA    1 
ATOM   44   C C     . ARG A 1 25  ? -13.289 7.244   -9.403  1.00 36.61 ? 5   ARG A C     1 
ATOM   45   O O     . ARG A 1 25  ? -12.848 7.213   -10.552 1.00 37.38 ? 5   ARG A O     1 
ATOM   46   C CB    . ARG A 1 25  ? -15.763 6.883   -9.673  1.00 38.32 ? 5   ARG A CB    1 
ATOM   47   C CG    . ARG A 1 25  ? -17.177 7.251   -9.178  1.00 40.50 ? 5   ARG A CG    1 
ATOM   48   C CD    . ARG A 1 25  ? -18.326 6.548   -9.927  1.00 41.94 ? 5   ARG A CD    1 
ATOM   49   N NE    . ARG A 1 25  ? -18.600 7.062   -11.280 1.00 46.16 ? 5   ARG A NE    1 
ATOM   50   C CZ    . ARG A 1 25  ? -19.138 8.254   -11.567 1.00 48.02 ? 5   ARG A CZ    1 
ATOM   51   N NH1   . ARG A 1 25  ? -19.458 9.109   -10.603 1.00 49.86 ? 5   ARG A NH1   1 
ATOM   52   N NH2   . ARG A 1 25  ? -19.356 8.608   -12.833 1.00 47.11 ? 5   ARG A NH2   1 
ATOM   53   N N     . LYS A 1 26  ? -12.586 6.833   -8.358  1.00 35.36 ? 6   LYS A N     1 
ATOM   54   C CA    . LYS A 1 26  ? -11.262 6.252   -8.516  1.00 34.04 ? 6   LYS A CA    1 
ATOM   55   C C     . LYS A 1 26  ? -11.103 5.019   -7.662  1.00 33.57 ? 6   LYS A C     1 
ATOM   56   O O     . LYS A 1 26  ? -11.745 4.887   -6.615  1.00 33.27 ? 6   LYS A O     1 
ATOM   57   C CB    . LYS A 1 26  ? -10.162 7.259   -8.172  1.00 34.14 ? 6   LYS A CB    1 
ATOM   58   C CG    . LYS A 1 26  ? -10.130 8.525   -9.051  1.00 33.74 ? 6   LYS A CG    1 
ATOM   59   C CD    . LYS A 1 26  ? -9.729  8.252   -10.486 1.00 34.08 ? 6   LYS A CD    1 
ATOM   60   C CE    . LYS A 1 26  ? -9.847  9.490   -11.344 1.00 34.19 ? 6   LYS A CE    1 
ATOM   61   N NZ    . LYS A 1 26  ? -9.150  9.299   -12.646 1.00 32.49 ? 6   LYS A NZ    1 
ATOM   62   N N     . LYS A 1 27  ? -10.206 4.144   -8.105  1.00 32.83 ? 7   LYS A N     1 
ATOM   63   C CA    . LYS A 1 27  ? -9.951  2.855   -7.483  1.00 32.41 ? 7   LYS A CA    1 
ATOM   64   C C     . LYS A 1 27  ? -8.488  2.722   -6.999  1.00 32.47 ? 7   LYS A C     1 
ATOM   65   O O     . LYS A 1 27  ? -7.551  2.910   -7.750  1.00 33.19 ? 7   LYS A O     1 
ATOM   66   C CB    . LYS A 1 27  ? -10.294 1.706   -8.446  1.00 33.11 ? 7   LYS A CB    1 
ATOM   67   C CG    . LYS A 1 27  ? -9.934  0.266   -7.965  1.00 32.34 ? 7   LYS A CG    1 
ATOM   68   C CD    . LYS A 1 27  ? -10.400 -0.775  -8.992  1.00 31.72 ? 7   LYS A CD    1 
ATOM   69   C CE    . LYS A 1 27  ? -9.897  -2.190  -8.694  1.00 29.50 ? 7   LYS A CE    1 
ATOM   70   N NZ    . LYS A 1 27  ? -10.789 -3.167  -9.397  1.00 27.21 ? 7   LYS A NZ    1 
ATOM   71   N N     . LEU A 1 28  ? -8.339  2.349   -5.736  1.00 32.26 ? 8   LEU A N     1 
ATOM   72   C CA    . LEU A 1 28  ? -7.065  2.048   -5.107  1.00 32.77 ? 8   LEU A CA    1 
ATOM   73   C C     . LEU A 1 28  ? -7.038  0.569   -4.674  1.00 33.31 ? 8   LEU A C     1 
ATOM   74   O O     . LEU A 1 28  ? -8.019  0.066   -4.100  1.00 33.96 ? 8   LEU A O     1 
ATOM   75   C CB    . LEU A 1 28  ? -6.876  2.976   -3.905  1.00 32.61 ? 8   LEU A CB    1 
ATOM   76   C CG    . LEU A 1 28  ? -5.755  2.792   -2.870  1.00 32.71 ? 8   LEU A CG    1 
ATOM   77   C CD1   . LEU A 1 28  ? -5.591  4.123   -2.140  1.00 34.19 ? 8   LEU A CD1   1 
ATOM   78   C CD2   . LEU A 1 28  ? -5.943  1.608   -1.874  1.00 30.43 ? 8   LEU A CD2   1 
ATOM   79   N N     . VAL A 1 29  ? -5.935  -0.121  -4.996  1.00 33.82 ? 9   VAL A N     1 
ATOM   80   C CA    . VAL A 1 29  ? -5.691  -1.506  -4.550  1.00 33.91 ? 9   VAL A CA    1 
ATOM   81   C C     . VAL A 1 29  ? -4.418  -1.629  -3.704  1.00 33.65 ? 9   VAL A C     1 
ATOM   82   O O     . VAL A 1 29  ? -3.351  -1.102  -4.066  1.00 32.89 ? 9   VAL A O     1 
ATOM   83   C CB    . VAL A 1 29  ? -5.666  -2.497  -5.771  1.00 34.09 ? 9   VAL A CB    1 
ATOM   84   C CG1   . VAL A 1 29  ? -5.444  -3.967  -5.345  1.00 32.35 ? 9   VAL A CG1   1 
ATOM   85   C CG2   . VAL A 1 29  ? -6.957  -2.403  -6.550  1.00 34.93 ? 9   VAL A CG2   1 
ATOM   86   N N     . VAL A 1 30  ? -4.547  -2.296  -2.554  1.00 32.95 ? 10  VAL A N     1 
ATOM   87   C CA    . VAL A 1 30  ? -3.430  -2.542  -1.633  1.00 33.64 ? 10  VAL A CA    1 
ATOM   88   C C     . VAL A 1 30  ? -2.895  -3.963  -1.837  1.00 33.72 ? 10  VAL A C     1 
ATOM   89   O O     . VAL A 1 30  ? -3.650  -4.930  -1.739  1.00 33.23 ? 10  VAL A O     1 
ATOM   90   C CB    . VAL A 1 30  ? -3.849  -2.345  -0.154  1.00 33.21 ? 10  VAL A CB    1 
ATOM   91   C CG1   . VAL A 1 30  ? -2.626  -2.508  0.788   1.00 32.95 ? 10  VAL A CG1   1 
ATOM   92   C CG2   . VAL A 1 30  ? -4.483  -0.959  0.060   1.00 32.94 ? 10  VAL A CG2   1 
ATOM   93   N N     . VAL A 1 31  ? -1.605  -4.057  -2.148  1.00 34.12 ? 11  VAL A N     1 
ATOM   94   C CA    . VAL A 1 31  ? -0.899  -5.319  -2.409  1.00 33.87 ? 11  VAL A CA    1 
ATOM   95   C C     . VAL A 1 31  ? 0.325   -5.429  -1.506  1.00 33.86 ? 11  VAL A C     1 
ATOM   96   O O     . VAL A 1 31  ? 0.765   -4.449  -0.904  1.00 33.15 ? 11  VAL A O     1 
ATOM   97   C CB    . VAL A 1 31  ? -0.506  -5.514  -3.942  1.00 34.61 ? 11  VAL A CB    1 
ATOM   98   C CG1   . VAL A 1 31  ? -1.708  -5.234  -4.852  1.00 34.91 ? 11  VAL A CG1   1 
ATOM   99   C CG2   . VAL A 1 31  ? 0.677   -4.686  -4.350  1.00 34.72 ? 11  VAL A CG2   1 
ATOM   100  N N     . GLY A 1 32  ? 0.848   -6.641  -1.386  1.00 34.27 ? 12  GLY A N     1 
ATOM   101  C CA    . GLY A 1 32  ? 1.913   -6.953  -0.416  1.00 33.96 ? 12  GLY A CA    1 
ATOM   102  C C     . GLY A 1 32  ? 1.713   -8.282  0.286   1.00 33.93 ? 12  GLY A C     1 
ATOM   103  O O     . GLY A 1 32  ? 0.608   -8.823  0.333   1.00 33.50 ? 12  GLY A O     1 
ATOM   104  N N     . ASP A 1 33  ? 2.804   -8.804  0.846   1.00 34.12 ? 13  ASP A N     1 
ATOM   105  C CA    . ASP A 1 33  ? 2.821   -10.098 1.547   1.00 33.88 ? 13  ASP A CA    1 
ATOM   106  C C     . ASP A 1 33  ? 1.783   -10.180 2.668   1.00 33.82 ? 13  ASP A C     1 
ATOM   107  O O     . ASP A 1 33  ? 1.471   -9.184  3.310   1.00 32.98 ? 13  ASP A O     1 
ATOM   108  C CB    . ASP A 1 33  ? 4.194   -10.350 2.186   1.00 34.04 ? 13  ASP A CB    1 
ATOM   109  C CG    . ASP A 1 33  ? 5.259   -10.797 1.190   1.00 35.26 ? 13  ASP A CG    1 
ATOM   110  O OD1   . ASP A 1 33  ? 4.976   -10.909 -0.023  1.00 37.79 ? 13  ASP A OD1   1 
ATOM   111  O OD2   . ASP A 1 33  ? 6.395   -11.058 1.640   1.00 37.63 ? 13  ASP A OD2   1 
ATOM   112  N N     . GLY A 1 34  ? 1.283   -11.394 2.914   1.00 33.87 ? 14  GLY A N     1 
ATOM   113  C CA    . GLY A 1 34  ? 0.439   -11.679 4.086   1.00 33.85 ? 14  GLY A CA    1 
ATOM   114  C C     . GLY A 1 34  ? 1.117   -11.211 5.354   1.00 33.89 ? 14  GLY A C     1 
ATOM   115  O O     . GLY A 1 34  ? 2.344   -11.313 5.473   1.00 33.44 ? 14  GLY A O     1 
ATOM   116  N N     . ALA A 1 35  ? 0.325   -10.636 6.261   1.00 33.87 ? 15  ALA A N     1 
ATOM   117  C CA    . ALA A 1 35  ? 0.777   -10.193 7.592   1.00 34.38 ? 15  ALA A CA    1 
ATOM   118  C C     . ALA A 1 35  ? 1.617   -8.905  7.580   1.00 34.88 ? 15  ALA A C     1 
ATOM   119  O O     . ALA A 1 35  ? 2.169   -8.517  8.606   1.00 34.19 ? 15  ALA A O     1 
ATOM   120  C CB    . ALA A 1 35  ? 1.518   -11.321 8.328   1.00 33.95 ? 15  ALA A CB    1 
ATOM   121  N N     . CYS A 1 36  ? 1.682   -8.223  6.439   1.00 35.37 ? 16  CYS A N     1 
ATOM   122  C CA    . CYS A 1 36  ? 2.491   -7.009  6.347   1.00 36.21 ? 16  CYS A CA    1 
ATOM   123  C C     . CYS A 1 36  ? 1.722   -5.724  6.695   1.00 35.63 ? 16  CYS A C     1 
ATOM   124  O O     . CYS A 1 36  ? 2.283   -4.647  6.612   1.00 36.64 ? 16  CYS A O     1 
ATOM   125  C CB    . CYS A 1 36  ? 3.191   -6.902  4.982   1.00 36.46 ? 16  CYS A CB    1 
ATOM   126  S SG    . CYS A 1 36  ? 2.229   -6.126  3.638   1.00 38.56 ? 16  CYS A SG    1 
ATOM   127  N N     . GLY A 1 37  ? 0.461   -5.844  7.113   1.00 35.50 ? 17  GLY A N     1 
ATOM   128  C CA    . GLY A 1 37  ? -0.290  -4.723  7.672   1.00 34.91 ? 17  GLY A CA    1 
ATOM   129  C C     . GLY A 1 37  ? -1.261  -4.053  6.731   1.00 34.64 ? 17  GLY A C     1 
ATOM   130  O O     . GLY A 1 37  ? -1.700  -2.934  6.999   1.00 34.77 ? 17  GLY A O     1 
ATOM   131  N N     . LYS A 1 38  ? -1.612  -4.713  5.633   1.00 34.75 ? 18  LYS A N     1 
ATOM   132  C CA    . LYS A 1 38  ? -2.530  -4.113  4.635   1.00 34.71 ? 18  LYS A CA    1 
ATOM   133  C C     . LYS A 1 38  ? -3.912  -3.801  5.256   1.00 34.86 ? 18  LYS A C     1 
ATOM   134  O O     . LYS A 1 38  ? -4.438  -2.679  5.160   1.00 36.04 ? 18  LYS A O     1 
ATOM   135  C CB    . LYS A 1 38  ? -2.681  -5.034  3.417   1.00 34.44 ? 18  LYS A CB    1 
ATOM   136  C CG    . LYS A 1 38  ? -1.375  -5.375  2.697   1.00 34.01 ? 18  LYS A CG    1 
ATOM   137  C CD    . LYS A 1 38  ? -1.634  -6.168  1.431   1.00 35.08 ? 18  LYS A CD    1 
ATOM   138  C CE    . LYS A 1 38  ? -2.124  -7.600  1.668   1.00 33.05 ? 18  LYS A CE    1 
ATOM   139  N NZ    . LYS A 1 38  ? -1.196  -8.390  2.535   1.00 33.57 ? 18  LYS A NZ    1 
ATOM   140  N N     . THR A 1 39  ? -4.507  -4.808  5.877   1.00 34.62 ? 19  THR A N     1 
ATOM   141  C CA    . THR A 1 39  ? -5.837  -4.689  6.448   1.00 34.24 ? 19  THR A CA    1 
ATOM   142  C C     . THR A 1 39  ? -5.888  -3.701  7.633   1.00 33.87 ? 19  THR A C     1 
ATOM   143  O O     . THR A 1 39  ? -6.840  -2.916  7.752   1.00 33.89 ? 19  THR A O     1 
ATOM   144  C CB    . THR A 1 39  ? -6.354  -6.060  6.885   1.00 34.22 ? 19  THR A CB    1 
ATOM   145  O OG1   . THR A 1 39  ? -6.236  -6.968  5.781   1.00 34.07 ? 19  THR A OG1   1 
ATOM   146  C CG2   . THR A 1 39  ? -7.806  -5.979  7.355   1.00 33.82 ? 19  THR A CG2   1 
ATOM   147  N N     . CYS A 1 40  ? -4.883  -3.723  8.498   1.00 33.18 ? 20  CYS A N     1 
ATOM   148  C CA    . CYS A 1 40  ? -4.853  -2.770  9.599   1.00 32.77 ? 20  CYS A CA    1 
ATOM   149  C C     . CYS A 1 40  ? -4.668  -1.352  9.082   1.00 32.62 ? 20  CYS A C     1 
ATOM   150  O O     . CYS A 1 40  ? -5.246  -0.428  9.628   1.00 32.69 ? 20  CYS A O     1 
ATOM   151  C CB    . CYS A 1 40  ? -3.753  -3.103  10.614  1.00 32.94 ? 20  CYS A CB    1 
ATOM   152  S SG    . CYS A 1 40  ? -4.240  -4.390  11.742  1.00 31.85 ? 20  CYS A SG    1 
ATOM   153  N N     . LEU A 1 41  ? -3.844  -1.177  8.048   1.00 32.79 ? 21  LEU A N     1 
ATOM   154  C CA    . LEU A 1 41  ? -3.699  0.125   7.405   1.00 32.71 ? 21  LEU A CA    1 
ATOM   155  C C     . LEU A 1 41  ? -5.038  0.674   6.861   1.00 32.93 ? 21  LEU A C     1 
ATOM   156  O O     . LEU A 1 41  ? -5.346  1.876   7.004   1.00 33.58 ? 21  LEU A O     1 
ATOM   157  C CB    . LEU A 1 41  ? -2.670  0.053   6.274   1.00 32.64 ? 21  LEU A CB    1 
ATOM   158  C CG    . LEU A 1 41  ? -2.490  1.351   5.507   1.00 33.39 ? 21  LEU A CG    1 
ATOM   159  C CD1   . LEU A 1 41  ? -1.919  2.458   6.410   1.00 28.94 ? 21  LEU A CD1   1 
ATOM   160  C CD2   . LEU A 1 41  ? -1.650  1.142   4.238   1.00 31.90 ? 21  LEU A CD2   1 
ATOM   161  N N     . LEU A 1 42  ? -5.819  -0.181  6.222   1.00 32.80 ? 22  LEU A N     1 
ATOM   162  C CA    . LEU A 1 42  ? -7.101  0.262   5.675   1.00 33.87 ? 22  LEU A CA    1 
ATOM   163  C C     . LEU A 1 42  ? -8.148  0.495   6.771   1.00 34.06 ? 22  LEU A C     1 
ATOM   164  O O     . LEU A 1 42  ? -8.950  1.407   6.652   1.00 36.04 ? 22  LEU A O     1 
ATOM   165  C CB    . LEU A 1 42  ? -7.640  -0.729  4.646   1.00 33.91 ? 22  LEU A CB    1 
ATOM   166  C CG    . LEU A 1 42  ? -6.995  -0.761  3.277   1.00 34.61 ? 22  LEU A CG    1 
ATOM   167  C CD1   . LEU A 1 42  ? -7.270  -2.085  2.574   1.00 34.89 ? 22  LEU A CD1   1 
ATOM   168  C CD2   . LEU A 1 42  ? -7.402  0.476   2.382   1.00 32.33 ? 22  LEU A CD2   1 
ATOM   169  N N     . ILE A 1 43  ? -8.133  -0.302  7.838   1.00 34.00 ? 23  ILE A N     1 
ATOM   170  C CA    . ILE A 1 43  ? -9.059  -0.092  8.954   1.00 33.73 ? 23  ILE A CA    1 
ATOM   171  C C     . ILE A 1 43  ? -8.797  1.267   9.619   1.00 33.91 ? 23  ILE A C     1 
ATOM   172  O O     . ILE A 1 43  ? -9.749  1.991   9.945   1.00 33.41 ? 23  ILE A O     1 
ATOM   173  C CB    . ILE A 1 43  ? -9.008  -1.258  10.008  1.00 33.40 ? 23  ILE A CB    1 
ATOM   174  C CG1   . ILE A 1 43  ? -9.599  -2.547  9.429   1.00 33.38 ? 23  ILE A CG1   1 
ATOM   175  C CG2   . ILE A 1 43  ? -9.795  -0.917  11.302  1.00 34.29 ? 23  ILE A CG2   1 
ATOM   176  C CD1   . ILE A 1 43  ? -9.426  -3.783  10.331  1.00 33.57 ? 23  ILE A CD1   1 
ATOM   177  N N     . VAL A 1 44  ? -7.520  1.614   9.800   1.00 33.58 ? 24  VAL A N     1 
ATOM   178  C CA    . VAL A 1 44  ? -7.147  2.868   10.438  1.00 33.95 ? 24  VAL A CA    1 
ATOM   179  C C     . VAL A 1 44  ? -7.537  4.053   9.543   1.00 35.06 ? 24  VAL A C     1 
ATOM   180  O O     . VAL A 1 44  ? -7.989  5.086   10.029  1.00 36.88 ? 24  VAL A O     1 
ATOM   181  C CB    . VAL A 1 44  ? -5.639  2.899   10.819  1.00 33.65 ? 24  VAL A CB    1 
ATOM   182  C CG1   . VAL A 1 44  ? -5.226  4.277   11.342  1.00 31.85 ? 24  VAL A CG1   1 
ATOM   183  C CG2   . VAL A 1 44  ? -5.325  1.811   11.872  1.00 34.06 ? 24  VAL A CG2   1 
ATOM   184  N N     . PHE A 1 45  ? -7.423  3.884   8.240   1.00 36.24 ? 25  PHE A N     1 
ATOM   185  C CA    . PHE A 1 45  ? -7.860  4.925   7.316   1.00 37.24 ? 25  PHE A CA    1 
ATOM   186  C C     . PHE A 1 45  ? -9.384  5.138   7.418   1.00 38.34 ? 25  PHE A C     1 
ATOM   187  O O     . PHE A 1 45  ? -9.864  6.265   7.579   1.00 37.97 ? 25  PHE A O     1 
ATOM   188  C CB    . PHE A 1 45  ? -7.422  4.610   5.877   1.00 37.26 ? 25  PHE A CB    1 
ATOM   189  C CG    . PHE A 1 45  ? -7.922  5.603   4.883   1.00 36.32 ? 25  PHE A CG    1 
ATOM   190  C CD1   . PHE A 1 45  ? -7.469  6.925   4.921   1.00 37.92 ? 25  PHE A CD1   1 
ATOM   191  C CD2   . PHE A 1 45  ? -8.881  5.251   3.955   1.00 36.56 ? 25  PHE A CD2   1 
ATOM   192  C CE1   . PHE A 1 45  ? -7.926  7.863   4.020   1.00 37.87 ? 25  PHE A CE1   1 
ATOM   193  C CE2   . PHE A 1 45  ? -9.366  6.202   3.046   1.00 39.81 ? 25  PHE A CE2   1 
ATOM   194  C CZ    . PHE A 1 45  ? -8.876  7.502   3.071   1.00 37.46 ? 25  PHE A CZ    1 
ATOM   195  N N     . SER A 1 46  ? -10.134 4.043   7.389   1.00 39.45 ? 26  SER A N     1 
ATOM   196  C CA    . SER A 1 46  ? -11.573 4.122   7.283   1.00 40.26 ? 26  SER A CA    1 
ATOM   197  C C     . SER A 1 46  ? -12.270 4.356   8.637   1.00 40.73 ? 26  SER A C     1 
ATOM   198  O O     . SER A 1 46  ? -13.235 5.121   8.708   1.00 41.20 ? 26  SER A O     1 
ATOM   199  C CB    . SER A 1 46  ? -12.115 2.864   6.572   1.00 40.52 ? 26  SER A CB    1 
ATOM   200  O OG    . SER A 1 46  ? -11.584 1.649   7.089   1.00 41.86 ? 26  SER A OG    1 
ATOM   201  N N     . LYS A 1 47  ? -11.783 3.704   9.693   1.00 41.06 ? 27  LYS A N     1 
ATOM   202  C CA    . LYS A 1 47  ? -12.413 3.754   11.022  1.00 41.75 ? 27  LYS A CA    1 
ATOM   203  C C     . LYS A 1 47  ? -11.662 4.620   12.038  1.00 42.25 ? 27  LYS A C     1 
ATOM   204  O O     . LYS A 1 47  ? -12.186 4.889   13.127  1.00 42.08 ? 27  LYS A O     1 
ATOM   205  C CB    . LYS A 1 47  ? -12.584 2.338   11.604  1.00 41.82 ? 27  LYS A CB    1 
ATOM   206  C CG    . LYS A 1 47  ? -13.642 1.482   10.917  1.00 42.10 ? 27  LYS A CG    1 
ATOM   207  C CD    . LYS A 1 47  ? -13.962 0.241   11.750  1.00 42.18 ? 27  LYS A CD    1 
ATOM   208  N N     . ASP A 1 48  ? -10.453 5.043   11.684  1.00 42.74 ? 28  ASP A N     1 
ATOM   209  C CA    . ASP A 1 48  ? -9.564  5.821   12.556  1.00 43.45 ? 28  ASP A CA    1 
ATOM   210  C C     . ASP A 1 48  ? -9.094  5.125   13.848  1.00 43.70 ? 28  ASP A C     1 
ATOM   211  O O     . ASP A 1 48  ? -8.541  5.779   14.739  1.00 43.98 ? 28  ASP A O     1 
ATOM   212  C CB    . ASP A 1 48  ? -10.182 7.177   12.890  1.00 43.97 ? 28  ASP A CB    1 
ATOM   213  C CG    . ASP A 1 48  ? -9.131  8.250   13.140  1.00 44.58 ? 28  ASP A CG    1 
ATOM   214  O OD1   . ASP A 1 48  ? -8.365  8.581   12.205  1.00 47.45 ? 28  ASP A OD1   1 
ATOM   215  O OD2   . ASP A 1 48  ? -9.067  8.758   14.268  1.00 45.37 ? 28  ASP A OD2   1 
ATOM   216  N N     . GLU A 1 49  ? -9.304  3.814   13.951  1.00 43.80 ? 29  GLU A N     1 
ATOM   217  C CA    . GLU A 1 49  ? -8.890  3.072   15.134  1.00 43.61 ? 29  GLU A CA    1 
ATOM   218  C C     . GLU A 1 49  ? -8.174  1.798   14.713  1.00 43.54 ? 29  GLU A C     1 
ATOM   219  O O     . GLU A 1 49  ? -8.615  1.103   13.791  1.00 43.38 ? 29  GLU A O     1 
ATOM   220  C CB    . GLU A 1 49  ? -10.093 2.746   16.044  1.00 43.98 ? 29  GLU A CB    1 
ATOM   221  N N     . PHE A 1 50  ? -7.047  1.532   15.371  1.00 43.35 ? 30  PHE A N     1 
ATOM   222  C CA    . PHE A 1 50  ? -6.316  0.278   15.240  1.00 43.34 ? 30  PHE A CA    1 
ATOM   223  C C     . PHE A 1 50  ? -7.108  -0.838  15.916  1.00 43.61 ? 30  PHE A C     1 
ATOM   224  O O     . PHE A 1 50  ? -7.497  -0.700  17.084  1.00 43.62 ? 30  PHE A O     1 
ATOM   225  C CB    . PHE A 1 50  ? -4.942  0.392   15.912  1.00 43.06 ? 30  PHE A CB    1 
ATOM   226  C CG    . PHE A 1 50  ? -4.023  -0.766  15.621  1.00 42.68 ? 30  PHE A CG    1 
ATOM   227  C CD1   . PHE A 1 50  ? -3.520  -0.961  14.348  1.00 41.83 ? 30  PHE A CD1   1 
ATOM   228  C CD2   . PHE A 1 50  ? -3.647  -1.650  16.622  1.00 43.55 ? 30  PHE A CD2   1 
ATOM   229  C CE1   . PHE A 1 50  ? -2.669  -2.018  14.069  1.00 41.68 ? 30  PHE A CE1   1 
ATOM   230  C CE2   . PHE A 1 50  ? -2.793  -2.721  16.343  1.00 42.91 ? 30  PHE A CE2   1 
ATOM   231  C CZ    . PHE A 1 50  ? -2.305  -2.895  15.067  1.00 42.07 ? 30  PHE A CZ    1 
ATOM   232  N N     . PRO A 1 51  ? -7.331  -1.957  15.208  1.00 43.85 ? 31  PRO A N     1 
ATOM   233  C CA    . PRO A 1 51  ? -8.154  -3.036  15.761  1.00 44.06 ? 31  PRO A CA    1 
ATOM   234  C C     . PRO A 1 51  ? -7.686  -3.537  17.129  1.00 44.06 ? 31  PRO A C     1 
ATOM   235  O O     . PRO A 1 51  ? -6.520  -3.903  17.277  1.00 44.53 ? 31  PRO A O     1 
ATOM   236  C CB    . PRO A 1 51  ? -8.028  -4.151  14.715  1.00 44.04 ? 31  PRO A CB    1 
ATOM   237  C CG    . PRO A 1 51  ? -6.887  -3.777  13.860  1.00 44.32 ? 31  PRO A CG    1 
ATOM   238  C CD    . PRO A 1 51  ? -6.820  -2.297  13.868  1.00 44.09 ? 31  PRO A CD    1 
ATOM   239  N N     . PHE A 1 59  ? -11.052 -7.643  5.202   1.00 60.80 ? 39  PHE A N     1 
ATOM   240  C CA    . PHE A 1 59  ? -11.429 -6.226  5.262   1.00 60.60 ? 39  PHE A CA    1 
ATOM   241  C C     . PHE A 1 59  ? -12.793 -6.002  4.606   1.00 60.29 ? 39  PHE A C     1 
ATOM   242  O O     . PHE A 1 59  ? -13.829 -6.049  5.276   1.00 60.91 ? 39  PHE A O     1 
ATOM   243  C CB    . PHE A 1 59  ? -10.342 -5.322  4.616   1.00 60.51 ? 39  PHE A CB    1 
ATOM   244  C CG    . PHE A 1 59  ? -10.723 -3.850  4.529   1.00 60.28 ? 39  PHE A CG    1 
ATOM   245  C CD1   . PHE A 1 59  ? -10.723 -3.181  3.303   1.00 59.82 ? 39  PHE A CD1   1 
ATOM   246  C CD2   . PHE A 1 59  ? -11.102 -3.145  5.676   1.00 60.31 ? 39  PHE A CD2   1 
ATOM   247  C CE1   . PHE A 1 59  ? -11.077 -1.834  3.219   1.00 59.40 ? 39  PHE A CE1   1 
ATOM   248  C CE2   . PHE A 1 59  ? -11.461 -1.800  5.603   1.00 59.36 ? 39  PHE A CE2   1 
ATOM   249  C CZ    . PHE A 1 59  ? -11.454 -1.142  4.369   1.00 59.51 ? 39  PHE A CZ    1 
ATOM   250  N N     . GLU A 1 60  ? -12.794 -5.802  3.293   1.00 59.67 ? 40  GLU A N     1 
ATOM   251  C CA    . GLU A 1 60  ? -13.912 -5.159  2.611   1.00 59.11 ? 40  GLU A CA    1 
ATOM   252  C C     . GLU A 1 60  ? -13.455 -4.728  1.236   1.00 57.69 ? 40  GLU A C     1 
ATOM   253  O O     . GLU A 1 60  ? -12.274 -4.907  0.833   1.00 58.80 ? 40  GLU A O     1 
ATOM   254  C CB    . GLU A 1 60  ? -14.316 -3.866  3.344   1.00 59.26 ? 40  GLU A CB    1 
ATOM   255  C CG    . GLU A 1 60  ? -15.817 -3.624  3.502   1.00 60.09 ? 40  GLU A CG    1 
ATOM   256  C CD    . GLU A 1 60  ? -16.115 -2.373  4.340   1.00 60.29 ? 40  GLU A CD    1 
ATOM   257  O OE1   . GLU A 1 60  ? -15.144 -1.783  4.882   1.00 60.75 ? 40  GLU A OE1   1 
ATOM   258  O OE2   . GLU A 1 60  ? -17.315 -1.992  4.457   1.00 60.19 ? 40  GLU A OE2   1 
ATOM   259  N N     . ASN A 1 61  ? -14.413 -4.174  0.511   1.00 55.34 ? 41  ASN A N     1 
ATOM   260  C CA    . ASN A 1 61  ? -14.137 -3.081  -0.380  1.00 53.41 ? 41  ASN A CA    1 
ATOM   261  C C     . ASN A 1 61  ? -14.945 -1.942  0.207   1.00 51.78 ? 41  ASN A C     1 
ATOM   262  O O     . ASN A 1 61  ? -16.137 -2.094  0.492   1.00 51.58 ? 41  ASN A O     1 
ATOM   263  C CB    . ASN A 1 61  ? -14.539 -3.375  -1.818  1.00 53.77 ? 41  ASN A CB    1 
ATOM   264  C CG    . ASN A 1 61  ? -13.664 -4.413  -2.460  1.00 53.06 ? 41  ASN A CG    1 
ATOM   265  O OD1   . ASN A 1 61  ? -12.695 -4.884  -1.869  1.00 50.06 ? 41  ASN A OD1   1 
ATOM   266  N ND2   . ASN A 1 61  ? -14.021 -4.799  -3.679  1.00 55.59 ? 41  ASN A ND2   1 
ATOM   267  N N     . TYR A 1 62  ? -14.269 -0.831  0.439   1.00 49.40 ? 42  TYR A N     1 
ATOM   268  C CA    . TYR A 1 62  ? -14.823 0.317   1.123   1.00 48.01 ? 42  TYR A CA    1 
ATOM   269  C C     . TYR A 1 62  ? -14.783 1.484   0.130   1.00 46.06 ? 42  TYR A C     1 
ATOM   270  O O     . TYR A 1 62  ? -13.782 1.674   -0.544  1.00 44.49 ? 42  TYR A O     1 
ATOM   271  C CB    . TYR A 1 62  ? -13.931 0.603   2.344   1.00 48.47 ? 42  TYR A CB    1 
ATOM   272  C CG    . TYR A 1 62  ? -14.382 1.735   3.230   1.00 49.44 ? 42  TYR A CG    1 
ATOM   273  C CD1   . TYR A 1 62  ? -15.402 1.550   4.178   1.00 51.20 ? 42  TYR A CD1   1 
ATOM   274  C CD2   . TYR A 1 62  ? -13.773 2.982   3.152   1.00 50.66 ? 42  TYR A CD2   1 
ATOM   275  C CE1   . TYR A 1 62  ? -15.825 2.610   5.016   1.00 51.29 ? 42  TYR A CE1   1 
ATOM   276  C CE2   . TYR A 1 62  ? -14.176 4.042   3.971   1.00 50.30 ? 42  TYR A CE2   1 
ATOM   277  C CZ    . TYR A 1 62  ? -15.196 3.856   4.896   1.00 51.34 ? 42  TYR A CZ    1 
ATOM   278  O OH    . TYR A 1 62  ? -15.578 4.914   5.691   1.00 51.01 ? 42  TYR A OH    1 
ATOM   279  N N     . VAL A 1 63  ? -15.852 2.264   0.016   1.00 44.14 ? 43  VAL A N     1 
ATOM   280  C CA    . VAL A 1 63  ? -15.729 3.510   -0.733  1.00 42.78 ? 43  VAL A CA    1 
ATOM   281  C C     . VAL A 1 63  ? -15.613 4.681   0.256   1.00 40.90 ? 43  VAL A C     1 
ATOM   282  O O     . VAL A 1 63  ? -16.418 4.825   1.172   1.00 40.88 ? 43  VAL A O     1 
ATOM   283  C CB    . VAL A 1 63  ? -16.864 3.738   -1.749  1.00 43.63 ? 43  VAL A CB    1 
ATOM   284  C CG1   . VAL A 1 63  ? -16.709 5.097   -2.371  1.00 43.82 ? 43  VAL A CG1   1 
ATOM   285  C CG2   . VAL A 1 63  ? -16.834 2.682   -2.840  1.00 42.94 ? 43  VAL A CG2   1 
ATOM   286  N N     . ALA A 1 64  ? -14.567 5.479   0.081   1.00 38.23 ? 44  ALA A N     1 
ATOM   287  C CA    . ALA A 1 64  ? -14.373 6.690   0.858   1.00 36.50 ? 44  ALA A CA    1 
ATOM   288  C C     . ALA A 1 64  ? -14.771 7.894   0.014   1.00 35.27 ? 44  ALA A C     1 
ATOM   289  O O     . ALA A 1 64  ? -14.316 8.052   -1.118  1.00 33.89 ? 44  ALA A O     1 
ATOM   290  C CB    . ALA A 1 64  ? -12.930 6.797   1.301   1.00 35.64 ? 44  ALA A CB    1 
ATOM   291  N N     . ASP A 1 65  ? -15.644 8.731   0.557   1.00 34.65 ? 45  ASP A N     1 
ATOM   292  C CA    . ASP A 1 65  ? -15.965 10.025  -0.058  1.00 34.48 ? 45  ASP A CA    1 
ATOM   293  C C     . ASP A 1 65  ? -14.962 11.065  0.444   1.00 34.32 ? 45  ASP A C     1 
ATOM   294  O O     . ASP A 1 65  ? -14.776 11.188  1.657   1.00 34.27 ? 45  ASP A O     1 
ATOM   295  C CB    . ASP A 1 65  ? -17.368 10.443  0.330   1.00 34.98 ? 45  ASP A CB    1 
ATOM   296  C CG    . ASP A 1 65  ? -18.429 9.579   -0.302  1.00 36.07 ? 45  ASP A CG    1 
ATOM   297  O OD1   . ASP A 1 65  ? -18.192 9.029   -1.386  1.00 35.87 ? 45  ASP A OD1   1 
ATOM   298  O OD2   . ASP A 1 65  ? -19.522 9.470   0.279   1.00 37.15 ? 45  ASP A OD2   1 
ATOM   299  N N     . ILE A 1 66  ? -14.334 11.807  -0.470  1.00 33.82 ? 46  ILE A N     1 
ATOM   300  C CA    . ILE A 1 66  ? -13.318 12.819  -0.123  1.00 33.91 ? 46  ILE A CA    1 
ATOM   301  C C     . ILE A 1 66  ? -13.516 14.073  -0.974  1.00 34.22 ? 46  ILE A C     1 
ATOM   302  O O     . ILE A 1 66  ? -13.856 13.954  -2.148  1.00 34.19 ? 46  ILE A O     1 
ATOM   303  C CB    . ILE A 1 66  ? -11.854 12.264  -0.383  1.00 34.21 ? 46  ILE A CB    1 
ATOM   304  C CG1   . ILE A 1 66  ? -11.674 10.856  0.202   1.00 33.27 ? 46  ILE A CG1   1 
ATOM   305  C CG2   . ILE A 1 66  ? -10.811 13.199  0.209   1.00 34.07 ? 46  ILE A CG2   1 
ATOM   306  C CD1   . ILE A 1 66  ? -10.381 10.168  -0.289  1.00 33.80 ? 46  ILE A CD1   1 
ATOM   307  N N     . GLU A 1 67  ? -13.330 15.270  -0.408  1.00 34.74 ? 47  GLU A N     1 
ATOM   308  C CA    . GLU A 1 67  ? -13.314 16.503  -1.221  1.00 34.53 ? 47  GLU A CA    1 
ATOM   309  C C     . GLU A 1 67  ? -11.859 16.866  -1.499  1.00 34.68 ? 47  GLU A C     1 
ATOM   310  O O     . GLU A 1 67  ? -11.049 16.952  -0.576  1.00 32.92 ? 47  GLU A O     1 
ATOM   311  C CB    . GLU A 1 67  ? -14.047 17.686  -0.555  1.00 34.91 ? 47  GLU A CB    1 
ATOM   312  C CG    . GLU A 1 67  ? -14.018 18.968  -1.457  1.00 35.47 ? 47  GLU A CG    1 
ATOM   313  C CD    . GLU A 1 67  ? -15.297 19.792  -1.543  1.00 36.64 ? 47  GLU A CD    1 
ATOM   314  O OE1   . GLU A 1 67  ? -15.406 20.646  -2.470  1.00 36.47 ? 47  GLU A OE1   1 
ATOM   315  O OE2   . GLU A 1 67  ? -16.173 19.641  -0.678  1.00 39.86 ? 47  GLU A OE2   1 
ATOM   316  N N     . VAL A 1 68  ? -11.533 17.026  -2.778  1.00 35.78 ? 48  VAL A N     1 
ATOM   317  C CA    . VAL A 1 68  ? -10.164 17.327  -3.235  1.00 36.39 ? 48  VAL A CA    1 
ATOM   318  C C     . VAL A 1 68  ? -10.262 18.476  -4.249  1.00 37.06 ? 48  VAL A C     1 
ATOM   319  O O     . VAL A 1 68  ? -10.971 18.355  -5.241  1.00 37.04 ? 48  VAL A O     1 
ATOM   320  C CB    . VAL A 1 68  ? -9.490  16.105  -3.947  1.00 36.15 ? 48  VAL A CB    1 
ATOM   321  C CG1   . VAL A 1 68  ? -8.044  16.417  -4.291  1.00 36.18 ? 48  VAL A CG1   1 
ATOM   322  C CG2   . VAL A 1 68  ? -9.585  14.835  -3.124  1.00 36.62 ? 48  VAL A CG2   1 
ATOM   323  N N     . ASP A 1 69  ? -9.584  19.591  -3.987  1.00 38.54 ? 49  ASP A N     1 
ATOM   324  C CA    . ASP A 1 69  ? -9.604  20.760  -4.886  1.00 39.29 ? 49  ASP A CA    1 
ATOM   325  C C     . ASP A 1 69  ? -11.021 21.194  -5.294  1.00 39.78 ? 49  ASP A C     1 
ATOM   326  O O     . ASP A 1 69  ? -11.298 21.445  -6.485  1.00 39.97 ? 49  ASP A O     1 
ATOM   327  C CB    . ASP A 1 69  ? -8.784  20.499  -6.158  1.00 39.89 ? 49  ASP A CB    1 
ATOM   328  C CG    . ASP A 1 69  ? -7.312  20.235  -5.888  1.00 41.77 ? 49  ASP A CG    1 
ATOM   329  O OD1   . ASP A 1 69  ? -6.791  20.589  -4.805  1.00 42.68 ? 49  ASP A OD1   1 
ATOM   330  O OD2   . ASP A 1 69  ? -6.659  19.671  -6.801  1.00 45.89 ? 49  ASP A OD2   1 
ATOM   331  N N     . GLY A 1 70  ? -11.919 21.263  -4.316  1.00 39.41 ? 50  GLY A N     1 
ATOM   332  C CA    . GLY A 1 70  ? -13.284 21.702  -4.559  1.00 39.46 ? 50  GLY A CA    1 
ATOM   333  C C     . GLY A 1 70  ? -14.197 20.715  -5.279  1.00 39.34 ? 50  GLY A C     1 
ATOM   334  O O     . GLY A 1 70  ? -15.305 21.086  -5.698  1.00 40.31 ? 50  GLY A O     1 
ATOM   335  N N     . LYS A 1 71  ? -13.757 19.466  -5.415  1.00 38.87 ? 51  LYS A N     1 
ATOM   336  C CA    . LYS A 1 71  ? -14.524 18.456  -6.133  1.00 38.13 ? 51  LYS A CA    1 
ATOM   337  C C     . LYS A 1 71  ? -14.714 17.187  -5.289  1.00 36.91 ? 51  LYS A C     1 
ATOM   338  O O     . LYS A 1 71  ? -13.826 16.782  -4.540  1.00 36.37 ? 51  LYS A O     1 
ATOM   339  C CB    . LYS A 1 71  ? -13.849 18.134  -7.473  1.00 38.16 ? 51  LYS A CB    1 
ATOM   340  C CG    . LYS A 1 71  ? -13.997 19.261  -8.503  1.00 38.85 ? 51  LYS A CG    1 
ATOM   341  N N     . GLN A 1 72  ? -15.903 16.597  -5.421  1.00 35.79 ? 52  GLN A N     1 
ATOM   342  C CA    . GLN A 1 72  ? -16.292 15.384  -4.698  1.00 34.74 ? 52  GLN A CA    1 
ATOM   343  C C     . GLN A 1 72  ? -15.699 14.169  -5.391  1.00 33.86 ? 52  GLN A C     1 
ATOM   344  O O     . GLN A 1 72  ? -15.945 13.960  -6.583  1.00 33.20 ? 52  GLN A O     1 
ATOM   345  C CB    . GLN A 1 72  ? -17.815 15.250  -4.676  1.00 34.82 ? 52  GLN A CB    1 
ATOM   346  C CG    . GLN A 1 72  ? -18.508 16.241  -3.769  1.00 35.16 ? 52  GLN A CG    1 
ATOM   347  C CD    . GLN A 1 72  ? -18.078 16.049  -2.340  1.00 35.65 ? 52  GLN A CD    1 
ATOM   348  O OE1   . GLN A 1 72  ? -17.765 14.918  -1.900  1.00 34.60 ? 52  GLN A OE1   1 
ATOM   349  N NE2   . GLN A 1 72  ? -18.027 17.144  -1.605  1.00 37.69 ? 52  GLN A NE2   1 
ATOM   350  N N     . VAL A 1 73  ? -14.928 13.388  -4.632  1.00 32.82 ? 53  VAL A N     1 
ATOM   351  C CA    . VAL A 1 73  ? -14.281 12.184  -5.112  1.00 33.38 ? 53  VAL A CA    1 
ATOM   352  C C     . VAL A 1 73  ? -14.759 10.969  -4.311  1.00 33.18 ? 53  VAL A C     1 
ATOM   353  O O     . VAL A 1 73  ? -14.888 11.010  -3.084  1.00 33.13 ? 53  VAL A O     1 
ATOM   354  C CB    . VAL A 1 73  ? -12.718 12.294  -5.050  1.00 32.64 ? 53  VAL A CB    1 
ATOM   355  C CG1   . VAL A 1 73  ? -12.054 11.070  -5.679  1.00 33.39 ? 53  VAL A CG1   1 
ATOM   356  C CG2   . VAL A 1 73  ? -12.263 13.576  -5.740  1.00 33.31 ? 53  VAL A CG2   1 
ATOM   357  N N     . GLU A 1 74  ? -15.011 9.892   -5.041  1.00 33.44 ? 54  GLU A N     1 
ATOM   358  C CA    . GLU A 1 74  ? -15.333 8.602   -4.478  1.00 33.65 ? 54  GLU A CA    1 
ATOM   359  C C     . GLU A 1 74  ? -14.134 7.677   -4.708  1.00 33.51 ? 54  GLU A C     1 
ATOM   360  O O     . GLU A 1 74  ? -13.808 7.330   -5.851  1.00 32.47 ? 54  GLU A O     1 
ATOM   361  C CB    . GLU A 1 74  ? -16.568 8.071   -5.167  1.00 33.95 ? 54  GLU A CB    1 
ATOM   362  C CG    . GLU A 1 74  ? -17.115 6.828   -4.531  1.00 36.80 ? 54  GLU A CG    1 
ATOM   363  C CD    . GLU A 1 74  ? -18.242 6.218   -5.344  1.00 39.78 ? 54  GLU A CD    1 
ATOM   364  O OE1   . GLU A 1 74  ? -19.405 6.661   -5.178  1.00 35.36 ? 54  GLU A OE1   1 
ATOM   365  O OE2   . GLU A 1 74  ? -17.929 5.292   -6.140  1.00 42.82 ? 54  GLU A OE2   1 
ATOM   366  N N     . LEU A 1 75  ? -13.448 7.328   -3.624  1.00 32.73 ? 55  LEU A N     1 
ATOM   367  C CA    . LEU A 1 75  ? -12.298 6.460   -3.699  1.00 33.44 ? 55  LEU A CA    1 
ATOM   368  C C     . LEU A 1 75  ? -12.692 5.078   -3.220  1.00 33.95 ? 55  LEU A C     1 
ATOM   369  O O     . LEU A 1 75  ? -13.049 4.906   -2.046  1.00 33.69 ? 55  LEU A O     1 
ATOM   370  C CB    . LEU A 1 75  ? -11.136 7.003   -2.859  1.00 33.18 ? 55  LEU A CB    1 
ATOM   371  C CG    . LEU A 1 75  ? -9.821  6.225   -2.933  1.00 33.76 ? 55  LEU A CG    1 
ATOM   372  C CD1   . LEU A 1 75  ? -9.163  6.367   -4.308  1.00 32.59 ? 55  LEU A CD1   1 
ATOM   373  C CD2   . LEU A 1 75  ? -8.862  6.678   -1.831  1.00 34.63 ? 55  LEU A CD2   1 
ATOM   374  N N     . ALA A 1 76  ? -12.635 4.099   -4.128  1.00 33.84 ? 56  ALA A N     1 
ATOM   375  C CA    . ALA A 1 76  ? -12.914 2.699   -3.782  1.00 34.34 ? 56  ALA A CA    1 
ATOM   376  C C     . ALA A 1 76  ? -11.629 1.986   -3.339  1.00 34.31 ? 56  ALA A C     1 
ATOM   377  O O     . ALA A 1 76  ? -10.606 2.022   -4.042  1.00 34.93 ? 56  ALA A O     1 
ATOM   378  C CB    . ALA A 1 76  ? -13.610 1.967   -4.949  1.00 33.99 ? 56  ALA A CB    1 
ATOM   379  N N     . LEU A 1 77  ? -11.666 1.378   -2.152  1.00 34.68 ? 57  LEU A N     1 
ATOM   380  C CA    . LEU A 1 77  ? -10.475 0.756   -1.552  1.00 35.33 ? 57  LEU A CA    1 
ATOM   381  C C     . LEU A 1 77  ? -10.569 -0.789  -1.582  1.00 34.99 ? 57  LEU A C     1 
ATOM   382  O O     . LEU A 1 77  ? -11.506 -1.373  -1.034  1.00 34.34 ? 57  LEU A O     1 
ATOM   383  C CB    . LEU A 1 77  ? -10.271 1.255   -0.116  1.00 35.50 ? 57  LEU A CB    1 
ATOM   384  C CG    . LEU A 1 77  ? -10.232 2.781   0.111   1.00 37.64 ? 57  LEU A CG    1 
ATOM   385  C CD1   . LEU A 1 77  ? -10.379 3.090   1.619   1.00 40.78 ? 57  LEU A CD1   1 
ATOM   386  C CD2   . LEU A 1 77  ? -8.986  3.408   -0.450  1.00 39.46 ? 57  LEU A CD2   1 
ATOM   387  N N     . TRP A 1 78  ? -9.597  -1.417  -2.241  1.00 35.89 ? 58  TRP A N     1 
ATOM   388  C CA    . TRP A 1 78  ? -9.542  -2.872  -2.431  1.00 36.47 ? 58  TRP A CA    1 
ATOM   389  C C     . TRP A 1 78  ? -8.361  -3.455  -1.660  1.00 36.40 ? 58  TRP A C     1 
ATOM   390  O O     . TRP A 1 78  ? -7.268  -2.945  -1.740  1.00 36.81 ? 58  TRP A O     1 
ATOM   391  C CB    . TRP A 1 78  ? -9.429  -3.213  -3.918  1.00 36.21 ? 58  TRP A CB    1 
ATOM   392  C CG    . TRP A 1 78  ? -10.662 -2.862  -4.705  1.00 35.72 ? 58  TRP A CG    1 
ATOM   393  C CD1   . TRP A 1 78  ? -11.199 -1.610  -4.883  1.00 35.90 ? 58  TRP A CD1   1 
ATOM   394  C CD2   . TRP A 1 78  ? -11.517 -3.765  -5.394  1.00 35.20 ? 58  TRP A CD2   1 
ATOM   395  N NE1   . TRP A 1 78  ? -12.317 -1.682  -5.670  1.00 35.44 ? 58  TRP A NE1   1 
ATOM   396  C CE2   . TRP A 1 78  ? -12.551 -2.998  -5.984  1.00 37.08 ? 58  TRP A CE2   1 
ATOM   397  C CE3   . TRP A 1 78  ? -11.505 -5.153  -5.597  1.00 36.19 ? 58  TRP A CE3   1 
ATOM   398  C CZ2   . TRP A 1 78  ? -13.570 -3.579  -6.765  1.00 35.81 ? 58  TRP A CZ2   1 
ATOM   399  C CZ3   . TRP A 1 78  ? -12.519 -5.730  -6.362  1.00 36.06 ? 58  TRP A CZ3   1 
ATOM   400  C CH2   . TRP A 1 78  ? -13.542 -4.941  -6.935  1.00 36.48 ? 58  TRP A CH2   1 
ATOM   401  N N     . ASP A 1 79  ? -8.635  -4.481  -0.857  1.00 37.53 ? 59  ASP A N     1 
ATOM   402  C CA    . ASP A 1 79  ? -7.638  -5.207  -0.051  1.00 37.97 ? 59  ASP A CA    1 
ATOM   403  C C     . ASP A 1 79  ? -7.431  -6.564  -0.726  1.00 38.22 ? 59  ASP A C     1 
ATOM   404  O O     . ASP A 1 79  ? -8.387  -7.191  -1.152  1.00 38.32 ? 59  ASP A O     1 
ATOM   405  C CB    . ASP A 1 79  ? -8.164  -5.362  1.380   1.00 38.41 ? 59  ASP A CB    1 
ATOM   406  C CG    . ASP A 1 79  ? -7.089  -5.761  2.397   1.00 38.42 ? 59  ASP A CG    1 
ATOM   407  O OD1   . ASP A 1 79  ? -5.886  -5.928  2.052   1.00 39.83 ? 59  ASP A OD1   1 
ATOM   408  O OD2   . ASP A 1 79  ? -7.482  -5.914  3.585   1.00 39.25 ? 59  ASP A OD2   1 
ATOM   409  N N     . THR A 1 80  ? -6.178  -6.975  -0.905  1.00 38.59 ? 60  THR A N     1 
ATOM   410  C CA    . THR A 1 80  ? -5.865  -8.292  -1.467  1.00 38.71 ? 60  THR A CA    1 
ATOM   411  C C     . THR A 1 80  ? -5.524  -9.313  -0.375  1.00 38.66 ? 60  THR A C     1 
ATOM   412  O O     . THR A 1 80  ? -5.150  -10.443 -0.672  1.00 38.23 ? 60  THR A O     1 
ATOM   413  C CB    . THR A 1 80  ? -4.702  -8.223  -2.465  1.00 38.94 ? 60  THR A CB    1 
ATOM   414  O OG1   . THR A 1 80  ? -3.512  -7.724  -1.812  1.00 40.09 ? 60  THR A OG1   1 
ATOM   415  C CG2   . THR A 1 80  ? -5.099  -7.347  -3.642  1.00 39.44 ? 60  THR A CG2   1 
ATOM   416  N N     . ALA A 1 81  ? -5.658  -8.897  0.885   1.00 38.28 ? 61  ALA A N     1 
ATOM   417  C CA    . ALA A 1 81  ? -5.448  -9.779  2.023   1.00 38.25 ? 61  ALA A CA    1 
ATOM   418  C C     . ALA A 1 81  ? -6.332  -11.010 1.888   1.00 38.38 ? 61  ALA A C     1 
ATOM   419  O O     . ALA A 1 81  ? -7.488  -10.898 1.486   1.00 38.81 ? 61  ALA A O     1 
ATOM   420  C CB    . ALA A 1 81  ? -5.730  -9.054  3.304   1.00 37.92 ? 61  ALA A CB    1 
ATOM   421  N N     . GLY A 1 82  ? -5.765  -12.179 2.199   1.00 38.12 ? 62  GLY A N     1 
ATOM   422  C CA    . GLY A 1 82  ? -6.448  -13.450 2.030   1.00 38.25 ? 62  GLY A CA    1 
ATOM   423  C C     . GLY A 1 82  ? -6.435  -14.000 0.617   1.00 38.61 ? 62  GLY A C     1 
ATOM   424  O O     . GLY A 1 82  ? -6.987  -15.070 0.373   1.00 38.57 ? 62  GLY A O     1 
ATOM   425  N N     . GLN A 1 83  ? -5.811  -13.277 -0.317  1.00 38.46 ? 63  GLN A N     1 
ATOM   426  C CA    . GLN A 1 83  ? -5.662  -13.749 -1.688  1.00 39.24 ? 63  GLN A CA    1 
ATOM   427  C C     . GLN A 1 83  ? -4.200  -13.912 -2.117  1.00 38.35 ? 63  GLN A C     1 
ATOM   428  O O     . GLN A 1 83  ? -3.943  -14.199 -3.279  1.00 37.98 ? 63  GLN A O     1 
ATOM   429  C CB    . GLN A 1 83  ? -6.318  -12.768 -2.663  1.00 39.52 ? 63  GLN A CB    1 
ATOM   430  C CG    . GLN A 1 83  ? -7.800  -12.576 -2.517  1.00 41.25 ? 63  GLN A CG    1 
ATOM   431  C CD    . GLN A 1 83  ? -8.321  -11.580 -3.554  1.00 41.30 ? 63  GLN A CD    1 
ATOM   432  O OE1   . GLN A 1 83  ? -7.845  -10.425 -3.650  1.00 45.89 ? 63  GLN A OE1   1 
ATOM   433  N NE2   . GLN A 1 83  ? -9.283  -12.030 -4.360  1.00 44.46 ? 63  GLN A NE2   1 
ATOM   434  N N     . GLU A 1 84  ? -3.259  -13.727 -1.195  1.00 37.88 ? 64  GLU A N     1 
ATOM   435  C CA    . GLU A 1 84  ? -1.816  -13.743 -1.520  1.00 37.71 ? 64  GLU A CA    1 
ATOM   436  C C     . GLU A 1 84  ? -1.353  -15.085 -2.093  1.00 37.39 ? 64  GLU A C     1 
ATOM   437  O O     . GLU A 1 84  ? -0.413  -15.122 -2.880  1.00 37.77 ? 64  GLU A O     1 
ATOM   438  C CB    . GLU A 1 84  ? -0.953  -13.389 -0.288  1.00 37.62 ? 64  GLU A CB    1 
ATOM   439  C CG    . GLU A 1 84  ? -1.159  -11.970 0.312   1.00 37.37 ? 64  GLU A CG    1 
ATOM   440  C CD    . GLU A 1 84  ? -2.260  -11.911 1.374   1.00 38.14 ? 64  GLU A CD    1 
ATOM   441  O OE1   . GLU A 1 84  ? -3.106  -12.829 1.419   1.00 37.25 ? 64  GLU A OE1   1 
ATOM   442  O OE2   . GLU A 1 84  ? -2.288  -10.945 2.165   1.00 39.62 ? 64  GLU A OE2   1 
ATOM   443  N N     . ASP A 1 85  ? -2.024  -16.171 -1.706  1.00 36.91 ? 65  ASP A N     1 
ATOM   444  C CA    . ASP A 1 85  ? -1.703  -17.540 -2.164  1.00 36.77 ? 65  ASP A CA    1 
ATOM   445  C C     . ASP A 1 85  ? -2.582  -18.032 -3.315  1.00 35.86 ? 65  ASP A C     1 
ATOM   446  O O     . ASP A 1 85  ? -2.448  -19.178 -3.752  1.00 35.82 ? 65  ASP A O     1 
ATOM   447  C CB    . ASP A 1 85  ? -1.906  -18.537 -1.023  1.00 37.07 ? 65  ASP A CB    1 
ATOM   448  C CG    . ASP A 1 85  ? -0.872  -18.419 0.067   1.00 38.59 ? 65  ASP A CG    1 
ATOM   449  O OD1   . ASP A 1 85  ? -0.947  -19.255 0.985   1.00 42.13 ? 65  ASP A OD1   1 
ATOM   450  O OD2   . ASP A 1 85  ? -0.016  -17.521 0.032   1.00 41.23 ? 65  ASP A OD2   1 
ATOM   451  N N     . TYR A 1 86  ? -3.471  -17.181 -3.811  1.00 35.16 ? 66  TYR A N     1 
ATOM   452  C CA    . TYR A 1 86  ? -4.499  -17.622 -4.746  1.00 34.61 ? 66  TYR A CA    1 
ATOM   453  C C     . TYR A 1 86  ? -4.300  -16.891 -6.045  1.00 34.14 ? 66  TYR A C     1 
ATOM   454  O O     . TYR A 1 86  ? -4.908  -15.861 -6.288  1.00 33.70 ? 66  TYR A O     1 
ATOM   455  C CB    . TYR A 1 86  ? -5.877  -17.368 -4.141  1.00 35.06 ? 66  TYR A CB    1 
ATOM   456  C CG    . TYR A 1 86  ? -6.080  -18.210 -2.914  1.00 35.82 ? 66  TYR A CG    1 
ATOM   457  C CD1   . TYR A 1 86  ? -6.275  -19.582 -3.021  1.00 36.44 ? 66  TYR A CD1   1 
ATOM   458  C CD2   . TYR A 1 86  ? -6.002  -17.656 -1.640  1.00 36.58 ? 66  TYR A CD2   1 
ATOM   459  C CE1   . TYR A 1 86  ? -6.423  -20.384 -1.886  1.00 35.95 ? 66  TYR A CE1   1 
ATOM   460  C CE2   . TYR A 1 86  ? -6.163  -18.441 -0.509  1.00 36.42 ? 66  TYR A CE2   1 
ATOM   461  C CZ    . TYR A 1 86  ? -6.368  -19.803 -0.634  1.00 35.97 ? 66  TYR A CZ    1 
ATOM   462  O OH    . TYR A 1 86  ? -6.516  -20.565 0.499   1.00 35.90 ? 66  TYR A OH    1 
ATOM   463  N N     . ASP A 1 87  ? -3.421  -17.442 -6.876  1.00 33.32 ? 67  ASP A N     1 
ATOM   464  C CA    . ASP A 1 87  ? -2.936  -16.742 -8.050  1.00 33.20 ? 67  ASP A CA    1 
ATOM   465  C C     . ASP A 1 87  ? -3.971  -16.504 -9.120  1.00 32.56 ? 67  ASP A C     1 
ATOM   466  O O     . ASP A 1 87  ? -3.846  -15.559 -9.865  1.00 32.32 ? 67  ASP A O     1 
ATOM   467  C CB    . ASP A 1 87  ? -1.752  -17.483 -8.659  1.00 33.69 ? 67  ASP A CB    1 
ATOM   468  C CG    . ASP A 1 87  ? -0.553  -17.486 -7.744  1.00 34.76 ? 67  ASP A CG    1 
ATOM   469  O OD1   . ASP A 1 87  ? -0.501  -16.641 -6.821  1.00 37.06 ? 67  ASP A OD1   1 
ATOM   470  O OD2   . ASP A 1 87  ? 0.320   -18.340 -7.940  1.00 38.17 ? 67  ASP A OD2   1 
ATOM   471  N N     . ARG A 1 88  ? -4.995  -17.331 -9.195  1.00 31.97 ? 68  ARG A N     1 
ATOM   472  C CA    . ARG A 1 88  ? -6.053  -17.074 -10.151 1.00 32.75 ? 68  ARG A CA    1 
ATOM   473  C C     . ARG A 1 88  ? -7.093  -16.074 -9.645  1.00 32.73 ? 68  ARG A C     1 
ATOM   474  O O     . ARG A 1 88  ? -7.605  -15.295 -10.432 1.00 33.16 ? 68  ARG A O     1 
ATOM   475  C CB    . ARG A 1 88  ? -6.704  -18.376 -10.606 1.00 32.62 ? 68  ARG A CB    1 
ATOM   476  C CG    . ARG A 1 88  ? -5.804  -19.264 -11.451 1.00 33.73 ? 68  ARG A CG    1 
ATOM   477  C CD    . ARG A 1 88  ? -5.132  -18.508 -12.592 1.00 35.78 ? 68  ARG A CD    1 
ATOM   478  N NE    . ARG A 1 88  ? -5.246  -19.226 -13.848 1.00 37.45 ? 68  ARG A NE    1 
ATOM   479  C CZ    . ARG A 1 88  ? -5.707  -18.703 -14.985 1.00 39.46 ? 68  ARG A CZ    1 
ATOM   480  N NH1   . ARG A 1 88  ? -6.096  -17.430 -15.071 1.00 40.65 ? 68  ARG A NH1   1 
ATOM   481  N NH2   . ARG A 1 88  ? -5.762  -19.462 -16.063 1.00 39.90 ? 68  ARG A NH2   1 
ATOM   482  N N     . LEU A 1 89  ? -7.394  -16.076 -8.344  1.00 32.89 ? 69  LEU A N     1 
ATOM   483  C CA    . LEU A 1 89  ? -8.343  -15.105 -7.776  1.00 32.55 ? 69  LEU A CA    1 
ATOM   484  C C     . LEU A 1 89  ? -7.800  -13.680 -7.644  1.00 32.87 ? 69  LEU A C     1 
ATOM   485  O O     . LEU A 1 89  ? -8.479  -12.716 -8.029  1.00 32.78 ? 69  LEU A O     1 
ATOM   486  C CB    . LEU A 1 89  ? -8.884  -15.590 -6.415  1.00 32.67 ? 69  LEU A CB    1 
ATOM   487  C CG    . LEU A 1 89  ? -9.690  -16.871 -6.388  1.00 32.09 ? 69  LEU A CG    1 
ATOM   488  C CD1   . LEU A 1 89  ? -10.119 -17.166 -4.915  1.00 31.29 ? 69  LEU A CD1   1 
ATOM   489  C CD2   . LEU A 1 89  ? -10.875 -16.807 -7.324  1.00 30.30 ? 69  LEU A CD2   1 
ATOM   490  N N     . ARG A 1 90  ? -6.562  -13.553 -7.156  1.00 33.00 ? 70  ARG A N     1 
ATOM   491  C CA    . ARG A 1 90  ? -6.020  -12.287 -6.754  1.00 33.83 ? 70  ARG A CA    1 
ATOM   492  C C     . ARG A 1 90  ? -6.101  -11.219 -7.864  1.00 33.79 ? 70  ARG A C     1 
ATOM   493  O O     . ARG A 1 90  ? -6.557  -10.113 -7.601  1.00 32.55 ? 70  ARG A O     1 
ATOM   494  C CB    . ARG A 1 90  ? -4.576  -12.458 -6.236  1.00 33.76 ? 70  ARG A CB    1 
ATOM   495  C CG    . ARG A 1 90  ? -4.004  -11.222 -5.549  1.00 35.56 ? 70  ARG A CG    1 
ATOM   496  C CD    . ARG A 1 90  ? -2.614  -11.482 -4.992  1.00 34.91 ? 70  ARG A CD    1 
ATOM   497  N NE    . ARG A 1 90  ? -1.719  -12.004 -6.023  1.00 36.58 ? 70  ARG A NE    1 
ATOM   498  C CZ    . ARG A 1 90  ? -1.308  -13.267 -6.118  1.00 35.73 ? 70  ARG A CZ    1 
ATOM   499  N NH1   . ARG A 1 90  ? -0.492  -13.610 -7.100  1.00 36.90 ? 70  ARG A NH1   1 
ATOM   500  N NH2   . ARG A 1 90  ? -1.713  -14.198 -5.272  1.00 35.90 ? 70  ARG A NH2   1 
ATOM   501  N N     . PRO A 1 91  ? -5.663  -11.545 -9.106  1.00 34.06 ? 71  PRO A N     1 
ATOM   502  C CA    . PRO A 1 91  ? -5.713  -10.528 -10.182 1.00 33.90 ? 71  PRO A CA    1 
ATOM   503  C C     . PRO A 1 91  ? -7.116  -10.023 -10.611 1.00 34.04 ? 71  PRO A C     1 
ATOM   504  O O     . PRO A 1 91  ? -7.208  -9.077  -11.394 1.00 32.73 ? 71  PRO A O     1 
ATOM   505  C CB    . PRO A 1 91  ? -5.035  -11.226 -11.359 1.00 34.20 ? 71  PRO A CB    1 
ATOM   506  C CG    . PRO A 1 91  ? -4.256  -12.355 -10.756 1.00 34.56 ? 71  PRO A CG    1 
ATOM   507  C CD    . PRO A 1 91  ? -5.087  -12.812 -9.606  1.00 34.40 ? 71  PRO A CD    1 
ATOM   508  N N     . LEU A 1 92  ? -8.181  -10.658 -10.127 1.00 34.07 ? 72  LEU A N     1 
ATOM   509  C CA    . LEU A 1 92  ? -9.537  -10.149 -10.350 1.00 34.75 ? 72  LEU A CA    1 
ATOM   510  C C     . LEU A 1 92  ? -9.756  -8.811  -9.597  1.00 35.25 ? 72  LEU A C     1 
ATOM   511  O O     . LEU A 1 92  ? -10.700 -8.091  -9.891  1.00 35.71 ? 72  LEU A O     1 
ATOM   512  C CB    . LEU A 1 92  ? -10.601 -11.198 -9.975  1.00 34.54 ? 72  LEU A CB    1 
ATOM   513  C CG    . LEU A 1 92  ? -10.572 -12.578 -10.671 1.00 34.45 ? 72  LEU A CG    1 
ATOM   514  C CD1   . LEU A 1 92  ? -11.732 -13.437 -10.222 1.00 32.86 ? 72  LEU A CD1   1 
ATOM   515  C CD2   . LEU A 1 92  ? -10.595 -12.498 -12.194 1.00 35.31 ? 72  LEU A CD2   1 
ATOM   516  N N     . SER A 1 93  ? -8.869  -8.464  -8.663  1.00 35.60 ? 73  SER A N     1 
ATOM   517  C CA    . SER A 1 93  ? -8.903  -7.132  -8.023  1.00 36.05 ? 73  SER A CA    1 
ATOM   518  C C     . SER A 1 93  ? -8.320  -6.004  -8.888  1.00 35.79 ? 73  SER A C     1 
ATOM   519  O O     . SER A 1 93  ? -8.496  -4.826  -8.558  1.00 36.33 ? 73  SER A O     1 
ATOM   520  C CB    . SER A 1 93  ? -8.178  -7.157  -6.677  1.00 37.03 ? 73  SER A CB    1 
ATOM   521  O OG    . SER A 1 93  ? -8.941  -7.824  -5.664  1.00 38.34 ? 73  SER A OG    1 
ATOM   522  N N     . TYR A 1 94  ? -7.615  -6.339  -9.975  1.00 34.97 ? 74  TYR A N     1 
ATOM   523  C CA    . TYR A 1 94  ? -6.825  -5.316  -10.703 1.00 34.76 ? 74  TYR A CA    1 
ATOM   524  C C     . TYR A 1 94  ? -7.533  -4.458  -11.746 1.00 33.94 ? 74  TYR A C     1 
ATOM   525  O O     . TYR A 1 94  ? -7.125  -3.319  -11.948 1.00 34.34 ? 74  TYR A O     1 
ATOM   526  C CB    . TYR A 1 94  ? -5.543  -5.904  -11.325 1.00 35.15 ? 74  TYR A CB    1 
ATOM   527  C CG    . TYR A 1 94  ? -4.537  -6.393  -10.316 1.00 36.58 ? 74  TYR A CG    1 
ATOM   528  C CD1   . TYR A 1 94  ? -4.162  -5.597  -9.238  1.00 38.00 ? 74  TYR A CD1   1 
ATOM   529  C CD2   . TYR A 1 94  ? -3.947  -7.661  -10.439 1.00 36.32 ? 74  TYR A CD2   1 
ATOM   530  C CE1   . TYR A 1 94  ? -3.230  -6.047  -8.304  1.00 39.17 ? 74  TYR A CE1   1 
ATOM   531  C CE2   . TYR A 1 94  ? -3.016  -8.119  -9.511  1.00 35.77 ? 74  TYR A CE2   1 
ATOM   532  C CZ    . TYR A 1 94  ? -2.660  -7.303  -8.445  1.00 37.52 ? 74  TYR A CZ    1 
ATOM   533  O OH    . TYR A 1 94  ? -1.746  -7.724  -7.497  1.00 37.56 ? 74  TYR A OH    1 
ATOM   534  N N     . PRO A 1 95  ? -8.570  -4.973  -12.419 1.00 33.84 ? 75  PRO A N     1 
ATOM   535  C CA    . PRO A 1 95  ? -9.151  -4.091  -13.421 1.00 34.73 ? 75  PRO A CA    1 
ATOM   536  C C     . PRO A 1 95  ? -9.601  -2.704  -12.944 1.00 35.31 ? 75  PRO A C     1 
ATOM   537  O O     . PRO A 1 95  ? -10.133 -2.560  -11.838 1.00 35.53 ? 75  PRO A O     1 
ATOM   538  C CB    . PRO A 1 95  ? -10.332 -4.902  -13.978 1.00 35.12 ? 75  PRO A CB    1 
ATOM   539  C CG    . PRO A 1 95  ? -9.956  -6.327  -13.719 1.00 34.61 ? 75  PRO A CG    1 
ATOM   540  C CD    . PRO A 1 95  ? -9.187  -6.310  -12.429 1.00 33.86 ? 75  PRO A CD    1 
ATOM   541  N N     . ASP A 1 96  ? -9.372  -1.715  -13.813 1.00 36.11 ? 76  ASP A N     1 
ATOM   542  C CA    . ASP A 1 96  ? -9.749  -0.303  -13.631 1.00 36.23 ? 76  ASP A CA    1 
ATOM   543  C C     . ASP A 1 96  ? -9.020  0.382   -12.464 1.00 36.14 ? 76  ASP A C     1 
ATOM   544  O O     . ASP A 1 96  ? -9.499  1.409   -11.961 1.00 35.91 ? 76  ASP A O     1 
ATOM   545  C CB    . ASP A 1 96  ? -11.266 -0.151  -13.441 1.00 37.21 ? 76  ASP A CB    1 
ATOM   546  C CG    . ASP A 1 96  ? -12.086 -0.920  -14.473 1.00 39.08 ? 76  ASP A CG    1 
ATOM   547  O OD1   . ASP A 1 96  ? -11.996 -0.628  -15.682 1.00 41.48 ? 76  ASP A OD1   1 
ATOM   548  O OD2   . ASP A 1 96  ? -12.872 -1.804  -14.055 1.00 46.16 ? 76  ASP A OD2   1 
ATOM   549  N N     . THR A 1 97  ? -7.891  -0.179  -12.008 1.00 35.33 ? 77  THR A N     1 
ATOM   550  C CA    . THR A 1 97  ? -7.134  0.407   -10.876 1.00 35.21 ? 77  THR A CA    1 
ATOM   551  C C     . THR A 1 97  ? -6.467  1.735   -11.274 1.00 34.52 ? 77  THR A C     1 
ATOM   552  O O     . THR A 1 97  ? -5.908  1.839   -12.369 1.00 34.42 ? 77  THR A O     1 
ATOM   553  C CB    . THR A 1 97  ? -6.056  -0.580  -10.357 1.00 35.30 ? 77  THR A CB    1 
ATOM   554  O OG1   . THR A 1 97  ? -6.701  -1.754  -9.812  1.00 37.48 ? 77  THR A OG1   1 
ATOM   555  C CG2   . THR A 1 97  ? -5.184  0.081   -9.259  1.00 35.68 ? 77  THR A CG2   1 
ATOM   556  N N     . ASP A 1 98  ? -6.535  2.730   -10.387 1.00 34.22 ? 78  ASP A N     1 
ATOM   557  C CA    . ASP A 1 98  ? -5.959  4.080   -10.618 1.00 33.94 ? 78  ASP A CA    1 
ATOM   558  C C     . ASP A 1 98  ? -4.697  4.346   -9.784  1.00 33.22 ? 78  ASP A C     1 
ATOM   559  O O     . ASP A 1 98  ? -3.904  5.212   -10.086 1.00 32.86 ? 78  ASP A O     1 
ATOM   560  C CB    . ASP A 1 98  ? -7.032  5.132   -10.306 1.00 34.10 ? 78  ASP A CB    1 
ATOM   561  C CG    . ASP A 1 98  ? -8.221  5.020   -11.224 1.00 34.22 ? 78  ASP A CG    1 
ATOM   562  O OD1   . ASP A 1 98  ? -8.015  5.123   -12.463 1.00 34.37 ? 78  ASP A OD1   1 
ATOM   563  O OD2   . ASP A 1 98  ? -9.348  4.779   -10.729 1.00 31.78 ? 78  ASP A OD2   1 
ATOM   564  N N     . VAL A 1 99  ? -4.509  3.576   -8.728  1.00 33.82 ? 79  VAL A N     1 
ATOM   565  C CA    . VAL A 1 99  ? -3.316  3.693   -7.897  1.00 33.90 ? 79  VAL A CA    1 
ATOM   566  C C     . VAL A 1 99  ? -3.145  2.397   -7.076  1.00 34.92 ? 79  VAL A C     1 
ATOM   567  O O     . VAL A 1 99  ? -4.129  1.761   -6.701  1.00 35.09 ? 79  VAL A O     1 
ATOM   568  C CB    . VAL A 1 99  ? -3.402  4.931   -6.984  1.00 33.93 ? 79  VAL A CB    1 
ATOM   569  C CG1   . VAL A 1 99  ? -4.588  4.849   -6.065  1.00 32.63 ? 79  VAL A CG1   1 
ATOM   570  C CG2   . VAL A 1 99  ? -2.089  5.145   -6.182  1.00 34.22 ? 79  VAL A CG2   1 
ATOM   571  N N     . ILE A 1 100 ? -1.884  2.011   -6.865  1.00 35.71 ? 80  ILE A N     1 
ATOM   572  C CA    . ILE A 1 100 ? -1.507  0.844   -6.080  1.00 35.80 ? 80  ILE A CA    1 
ATOM   573  C C     . ILE A 1 100 ? -0.717  1.304   -4.842  1.00 35.51 ? 80  ILE A C     1 
ATOM   574  O O     . ILE A 1 100 ? 0.209   2.086   -4.962  1.00 34.96 ? 80  ILE A O     1 
ATOM   575  C CB    . ILE A 1 100 ? -0.619  -0.097  -6.937  1.00 35.22 ? 80  ILE A CB    1 
ATOM   576  C CG1   . ILE A 1 100 ? -1.410  -0.715  -8.093  1.00 36.63 ? 80  ILE A CG1   1 
ATOM   577  C CG2   . ILE A 1 100 ? 0.049   -1.175  -6.092  1.00 35.70 ? 80  ILE A CG2   1 
ATOM   578  C CD1   . ILE A 1 100 ? -2.230  -1.951  -7.760  1.00 37.05 ? 80  ILE A CD1   1 
ATOM   579  N N     . LEU A 1 101 ? -1.126  0.834   -3.669  1.00 36.62 ? 81  LEU A N     1 
ATOM   580  C CA    . LEU A 1 101 ? -0.309  0.862   -2.464  1.00 36.84 ? 81  LEU A CA    1 
ATOM   581  C C     . LEU A 1 101 ? 0.368   -0.489  -2.379  1.00 37.53 ? 81  LEU A C     1 
ATOM   582  O O     . LEU A 1 101 ? -0.283  -1.504  -2.165  1.00 38.25 ? 81  LEU A O     1 
ATOM   583  C CB    . LEU A 1 101 ? -1.154  1.093   -1.213  1.00 37.37 ? 81  LEU A CB    1 
ATOM   584  C CG    . LEU A 1 101 ? -1.861  2.436   -1.081  1.00 37.39 ? 81  LEU A CG    1 
ATOM   585  C CD1   . LEU A 1 101 ? -2.497  2.577   0.310   1.00 37.23 ? 81  LEU A CD1   1 
ATOM   586  C CD2   . LEU A 1 101 ? -0.965  3.630   -1.387  1.00 36.01 ? 81  LEU A CD2   1 
ATOM   587  N N     . MET A 1 102 ? 1.679   -0.488  -2.539  1.00 37.58 ? 82  MET A N     1 
ATOM   588  C CA    . MET A 1 102 ? 2.481   -1.697  -2.488  1.00 37.97 ? 82  MET A CA    1 
ATOM   589  C C     . MET A 1 102 ? 3.255   -1.701  -1.194  1.00 37.04 ? 82  MET A C     1 
ATOM   590  O O     . MET A 1 102 ? 4.182   -0.898  -0.989  1.00 35.70 ? 82  MET A O     1 
ATOM   591  C CB    . MET A 1 102 ? 3.429   -1.748  -3.670  1.00 37.62 ? 82  MET A CB    1 
ATOM   592  C CG    . MET A 1 102 ? 4.053   -3.128  -3.913  1.00 38.93 ? 82  MET A CG    1 
ATOM   593  S SD    . MET A 1 102 ? 5.091   -3.048  -5.365  1.00 41.62 ? 82  MET A SD    1 
ATOM   594  C CE    . MET A 1 102 ? 3.850   -3.176  -6.670  1.00 41.16 ? 82  MET A CE    1 
ATOM   595  N N     . CYS A 1 103 ? 2.833   -2.593  -0.309  1.00 37.07 ? 83  CYS A N     1 
ATOM   596  C CA    . CYS A 1 103 ? 3.280   -2.603  1.062   1.00 36.85 ? 83  CYS A CA    1 
ATOM   597  C C     . CYS A 1 103 ? 4.332   -3.671  1.370   1.00 36.54 ? 83  CYS A C     1 
ATOM   598  O O     . CYS A 1 103 ? 4.376   -4.749  0.751   1.00 35.62 ? 83  CYS A O     1 
ATOM   599  C CB    . CYS A 1 103 ? 2.070   -2.782  1.974   1.00 37.01 ? 83  CYS A CB    1 
ATOM   600  S SG    . CYS A 1 103 ? 0.853   -1.498  1.766   1.00 37.24 ? 83  CYS A SG    1 
ATOM   601  N N     . PHE A 1 104 ? 5.202   -3.319  2.311   1.00 35.81 ? 84  PHE A N     1 
ATOM   602  C CA    . PHE A 1 104 ? 6.038   -4.266  3.016   1.00 36.00 ? 84  PHE A CA    1 
ATOM   603  C C     . PHE A 1 104 ? 6.031   -3.809  4.479   1.00 36.24 ? 84  PHE A C     1 
ATOM   604  O O     . PHE A 1 104 ? 5.559   -2.720  4.785   1.00 35.84 ? 84  PHE A O     1 
ATOM   605  C CB    . PHE A 1 104 ? 7.458   -4.337  2.425   1.00 36.27 ? 84  PHE A CB    1 
ATOM   606  C CG    . PHE A 1 104 ? 8.272   -3.091  2.621   1.00 36.60 ? 84  PHE A CG    1 
ATOM   607  C CD1   . PHE A 1 104 ? 9.071   -2.932  3.759   1.00 36.77 ? 84  PHE A CD1   1 
ATOM   608  C CD2   . PHE A 1 104 ? 8.266   -2.083  1.659   1.00 37.11 ? 84  PHE A CD2   1 
ATOM   609  C CE1   . PHE A 1 104 ? 9.813   -1.795  3.941   1.00 35.81 ? 84  PHE A CE1   1 
ATOM   610  C CE2   . PHE A 1 104 ? 9.010   -0.931  1.836   1.00 36.87 ? 84  PHE A CE2   1 
ATOM   611  C CZ    . PHE A 1 104 ? 9.787   -0.785  2.978   1.00 36.87 ? 84  PHE A CZ    1 
ATOM   612  N N     . SER A 1 105 ? 6.533   -4.648  5.381   1.00 36.41 ? 85  SER A N     1 
ATOM   613  C CA    . SER A 1 105 ? 6.522   -4.351  6.804   1.00 36.35 ? 85  SER A CA    1 
ATOM   614  C C     . SER A 1 105 ? 7.963   -4.285  7.294   1.00 35.69 ? 85  SER A C     1 
ATOM   615  O O     . SER A 1 105 ? 8.801   -5.062  6.840   1.00 35.16 ? 85  SER A O     1 
ATOM   616  C CB    . SER A 1 105 ? 5.754   -5.449  7.541   1.00 36.71 ? 85  SER A CB    1 
ATOM   617  O OG    . SER A 1 105 ? 5.813   -5.263  8.944   1.00 39.44 ? 85  SER A OG    1 
ATOM   618  N N     . VAL A 1 106 ? 8.247   -3.376  8.224   1.00 35.61 ? 86  VAL A N     1 
ATOM   619  C CA    . VAL A 1 106 ? 9.634   -3.181  8.695   1.00 35.36 ? 86  VAL A CA    1 
ATOM   620  C C     . VAL A 1 106 ? 10.149  -4.369  9.508   1.00 35.47 ? 86  VAL A C     1 
ATOM   621  O O     . VAL A 1 106 ? 11.373  -4.522  9.649   1.00 35.46 ? 86  VAL A O     1 
ATOM   622  C CB    . VAL A 1 106 ? 9.841   -1.865  9.508   1.00 35.24 ? 86  VAL A CB    1 
ATOM   623  C CG1   . VAL A 1 106 ? 9.438   -0.651  8.695   1.00 34.45 ? 86  VAL A CG1   1 
ATOM   624  C CG2   . VAL A 1 106 ? 9.096   -1.905  10.837  1.00 35.35 ? 86  VAL A CG2   1 
ATOM   625  N N     . ASP A 1 107 ? 9.235   -5.202  10.030  1.00 35.59 ? 87  ASP A N     1 
ATOM   626  C CA    . ASP A 1 107 ? 9.601   -6.411  10.797  1.00 35.75 ? 87  ASP A CA    1 
ATOM   627  C C     . ASP A 1 107 ? 9.934   -7.619  9.913   1.00 35.50 ? 87  ASP A C     1 
ATOM   628  O O     . ASP A 1 107 ? 10.149  -8.725  10.415  1.00 35.47 ? 87  ASP A O     1 
ATOM   629  C CB    . ASP A 1 107 ? 8.516   -6.773  11.846  1.00 36.03 ? 87  ASP A CB    1 
ATOM   630  C CG    . ASP A 1 107 ? 7.201   -7.269  11.230  1.00 37.45 ? 87  ASP A CG    1 
ATOM   631  O OD1   . ASP A 1 107 ? 6.860   -6.883  10.105  1.00 41.42 ? 87  ASP A OD1   1 
ATOM   632  O OD2   . ASP A 1 107 ? 6.474   -8.024  11.898  1.00 39.80 ? 87  ASP A OD2   1 
ATOM   633  N N     . SER A 1 108 ? 9.992   -7.396  8.602   1.00 35.40 ? 88  SER A N     1 
ATOM   634  C CA    . SER A 1 108 ? 10.102  -8.466  7.628   1.00 35.01 ? 88  SER A CA    1 
ATOM   635  C C     . SER A 1 108 ? 10.854  -7.997  6.374   1.00 34.80 ? 88  SER A C     1 
ATOM   636  O O     . SER A 1 108 ? 10.250  -7.447  5.442   1.00 34.52 ? 88  SER A O     1 
ATOM   637  C CB    . SER A 1 108 ? 8.703   -8.962  7.260   1.00 34.74 ? 88  SER A CB    1 
ATOM   638  O OG    . SER A 1 108 ? 8.782   -10.071 6.386   1.00 35.33 ? 88  SER A OG    1 
ATOM   639  N N     . PRO A 1 109 ? 12.184  -8.197  6.353   1.00 34.78 ? 89  PRO A N     1 
ATOM   640  C CA    . PRO A 1 109 ? 12.988  -7.980  5.144   1.00 34.94 ? 89  PRO A CA    1 
ATOM   641  C C     . PRO A 1 109 ? 12.534  -8.824  3.955   1.00 35.01 ? 89  PRO A C     1 
ATOM   642  O O     . PRO A 1 109 ? 12.618  -8.375  2.816   1.00 35.22 ? 89  PRO A O     1 
ATOM   643  C CB    . PRO A 1 109 ? 14.398  -8.394  5.584   1.00 34.77 ? 89  PRO A CB    1 
ATOM   644  C CG    . PRO A 1 109 ? 14.398  -8.224  7.046   1.00 34.76 ? 89  PRO A CG    1 
ATOM   645  C CD    . PRO A 1 109 ? 13.033  -8.602  7.492   1.00 34.79 ? 89  PRO A CD    1 
ATOM   646  N N     . ASP A 1 110 ? 12.045  -10.030 4.224   1.00 35.33 ? 90  ASP A N     1 
ATOM   647  C CA    . ASP A 1 110 ? 11.540  -10.908 3.168   1.00 35.58 ? 90  ASP A CA    1 
ATOM   648  C C     . ASP A 1 110 ? 10.403  -10.230 2.405   1.00 34.92 ? 90  ASP A C     1 
ATOM   649  O O     . ASP A 1 110 ? 10.339  -10.322 1.184   1.00 34.70 ? 90  ASP A O     1 
ATOM   650  C CB    . ASP A 1 110 ? 11.058  -12.247 3.752   1.00 36.13 ? 90  ASP A CB    1 
ATOM   651  C CG    . ASP A 1 110 ? 11.394  -13.438 2.860   1.00 38.03 ? 90  ASP A CG    1 
ATOM   652  O OD1   . ASP A 1 110 ? 10.494  -13.929 2.139   1.00 42.15 ? 90  ASP A OD1   1 
ATOM   653  O OD2   . ASP A 1 110 ? 12.566  -13.885 2.894   1.00 41.77 ? 90  ASP A OD2   1 
ATOM   654  N N     . SER A 1 111 ? 9.516   -9.548  3.133   1.00 34.59 ? 91  SER A N     1 
ATOM   655  C CA    . SER A 1 111 ? 8.418   -8.772  2.522   1.00 34.04 ? 91  SER A CA    1 
ATOM   656  C C     . SER A 1 111 ? 8.920   -7.660  1.590   1.00 33.87 ? 91  SER A C     1 
ATOM   657  O O     . SER A 1 111 ? 8.310   -7.380  0.557   1.00 32.38 ? 91  SER A O     1 
ATOM   658  C CB    . SER A 1 111 ? 7.454   -8.230  3.596   1.00 33.85 ? 91  SER A CB    1 
ATOM   659  O OG    . SER A 1 111 ? 8.045   -7.231  4.419   1.00 34.61 ? 91  SER A OG    1 
ATOM   660  N N     . LEU A 1 112 ? 10.051  -7.054  1.936   1.00 34.29 ? 92  LEU A N     1 
ATOM   661  C CA    . LEU A 1 112 ? 10.694  -6.088  1.050   1.00 34.94 ? 92  LEU A CA    1 
ATOM   662  C C     . LEU A 1 112 ? 11.327  -6.771  -0.174  1.00 35.09 ? 92  LEU A C     1 
ATOM   663  O O     . LEU A 1 112 ? 11.225  -6.262  -1.286  1.00 34.45 ? 92  LEU A O     1 
ATOM   664  C CB    . LEU A 1 112 ? 11.737  -5.260  1.812   1.00 34.83 ? 92  LEU A CB    1 
ATOM   665  C CG    . LEU A 1 112 ? 12.497  -4.198  1.007   1.00 35.57 ? 92  LEU A CG    1 
ATOM   666  C CD1   . LEU A 1 112 ? 11.536  -3.126  0.511   1.00 35.94 ? 92  LEU A CD1   1 
ATOM   667  C CD2   . LEU A 1 112 ? 13.640  -3.594  1.835   1.00 34.67 ? 92  LEU A CD2   1 
ATOM   668  N N     . GLU A 1 113 ? 11.987  -7.912  0.019   1.00 36.01 ? 93  GLU A N     1 
ATOM   669  C CA    . GLU A 1 113 ? 12.609  -8.599  -1.121  1.00 36.56 ? 93  GLU A CA    1 
ATOM   670  C C     . GLU A 1 113 ? 11.545  -9.064  -2.119  1.00 36.36 ? 93  GLU A C     1 
ATOM   671  O O     . GLU A 1 113 ? 11.786  -9.098  -3.322  1.00 36.35 ? 93  GLU A O     1 
ATOM   672  C CB    . GLU A 1 113 ? 13.460  -9.791  -0.678  1.00 36.86 ? 93  GLU A CB    1 
ATOM   673  C CG    . GLU A 1 113 ? 14.163  -10.527 -1.844  1.00 39.34 ? 93  GLU A CG    1 
ATOM   674  C CD    . GLU A 1 113 ? 14.932  -9.603  -2.811  1.00 41.38 ? 93  GLU A CD    1 
ATOM   675  O OE1   . GLU A 1 113 ? 15.658  -8.693  -2.340  1.00 43.64 ? 93  GLU A OE1   1 
ATOM   676  O OE2   . GLU A 1 113 ? 14.821  -9.800  -4.048  1.00 42.64 ? 93  GLU A OE2   1 
ATOM   677  N N     . ASN A 1 114 ? 10.370  -9.408  -1.613  1.00 35.81 ? 94  ASN A N     1 
ATOM   678  C CA    . ASN A 1 114 ? 9.277   -9.834  -2.480  1.00 36.28 ? 94  ASN A CA    1 
ATOM   679  C C     . ASN A 1 114 ? 8.687   -8.723  -3.365  1.00 36.08 ? 94  ASN A C     1 
ATOM   680  O O     . ASN A 1 114 ? 7.933   -9.021  -4.293  1.00 36.88 ? 94  ASN A O     1 
ATOM   681  C CB    . ASN A 1 114 ? 8.173   -10.495 -1.646  1.00 36.31 ? 94  ASN A CB    1 
ATOM   682  C CG    . ASN A 1 114 ? 8.481   -11.946 -1.300  1.00 37.12 ? 94  ASN A CG    1 
ATOM   683  O OD1   . ASN A 1 114 ? 9.249   -12.628 -1.990  1.00 37.77 ? 94  ASN A OD1   1 
ATOM   684  N ND2   . ASN A 1 114 ? 7.879   -12.423 -0.223  1.00 38.24 ? 94  ASN A ND2   1 
ATOM   685  N N     . ILE A 1 115 ? 9.017   -7.462  -3.074  1.00 35.87 ? 95  ILE A N     1 
ATOM   686  C CA    . ILE A 1 115 ? 8.570   -6.336  -3.882  1.00 36.04 ? 95  ILE A CA    1 
ATOM   687  C C     . ILE A 1 115 ? 9.028   -6.471  -5.332  1.00 36.07 ? 95  ILE A C     1 
ATOM   688  O O     . ILE A 1 115 ? 8.193   -6.646  -6.217  1.00 35.47 ? 95  ILE A O     1 
ATOM   689  C CB    . ILE A 1 115 ? 8.971   -4.959  -3.238  1.00 36.48 ? 95  ILE A CB    1 
ATOM   690  C CG1   . ILE A 1 115 ? 8.151   -4.718  -1.963  1.00 35.98 ? 95  ILE A CG1   1 
ATOM   691  C CG2   . ILE A 1 115 ? 8.780   -3.782  -4.222  1.00 36.33 ? 95  ILE A CG2   1 
ATOM   692  C CD1   . ILE A 1 115 ? 6.714   -4.678  -2.181  1.00 38.40 ? 95  ILE A CD1   1 
ATOM   693  N N     . PRO A 1 116 ? 10.351  -6.424  -5.582  1.00 36.78 ? 96  PRO A N     1 
ATOM   694  C CA    . PRO A 1 116 ? 10.825  -6.556  -6.964  1.00 37.59 ? 96  PRO A CA    1 
ATOM   695  C C     . PRO A 1 116 ? 10.650  -7.942  -7.586  1.00 38.41 ? 96  PRO A C     1 
ATOM   696  O O     . PRO A 1 116 ? 10.626  -8.061  -8.812  1.00 39.15 ? 96  PRO A O     1 
ATOM   697  C CB    . PRO A 1 116 ? 12.319  -6.233  -6.844  1.00 37.20 ? 96  PRO A CB    1 
ATOM   698  C CG    . PRO A 1 116 ? 12.683  -6.638  -5.468  1.00 37.05 ? 96  PRO A CG    1 
ATOM   699  C CD    . PRO A 1 116 ? 11.477  -6.240  -4.646  1.00 36.36 ? 96  PRO A CD    1 
ATOM   700  N N     . GLU A 1 117 ? 10.556  -8.983  -6.766  1.00 39.13 ? 97  GLU A N     1 
ATOM   701  C CA    . GLU A 1 117 ? 10.551  -10.327 -7.315  1.00 40.33 ? 97  GLU A CA    1 
ATOM   702  C C     . GLU A 1 117 ? 9.176   -10.951 -7.479  1.00 39.47 ? 97  GLU A C     1 
ATOM   703  O O     . GLU A 1 117 ? 9.045   -11.911 -8.205  1.00 39.82 ? 97  GLU A O     1 
ATOM   704  C CB    . GLU A 1 117 ? 11.532  -11.241 -6.580  1.00 40.76 ? 97  GLU A CB    1 
ATOM   705  C CG    . GLU A 1 117 ? 11.195  -11.660 -5.173  1.00 42.16 ? 97  GLU A CG    1 
ATOM   706  C CD    . GLU A 1 117 ? 12.337  -12.477 -4.553  1.00 42.79 ? 97  GLU A CD    1 
ATOM   707  O OE1   . GLU A 1 117 ? 13.514  -12.271 -4.945  1.00 46.93 ? 97  GLU A OE1   1 
ATOM   708  O OE2   . GLU A 1 117 ? 12.066  -13.341 -3.687  1.00 46.79 ? 97  GLU A OE2   1 
ATOM   709  N N     . LYS A 1 118 ? 8.161   -10.379 -6.844  1.00 39.42 ? 98  LYS A N     1 
ATOM   710  C CA    . LYS A 1 118 ? 6.783   -10.840 -6.988  1.00 39.30 ? 98  LYS A CA    1 
ATOM   711  C C     . LYS A 1 118 ? 5.822   -9.697  -7.335  1.00 38.81 ? 98  LYS A C     1 
ATOM   712  O O     . LYS A 1 118 ? 5.174   -9.723  -8.379  1.00 37.91 ? 98  LYS A O     1 
ATOM   713  C CB    . LYS A 1 118 ? 6.322   -11.527 -5.695  1.00 39.43 ? 98  LYS A CB    1 
ATOM   714  C CG    . LYS A 1 118 ? 4.889   -12.054 -5.747  1.00 40.25 ? 98  LYS A CG    1 
ATOM   715  C CD    . LYS A 1 118 ? 4.517   -12.819 -4.481  1.00 40.37 ? 98  LYS A CD    1 
ATOM   716  C CE    . LYS A 1 118 ? 3.055   -13.255 -4.527  1.00 40.70 ? 98  LYS A CE    1 
ATOM   717  N NZ    . LYS A 1 118 ? 2.829   -14.298 -5.539  1.00 39.55 ? 98  LYS A NZ    1 
ATOM   718  N N     . TRP A 1 119 ? 5.750   -8.691  -6.467  1.00 38.43 ? 99  TRP A N     1 
ATOM   719  C CA    . TRP A 1 119 ? 4.660   -7.722  -6.532  1.00 38.65 ? 99  TRP A CA    1 
ATOM   720  C C     . TRP A 1 119 ? 4.762   -6.792  -7.715  1.00 38.08 ? 99  TRP A C     1 
ATOM   721  O O     . TRP A 1 119 ? 3.784   -6.603  -8.421  1.00 38.18 ? 99  TRP A O     1 
ATOM   722  C CB    . TRP A 1 119 ? 4.492   -6.975  -5.201  1.00 39.10 ? 99  TRP A CB    1 
ATOM   723  C CG    . TRP A 1 119 ? 4.090   -7.939  -4.138  1.00 39.68 ? 99  TRP A CG    1 
ATOM   724  C CD1   . TRP A 1 119 ? 4.826   -8.331  -3.047  1.00 39.93 ? 99  TRP A CD1   1 
ATOM   725  C CD2   . TRP A 1 119 ? 2.884   -8.705  -4.103  1.00 40.18 ? 99  TRP A CD2   1 
ATOM   726  N NE1   . TRP A 1 119 ? 4.142   -9.281  -2.333  1.00 39.51 ? 99  TRP A NE1   1 
ATOM   727  C CE2   . TRP A 1 119 ? 2.948   -9.534  -2.960  1.00 40.26 ? 99  TRP A CE2   1 
ATOM   728  C CE3   . TRP A 1 119 ? 1.753   -8.782  -4.936  1.00 40.79 ? 99  TRP A CE3   1 
ATOM   729  C CZ2   . TRP A 1 119 ? 1.914   -10.410 -2.617  1.00 40.88 ? 99  TRP A CZ2   1 
ATOM   730  C CZ3   . TRP A 1 119 ? 0.732   -9.661  -4.598  1.00 40.47 ? 99  TRP A CZ3   1 
ATOM   731  C CH2   . TRP A 1 119 ? 0.817   -10.462 -3.444  1.00 40.65 ? 99  TRP A CH2   1 
ATOM   732  N N     . VAL A 1 120 ? 5.955   -6.282  -7.983  1.00 37.44 ? 100 VAL A N     1 
ATOM   733  C CA    . VAL A 1 120 ? 6.143   -5.369  -9.114  1.00 36.69 ? 100 VAL A CA    1 
ATOM   734  C C     . VAL A 1 120 ? 5.879   -6.041  -10.469 1.00 35.92 ? 100 VAL A C     1 
ATOM   735  O O     . VAL A 1 120 ? 5.095   -5.507  -11.244 1.00 35.48 ? 100 VAL A O     1 
ATOM   736  C CB    . VAL A 1 120 ? 7.518   -4.657  -9.083  1.00 36.70 ? 100 VAL A CB    1 
ATOM   737  C CG1   . VAL A 1 120 ? 7.740   -3.897  -10.367 1.00 36.42 ? 100 VAL A CG1   1 
ATOM   738  C CG2   . VAL A 1 120 ? 7.562   -3.698  -7.881  1.00 35.48 ? 100 VAL A CG2   1 
ATOM   739  N N     . PRO A 1 121 ? 6.509   -7.212  -10.753 1.00 35.04 ? 101 PRO A N     1 
ATOM   740  C CA    . PRO A 1 121 ? 6.140   -7.979  -11.949 1.00 34.33 ? 101 PRO A CA    1 
ATOM   741  C C     . PRO A 1 121 ? 4.621   -8.174  -12.135 1.00 34.20 ? 101 PRO A C     1 
ATOM   742  O O     . PRO A 1 121 ? 4.104   -7.965  -13.228 1.00 32.63 ? 101 PRO A O     1 
ATOM   743  C CB    . PRO A 1 121 ? 6.830   -9.312  -11.719 1.00 34.16 ? 101 PRO A CB    1 
ATOM   744  C CG    . PRO A 1 121 ? 8.051   -8.955  -10.973 1.00 34.77 ? 101 PRO A CG    1 
ATOM   745  C CD    . PRO A 1 121 ? 7.630   -7.861  -10.042 1.00 34.95 ? 101 PRO A CD    1 
ATOM   746  N N     . GLU A 1 122 ? 3.924   -8.548  -11.063 1.00 35.11 ? 102 GLU A N     1 
ATOM   747  C CA    . GLU A 1 122 ? 2.485   -8.778  -11.121 1.00 35.55 ? 102 GLU A CA    1 
ATOM   748  C C     . GLU A 1 122 ? 1.733   -7.507  -11.480 1.00 35.62 ? 102 GLU A C     1 
ATOM   749  O O     . GLU A 1 122 ? 0.925   -7.476  -12.413 1.00 35.81 ? 102 GLU A O     1 
ATOM   750  C CB    . GLU A 1 122 ? 1.987   -9.309  -9.782  1.00 35.78 ? 102 GLU A CB    1 
ATOM   751  C CG    . GLU A 1 122 ? 0.490   -9.575  -9.752  1.00 37.69 ? 102 GLU A CG    1 
ATOM   752  C CD    . GLU A 1 122 ? 0.084   -10.466 -8.595  1.00 38.84 ? 102 GLU A CD    1 
ATOM   753  O OE1   . GLU A 1 122 ? 0.564   -11.607 -8.546  1.00 40.44 ? 102 GLU A OE1   1 
ATOM   754  O OE2   . GLU A 1 122 ? -0.703  -10.025 -7.730  1.00 39.86 ? 102 GLU A OE2   1 
ATOM   755  N N     . VAL A 1 123 ? 2.013   -6.449  -10.743 1.00 35.82 ? 103 VAL A N     1 
ATOM   756  C CA    . VAL A 1 123 ? 1.271   -5.211  -10.901 1.00 36.17 ? 103 VAL A CA    1 
ATOM   757  C C     . VAL A 1 123 ? 1.544   -4.540  -12.240 1.00 36.22 ? 103 VAL A C     1 
ATOM   758  O O     . VAL A 1 123 ? 0.624   -3.964  -12.826 1.00 35.66 ? 103 VAL A O     1 
ATOM   759  C CB    . VAL A 1 123 ? 1.489   -4.269  -9.681  1.00 36.58 ? 103 VAL A CB    1 
ATOM   760  C CG1   . VAL A 1 123 ? 1.247   -2.838  -10.040 1.00 36.68 ? 103 VAL A CG1   1 
ATOM   761  C CG2   . VAL A 1 123 ? 0.593   -4.718  -8.504  1.00 37.02 ? 103 VAL A CG2   1 
ATOM   762  N N     . LYS A 1 124 ? 2.783   -4.635  -12.728 1.00 36.56 ? 104 LYS A N     1 
ATOM   763  C CA    . LYS A 1 124 ? 3.135   -4.131  -14.064 1.00 37.56 ? 104 LYS A CA    1 
ATOM   764  C C     . LYS A 1 124 ? 2.402   -4.877  -15.187 1.00 37.38 ? 104 LYS A C     1 
ATOM   765  O O     . LYS A 1 124 ? 2.153   -4.319  -16.258 1.00 37.49 ? 104 LYS A O     1 
ATOM   766  C CB    . LYS A 1 124 ? 4.643   -4.256  -14.312 1.00 38.10 ? 104 LYS A CB    1 
ATOM   767  C CG    . LYS A 1 124 ? 5.517   -3.353  -13.454 1.00 40.01 ? 104 LYS A CG    1 
ATOM   768  C CD    . LYS A 1 124 ? 5.279   -1.891  -13.757 1.00 42.36 ? 104 LYS A CD    1 
ATOM   769  C CE    . LYS A 1 124 ? 6.205   -0.972  -12.950 1.00 43.19 ? 104 LYS A CE    1 
ATOM   770  N NZ    . LYS A 1 124 ? 6.073   0.460   -13.375 1.00 44.50 ? 104 LYS A NZ    1 
ATOM   771  N N     . HIS A 1 125 ? 2.106   -6.152  -14.957 1.00 36.75 ? 105 HIS A N     1 
ATOM   772  C CA    . HIS A 1 125 ? 1.445   -6.947  -15.946 1.00 36.41 ? 105 HIS A CA    1 
ATOM   773  C C     . HIS A 1 125 ? -0.037  -6.619  -16.005 1.00 36.17 ? 105 HIS A C     1 
ATOM   774  O O     . HIS A 1 125 ? -0.562  -6.363  -17.081 1.00 36.09 ? 105 HIS A O     1 
ATOM   775  C CB    . HIS A 1 125 ? 1.632   -8.429  -15.676 1.00 36.63 ? 105 HIS A CB    1 
ATOM   776  C CG    . HIS A 1 125 ? 0.853   -9.282  -16.618 1.00 37.43 ? 105 HIS A CG    1 
ATOM   777  N ND1   . HIS A 1 125 ? -0.336  -9.878  -16.261 1.00 37.16 ? 105 HIS A ND1   1 
ATOM   778  C CD2   . HIS A 1 125 ? 1.031   -9.551  -17.933 1.00 35.51 ? 105 HIS A CD2   1 
ATOM   779  C CE1   . HIS A 1 125 ? -0.832  -10.520 -17.301 1.00 35.83 ? 105 HIS A CE1   1 
ATOM   780  N NE2   . HIS A 1 125 ? -0.021  -10.342 -18.328 1.00 39.01 ? 105 HIS A NE2   1 
ATOM   781  N N     . PHE A 1 126 ? -0.698  -6.617  -14.840 1.00 35.25 ? 106 PHE A N     1 
ATOM   782  C CA    . PHE A 1 126 ? -2.136  -6.352  -14.762 1.00 35.18 ? 106 PHE A CA    1 
ATOM   783  C C     . PHE A 1 126 ? -2.482  -4.870  -14.725 1.00 35.82 ? 106 PHE A C     1 
ATOM   784  O O     . PHE A 1 126 ? -3.559  -4.482  -15.180 1.00 35.95 ? 106 PHE A O     1 
ATOM   785  C CB    . PHE A 1 126 ? -2.741  -7.072  -13.557 1.00 34.01 ? 106 PHE A CB    1 
ATOM   786  C CG    . PHE A 1 126 ? -2.660  -8.566  -13.658 1.00 34.17 ? 106 PHE A CG    1 
ATOM   787  C CD1   . PHE A 1 126 ? -3.427  -9.254  -14.595 1.00 33.66 ? 106 PHE A CD1   1 
ATOM   788  C CD2   . PHE A 1 126 ? -1.799  -9.298  -12.849 1.00 34.64 ? 106 PHE A CD2   1 
ATOM   789  C CE1   . PHE A 1 126 ? -3.343  -10.644 -14.719 1.00 32.62 ? 106 PHE A CE1   1 
ATOM   790  C CE2   . PHE A 1 126 ? -1.729  -10.717 -12.960 1.00 33.63 ? 106 PHE A CE2   1 
ATOM   791  C CZ    . PHE A 1 126 ? -2.503  -11.374 -13.897 1.00 33.11 ? 106 PHE A CZ    1 
ATOM   792  N N     . CYS A 1 127 ? -1.582  -4.040  -14.200 1.00 36.08 ? 107 CYS A N     1 
ATOM   793  C CA    . CYS A 1 127 ? -1.860  -2.595  -14.072 1.00 37.10 ? 107 CYS A CA    1 
ATOM   794  C C     . CYS A 1 127 ? -0.752  -1.775  -14.685 1.00 36.97 ? 107 CYS A C     1 
ATOM   795  O O     . CYS A 1 127 ? -0.082  -1.008  -13.977 1.00 36.16 ? 107 CYS A O     1 
ATOM   796  C CB    . CYS A 1 127 ? -2.006  -2.185  -12.614 1.00 37.01 ? 107 CYS A CB    1 
ATOM   797  S SG    . CYS A 1 127 ? -3.197  -3.114  -11.638 1.00 38.57 ? 107 CYS A SG    1 
ATOM   798  N N     . PRO A 1 128 ? -0.569  -1.910  -16.011 1.00 37.46 ? 108 PRO A N     1 
ATOM   799  C CA    . PRO A 1 128 ? 0.465   -1.152  -16.658 1.00 37.83 ? 108 PRO A CA    1 
ATOM   800  C C     . PRO A 1 128 ? 0.080   0.332   -16.689 1.00 38.55 ? 108 PRO A C     1 
ATOM   801  O O     . PRO A 1 128 ? -1.101  0.667   -16.851 1.00 38.43 ? 108 PRO A O     1 
ATOM   802  C CB    . PRO A 1 128 ? 0.519   -1.747  -18.066 1.00 37.41 ? 108 PRO A CB    1 
ATOM   803  C CG    . PRO A 1 128 ? -0.789  -2.264  -18.319 1.00 38.27 ? 108 PRO A CG    1 
ATOM   804  C CD    . PRO A 1 128 ? -1.334  -2.717  -16.974 1.00 37.24 ? 108 PRO A CD    1 
ATOM   805  N N     . ASN A 1 129 ? 1.088   1.187   -16.537 1.00 38.55 ? 109 ASN A N     1 
ATOM   806  C CA    . ASN A 1 129 ? 0.923   2.650   -16.424 1.00 38.68 ? 109 ASN A CA    1 
ATOM   807  C C     . ASN A 1 129 ? 0.072   3.187   -15.271 1.00 38.29 ? 109 ASN A C     1 
ATOM   808  O O     . ASN A 1 129 ? -0.459  4.296   -15.368 1.00 39.08 ? 109 ASN A O     1 
ATOM   809  C CB    . ASN A 1 129 ? 0.442   3.279   -17.736 1.00 38.55 ? 109 ASN A CB    1 
ATOM   810  C CG    . ASN A 1 129 ? 0.789   4.782   -17.822 1.00 38.94 ? 109 ASN A CG    1 
ATOM   811  O OD1   . ASN A 1 129 ? 1.891   5.188   -17.439 1.00 39.37 ? 109 ASN A OD1   1 
ATOM   812  N ND2   . ASN A 1 129 ? -0.135  5.594   -18.327 1.00 37.76 ? 109 ASN A ND2   1 
ATOM   813  N N     . VAL A 1 130 ? -0.028  2.431   -14.177 1.00 37.61 ? 110 VAL A N     1 
ATOM   814  C CA    . VAL A 1 130 ? -0.692  2.880   -12.960 1.00 37.13 ? 110 VAL A CA    1 
ATOM   815  C C     . VAL A 1 130 ? 0.400   3.290   -11.956 1.00 36.79 ? 110 VAL A C     1 
ATOM   816  O O     . VAL A 1 130 ? 1.380   2.564   -11.794 1.00 37.48 ? 110 VAL A O     1 
ATOM   817  C CB    . VAL A 1 130 ? -1.615  1.750   -12.403 1.00 36.76 ? 110 VAL A CB    1 
ATOM   818  C CG1   . VAL A 1 130 ? -2.177  2.077   -11.037 1.00 36.60 ? 110 VAL A CG1   1 
ATOM   819  C CG2   . VAL A 1 130 ? -2.758  1.468   -13.402 1.00 37.08 ? 110 VAL A CG2   1 
ATOM   820  N N     . PRO A 1 131 ? 0.276   4.480   -11.317 1.00 36.27 ? 111 PRO A N     1 
ATOM   821  C CA    . PRO A 1 131 ? 1.271   4.852   -10.298 1.00 35.86 ? 111 PRO A CA    1 
ATOM   822  C C     . PRO A 1 131 ? 1.323   3.917   -9.063  1.00 35.97 ? 111 PRO A C     1 
ATOM   823  O O     . PRO A 1 131 ? 0.291   3.452   -8.575  1.00 35.10 ? 111 PRO A O     1 
ATOM   824  C CB    . PRO A 1 131 ? 0.889   6.295   -9.928  1.00 35.83 ? 111 PRO A CB    1 
ATOM   825  C CG    . PRO A 1 131 ? -0.533  6.436   -10.333 1.00 36.37 ? 111 PRO A CG    1 
ATOM   826  C CD    . PRO A 1 131 ? -0.700  5.556   -11.539 1.00 36.42 ? 111 PRO A CD    1 
ATOM   827  N N     . ILE A 1 132 ? 2.544   3.619   -8.621  1.00 36.69 ? 112 ILE A N     1 
ATOM   828  C CA    . ILE A 1 132 ? 2.783   2.713   -7.516  1.00 36.80 ? 112 ILE A CA    1 
ATOM   829  C C     . ILE A 1 132 ? 3.379   3.482   -6.350  1.00 36.15 ? 112 ILE A C     1 
ATOM   830  O O     . ILE A 1 132 ? 4.442   4.074   -6.486  1.00 37.14 ? 112 ILE A O     1 
ATOM   831  C CB    . ILE A 1 132 ? 3.771   1.581   -7.940  1.00 36.57 ? 112 ILE A CB    1 
ATOM   832  C CG1   . ILE A 1 132 ? 3.108   0.593   -8.906  1.00 37.30 ? 112 ILE A CG1   1 
ATOM   833  C CG2   . ILE A 1 132 ? 4.266   0.814   -6.741  1.00 38.70 ? 112 ILE A CG2   1 
ATOM   834  C CD1   . ILE A 1 132 ? 4.115   -0.254  -9.663  1.00 36.28 ? 112 ILE A CD1   1 
ATOM   835  N N     . ILE A 1 133 ? 2.698   3.492   -5.209  1.00 35.97 ? 113 ILE A N     1 
ATOM   836  C CA    . ILE A 1 133 ? 3.306   4.029   -3.992  1.00 35.03 ? 113 ILE A CA    1 
ATOM   837  C C     . ILE A 1 133 ? 3.855   2.896   -3.128  1.00 34.40 ? 113 ILE A C     1 
ATOM   838  O O     . ILE A 1 133 ? 3.141   1.948   -2.814  1.00 33.63 ? 113 ILE A O     1 
ATOM   839  C CB    . ILE A 1 133 ? 2.327   4.897   -3.194  1.00 35.26 ? 113 ILE A CB    1 
ATOM   840  C CG1   . ILE A 1 133 ? 1.846   6.062   -4.066  1.00 35.93 ? 113 ILE A CG1   1 
ATOM   841  C CG2   . ILE A 1 133 ? 2.994   5.390   -1.888  1.00 33.76 ? 113 ILE A CG2   1 
ATOM   842  C CD1   . ILE A 1 133 ? 0.577   6.717   -3.584  1.00 35.24 ? 113 ILE A CD1   1 
ATOM   843  N N     . LEU A 1 134 ? 5.134   3.004   -2.758  1.00 34.68 ? 114 LEU A N     1 
ATOM   844  C CA    . LEU A 1 134 ? 5.776   2.024   -1.895  1.00 34.13 ? 114 LEU A CA    1 
ATOM   845  C C     . LEU A 1 134 ? 5.633   2.473   -0.451  1.00 34.24 ? 114 LEU A C     1 
ATOM   846  O O     . LEU A 1 134 ? 6.019   3.582   -0.075  1.00 33.83 ? 114 LEU A O     1 
ATOM   847  C CB    . LEU A 1 134 ? 7.238   1.782   -2.271  1.00 34.62 ? 114 LEU A CB    1 
ATOM   848  C CG    . LEU A 1 134 ? 7.965   0.638   -1.536  1.00 34.66 ? 114 LEU A CG    1 
ATOM   849  C CD1   . LEU A 1 134 ? 7.432   -0.721  -1.946  1.00 36.00 ? 114 LEU A CD1   1 
ATOM   850  C CD2   . LEU A 1 134 ? 9.440   0.691   -1.783  1.00 33.97 ? 114 LEU A CD2   1 
ATOM   851  N N     . VAL A 1 135 ? 5.027   1.595   0.336   1.00 34.28 ? 115 VAL A N     1 
ATOM   852  C CA    . VAL A 1 135 ? 4.627   1.879   1.698   1.00 33.90 ? 115 VAL A CA    1 
ATOM   853  C C     . VAL A 1 135 ? 5.328   0.897   2.673   1.00 33.64 ? 115 VAL A C     1 
ATOM   854  O O     . VAL A 1 135 ? 5.172   -0.321  2.589   1.00 33.49 ? 115 VAL A O     1 
ATOM   855  C CB    . VAL A 1 135 ? 3.110   1.795   1.886   1.00 33.91 ? 115 VAL A CB    1 
ATOM   856  C CG1   . VAL A 1 135 ? 2.758   2.206   3.283   1.00 34.23 ? 115 VAL A CG1   1 
ATOM   857  C CG2   . VAL A 1 135 ? 2.348   2.665   0.867   1.00 32.59 ? 115 VAL A CG2   1 
ATOM   858  N N     . ALA A 1 136 ? 6.137   1.456   3.565   1.00 33.32 ? 116 ALA A N     1 
ATOM   859  C CA    . ALA A 1 136 ? 6.689   0.720   4.684   1.00 33.37 ? 116 ALA A CA    1 
ATOM   860  C C     . ALA A 1 136 ? 5.670   0.762   5.822   1.00 33.61 ? 116 ALA A C     1 
ATOM   861  O O     . ALA A 1 136 ? 5.380   1.830   6.374   1.00 34.12 ? 116 ALA A O     1 
ATOM   862  C CB    . ALA A 1 136 ? 8.020   1.339   5.134   1.00 32.47 ? 116 ALA A CB    1 
ATOM   863  N N     . ASN A 1 137 ? 5.136   -0.406  6.159   1.00 33.86 ? 117 ASN A N     1 
ATOM   864  C CA    . ASN A 1 137 ? 4.158   -0.568  7.237   1.00 34.00 ? 117 ASN A CA    1 
ATOM   865  C C     . ASN A 1 137 ? 4.816   -0.935  8.578   1.00 33.89 ? 117 ASN A C     1 
ATOM   866  O O     . ASN A 1 137 ? 5.964   -1.362  8.612   1.00 33.85 ? 117 ASN A O     1 
ATOM   867  C CB    . ASN A 1 137 ? 3.148   -1.651  6.851   1.00 34.10 ? 117 ASN A CB    1 
ATOM   868  C CG    . ASN A 1 137 ? 2.101   -1.172  5.859   1.00 34.01 ? 117 ASN A CG    1 
ATOM   869  O OD1   . ASN A 1 137 ? 1.825   0.022   5.746   1.00 32.13 ? 117 ASN A OD1   1 
ATOM   870  N ND2   . ASN A 1 137 ? 1.472   -2.125  5.168   1.00 32.79 ? 117 ASN A ND2   1 
ATOM   871  N N     . LYS A 1 138 ? 4.068   -0.772  9.672   1.00 34.08 ? 118 LYS A N     1 
ATOM   872  C CA    . LYS A 1 138 ? 4.519   -1.132  11.029  1.00 34.02 ? 118 LYS A CA    1 
ATOM   873  C C     . LYS A 1 138 ? 5.795   -0.395  11.518  1.00 34.36 ? 118 LYS A C     1 
ATOM   874  O O     . LYS A 1 138 ? 6.642   -0.973  12.204  1.00 33.82 ? 118 LYS A O     1 
ATOM   875  C CB    . LYS A 1 138 ? 4.690   -2.650  11.151  1.00 34.34 ? 118 LYS A CB    1 
ATOM   876  C CG    . LYS A 1 138 ? 3.555   -3.494  10.544  1.00 33.71 ? 118 LYS A CG    1 
ATOM   877  C CD    . LYS A 1 138 ? 3.552   -4.901  11.135  1.00 33.43 ? 118 LYS A CD    1 
ATOM   878  C CE    . LYS A 1 138 ? 2.896   -5.942  10.243  1.00 32.43 ? 118 LYS A CE    1 
ATOM   879  N NZ    . LYS A 1 138 ? 3.078   -7.344  10.806  1.00 31.62 ? 118 LYS A NZ    1 
ATOM   880  N N     . LYS A 1 139 ? 5.892   0.887   11.178  1.00 34.79 ? 119 LYS A N     1 
ATOM   881  C CA    . LYS A 1 139 ? 7.061   1.732   11.460  1.00 35.43 ? 119 LYS A CA    1 
ATOM   882  C C     . LYS A 1 139 ? 7.513   1.657   12.923  1.00 35.39 ? 119 LYS A C     1 
ATOM   883  O O     . LYS A 1 139 ? 8.717   1.714   13.243  1.00 35.66 ? 119 LYS A O     1 
ATOM   884  C CB    . LYS A 1 139 ? 6.685   3.176   11.087  1.00 35.42 ? 119 LYS A CB    1 
ATOM   885  C CG    . LYS A 1 139 ? 7.694   4.251   11.353  1.00 37.28 ? 119 LYS A CG    1 
ATOM   886  C CD    . LYS A 1 139 ? 7.227   5.584   10.788  1.00 37.40 ? 119 LYS A CD    1 
ATOM   887  C CE    . LYS A 1 139 ? 8.270   6.682   11.058  1.00 40.29 ? 119 LYS A CE    1 
ATOM   888  N NZ    . LYS A 1 139 ? 7.769   8.049   10.694  1.00 42.84 ? 119 LYS A NZ    1 
ATOM   889  N N     . ASP A 1 140 ? 6.531   1.537   13.809  1.00 35.17 ? 120 ASP A N     1 
ATOM   890  C CA    . ASP A 1 140 ? 6.757   1.492   15.249  1.00 34.86 ? 120 ASP A CA    1 
ATOM   891  C C     . ASP A 1 140 ? 7.621   0.310   15.705  1.00 34.49 ? 120 ASP A C     1 
ATOM   892  O O     . ASP A 1 140 ? 8.238   0.370   16.761  1.00 34.03 ? 120 ASP A O     1 
ATOM   893  C CB    . ASP A 1 140 ? 5.404   1.476   15.968  1.00 34.73 ? 120 ASP A CB    1 
ATOM   894  C CG    . ASP A 1 140 ? 4.527   0.309   15.546  1.00 34.39 ? 120 ASP A CG    1 
ATOM   895  O OD1   . ASP A 1 140 ? 4.210   0.195   14.330  1.00 33.52 ? 120 ASP A OD1   1 
ATOM   896  O OD2   . ASP A 1 140 ? 4.154   -0.495  16.438  1.00 31.73 ? 120 ASP A OD2   1 
ATOM   897  N N     . LEU A 1 141 ? 7.667   -0.747  14.896  1.00 34.44 ? 121 LEU A N     1 
ATOM   898  C CA    . LEU A 1 141 ? 8.441   -1.945  15.199  1.00 34.51 ? 121 LEU A CA    1 
ATOM   899  C C     . LEU A 1 141 ? 9.949   -1.776  15.010  1.00 34.84 ? 121 LEU A C     1 
ATOM   900  O O     . LEU A 1 141 ? 10.714  -2.673  15.340  1.00 34.27 ? 121 LEU A O     1 
ATOM   901  C CB    . LEU A 1 141 ? 7.944   -3.129  14.368  1.00 34.35 ? 121 LEU A CB    1 
ATOM   902  C CG    . LEU A 1 141 ? 6.541   -3.603  14.735  1.00 34.13 ? 121 LEU A CG    1 
ATOM   903  C CD1   . LEU A 1 141 ? 6.148   -4.834  13.923  1.00 33.06 ? 121 LEU A CD1   1 
ATOM   904  C CD2   . LEU A 1 141 ? 6.455   -3.893  16.222  1.00 32.36 ? 121 LEU A CD2   1 
ATOM   905  N N     . ARG A 1 142 ? 10.374  -0.634  14.474  1.00 35.23 ? 122 ARG A N     1 
ATOM   906  C CA    . ARG A 1 142 ? 11.793  -0.277  14.474  1.00 35.46 ? 122 ARG A CA    1 
ATOM   907  C C     . ARG A 1 142 ? 12.344  -0.104  15.886  1.00 35.54 ? 122 ARG A C     1 
ATOM   908  O O     . ARG A 1 142 ? 13.552  -0.235  16.099  1.00 36.17 ? 122 ARG A O     1 
ATOM   909  C CB    . ARG A 1 142 ? 12.038  0.990   13.659  1.00 35.43 ? 122 ARG A CB    1 
ATOM   910  C CG    . ARG A 1 142 ? 12.037  0.765   12.178  1.00 35.52 ? 122 ARG A CG    1 
ATOM   911  C CD    . ARG A 1 142 ? 12.942  1.763   11.466  1.00 35.79 ? 122 ARG A CD    1 
ATOM   912  N NE    . ARG A 1 142 ? 12.774  1.662   10.015  1.00 36.57 ? 122 ARG A NE    1 
ATOM   913  C CZ    . ARG A 1 142 ? 11.996  2.448   9.272   1.00 36.09 ? 122 ARG A CZ    1 
ATOM   914  N NH1   . ARG A 1 142 ? 11.304  3.452   9.809   1.00 35.50 ? 122 ARG A NH1   1 
ATOM   915  N NH2   . ARG A 1 142 ? 11.922  2.232   7.966   1.00 35.90 ? 122 ARG A NH2   1 
ATOM   916  N N     . SER A 1 143 ? 11.472  0.189   16.851  1.00 35.59 ? 123 SER A N     1 
ATOM   917  C CA    . SER A 1 143 ? 11.893  0.307   18.245  1.00 35.66 ? 123 SER A CA    1 
ATOM   918  C C     . SER A 1 143 ? 11.252  -0.726  19.183  1.00 35.54 ? 123 SER A C     1 
ATOM   919  O O     . SER A 1 143 ? 11.162  -0.516  20.394  1.00 35.92 ? 123 SER A O     1 
ATOM   920  C CB    . SER A 1 143 ? 11.702  1.743   18.761  1.00 35.72 ? 123 SER A CB    1 
ATOM   921  O OG    . SER A 1 143 ? 12.522  2.674   18.073  1.00 37.71 ? 123 SER A OG    1 
ATOM   922  N N     . ASP A 1 144 ? 10.872  -1.869  18.624  1.00 35.22 ? 124 ASP A N     1 
ATOM   923  C CA    . ASP A 1 144 ? 10.364  -2.988  19.407  1.00 34.86 ? 124 ASP A CA    1 
ATOM   924  C C     . ASP A 1 144 ? 11.548  -3.890  19.724  1.00 34.55 ? 124 ASP A C     1 
ATOM   925  O O     . ASP A 1 144 ? 12.180  -4.420  18.806  1.00 33.93 ? 124 ASP A O     1 
ATOM   926  C CB    . ASP A 1 144 ? 9.298   -3.747  18.603  1.00 34.89 ? 124 ASP A CB    1 
ATOM   927  C CG    . ASP A 1 144 ? 8.597   -4.825  19.417  1.00 35.67 ? 124 ASP A CG    1 
ATOM   928  O OD1   . ASP A 1 144 ? 8.670   -6.012  19.036  1.00 37.29 ? 124 ASP A OD1   1 
ATOM   929  O OD2   . ASP A 1 144 ? 7.969   -4.495  20.443  1.00 37.66 ? 124 ASP A OD2   1 
ATOM   930  N N     . GLU A 1 145 ? 11.869  -4.035  21.016  1.00 34.09 ? 125 GLU A N     1 
ATOM   931  C CA    . GLU A 1 145 ? 12.960  -4.902  21.437  1.00 34.41 ? 125 GLU A CA    1 
ATOM   932  C C     . GLU A 1 145 ? 12.753  -6.331  20.913  1.00 34.32 ? 125 GLU A C     1 
ATOM   933  O O     . GLU A 1 145 ? 13.671  -6.916  20.244  1.00 34.59 ? 125 GLU A O     1 
ATOM   934  C CB    . GLU A 1 145 ? 13.113  -4.900  22.969  1.00 34.14 ? 125 GLU A CB    1 
ATOM   935  N N     . HIS A 1 146 ? 11.535  -6.862  21.136  1.00 34.76 ? 126 HIS A N     1 
ATOM   936  C CA    . HIS A 1 146 ? 11.241  -8.257  20.788  1.00 35.06 ? 126 HIS A CA    1 
ATOM   937  C C     . HIS A 1 146 ? 11.376  -8.580  19.288  1.00 35.04 ? 126 HIS A C     1 
ATOM   938  O O     . HIS A 1 146 ? 11.882  -9.644  18.932  1.00 35.22 ? 126 HIS A O     1 
ATOM   939  C CB    . HIS A 1 146 ? 9.849   -8.654  21.293  1.00 35.32 ? 126 HIS A CB    1 
ATOM   940  N N     . VAL A 1 147 ? 10.933  -7.681  18.416  1.00 35.34 ? 127 VAL A N     1 
ATOM   941  C CA    . VAL A 1 147 ? 11.142  -7.863  16.969  1.00 35.22 ? 127 VAL A CA    1 
ATOM   942  C C     . VAL A 1 147 ? 12.646  -7.910  16.684  1.00 35.37 ? 127 VAL A C     1 
ATOM   943  O O     . VAL A 1 147 ? 13.127  -8.796  15.983  1.00 35.05 ? 127 VAL A O     1 
ATOM   944  C CB    . VAL A 1 147 ? 10.485  -6.737  16.110  1.00 35.29 ? 127 VAL A CB    1 
ATOM   945  C CG1   . VAL A 1 147 ? 10.996  -6.778  14.673  1.00 34.46 ? 127 VAL A CG1   1 
ATOM   946  C CG2   . VAL A 1 147 ? 8.958   -6.850  16.120  1.00 34.49 ? 127 VAL A CG2   1 
ATOM   947  N N     . ARG A 1 148 ? 13.373  -6.951  17.253  1.00 35.61 ? 128 ARG A N     1 
ATOM   948  C CA    . ARG A 1 148 ? 14.807  -6.797  17.010  1.00 35.80 ? 128 ARG A CA    1 
ATOM   949  C C     . ARG A 1 148 ? 15.582  -8.043  17.415  1.00 35.75 ? 128 ARG A C     1 
ATOM   950  O O     . ARG A 1 148 ? 16.520  -8.435  16.727  1.00 35.99 ? 128 ARG A O     1 
ATOM   951  C CB    . ARG A 1 148 ? 15.334  -5.576  17.766  1.00 35.94 ? 128 ARG A CB    1 
ATOM   952  C CG    . ARG A 1 148 ? 16.671  -5.031  17.266  1.00 36.17 ? 128 ARG A CG    1 
ATOM   953  C CD    . ARG A 1 148 ? 16.932  -3.598  17.763  1.00 35.19 ? 128 ARG A CD    1 
ATOM   954  N NE    . ARG A 1 148 ? 16.310  -2.599  16.886  1.00 34.46 ? 128 ARG A NE    1 
ATOM   955  C CZ    . ARG A 1 148 ? 16.805  -2.207  15.710  1.00 33.80 ? 128 ARG A CZ    1 
ATOM   956  N NH1   . ARG A 1 148 ? 17.938  -2.721  15.244  1.00 33.86 ? 128 ARG A NH1   1 
ATOM   957  N NH2   . ARG A 1 148 ? 16.163  -1.299  14.986  1.00 34.20 ? 128 ARG A NH2   1 
ATOM   958  N N     . THR A 1 149 ? 15.171  -8.669  18.516  1.00 35.82 ? 129 THR A N     1 
ATOM   959  C CA    . THR A 1 149 ? 15.804  -9.894  19.018  1.00 35.76 ? 129 THR A CA    1 
ATOM   960  C C     . THR A 1 149 ? 15.537  -11.090 18.120  1.00 35.88 ? 129 THR A C     1 
ATOM   961  O O     . THR A 1 149 ? 16.422  -11.919 17.919  1.00 35.80 ? 129 THR A O     1 
ATOM   962  C CB    . THR A 1 149 ? 15.261  -10.254 20.402  1.00 35.61 ? 129 THR A CB    1 
ATOM   963  O OG1   . THR A 1 149 ? 15.195  -9.029  21.301  1.00 36.23 ? 129 THR A OG1   1 
ATOM   964  C CG2   . THR A 1 149 ? 16.276  -11.274 21.136  1.00 36.09 ? 129 THR A CG2   1 
ATOM   965  N N     . GLU A 1 150 ? 14.308  -11.194 17.610  1.00 36.08 ? 130 GLU A N     1 
ATOM   966  C CA    . GLU A 1 150 ? 13.940  -12.280 16.707  1.00 36.21 ? 130 GLU A CA    1 
ATOM   967  C C     . GLU A 1 150 ? 14.736  -12.161 15.416  1.00 36.49 ? 130 GLU A C     1 
ATOM   968  O O     . GLU A 1 150 ? 15.264  -13.149 14.919  1.00 36.72 ? 130 GLU A O     1 
ATOM   969  C CB    . GLU A 1 150 ? 12.435  -12.264 16.396  1.00 36.20 ? 130 GLU A CB    1 
ATOM   970  N N     . LEU A 1 151 ? 14.832  -10.942 14.889  1.00 36.79 ? 131 LEU A N     1 
ATOM   971  C CA    . LEU A 1 151 ? 15.549  -10.694 13.637  1.00 36.99 ? 131 LEU A CA    1 
ATOM   972  C C     . LEU A 1 151 ? 17.068  -10.774 13.826  1.00 37.46 ? 131 LEU A C     1 
ATOM   973  O O     . LEU A 1 151 ? 17.790  -11.102 12.883  1.00 37.53 ? 131 LEU A O     1 
ATOM   974  C CB    . LEU A 1 151 ? 15.131  -9.343  13.017  1.00 36.84 ? 131 LEU A CB    1 
ATOM   975  C CG    . LEU A 1 151 ? 13.752  -9.305  12.340  1.00 36.37 ? 131 LEU A CG    1 
ATOM   976  C CD1   . LEU A 1 151 ? 13.392  -7.894  11.870  1.00 35.17 ? 131 LEU A CD1   1 
ATOM   977  C CD2   . LEU A 1 151 ? 13.686  -10.283 11.168  1.00 34.69 ? 131 LEU A CD2   1 
ATOM   978  N N     . ALA A 1 152 ? 17.545  -10.500 15.044  1.00 37.89 ? 132 ALA A N     1 
ATOM   979  C CA    . ALA A 1 152 ? 18.971  -10.616 15.365  1.00 38.28 ? 132 ALA A CA    1 
ATOM   980  C C     . ALA A 1 152 ? 19.464  -12.068 15.334  1.00 38.63 ? 132 ALA A C     1 
ATOM   981  O O     . ALA A 1 152 ? 20.662  -12.301 15.203  1.00 38.55 ? 132 ALA A O     1 
ATOM   982  C CB    . ALA A 1 152 ? 19.267  -9.983  16.721  1.00 38.17 ? 132 ALA A CB    1 
ATOM   983  N N     . ARG A 1 153 ? 18.546  -13.033 15.450  1.00 39.12 ? 133 ARG A N     1 
ATOM   984  C CA    . ARG A 1 153 ? 18.889  -14.459 15.366  1.00 39.67 ? 133 ARG A CA    1 
ATOM   985  C C     . ARG A 1 153 ? 19.339  -14.879 13.969  1.00 39.91 ? 133 ARG A C     1 
ATOM   986  O O     . ARG A 1 153 ? 20.230  -15.724 13.827  1.00 39.94 ? 133 ARG A O     1 
ATOM   987  C CB    . ARG A 1 153 ? 17.707  -15.334 15.781  1.00 39.81 ? 133 ARG A CB    1 
ATOM   988  C CG    . ARG A 1 153 ? 17.254  -15.140 17.215  1.00 40.92 ? 133 ARG A CG    1 
ATOM   989  C CD    . ARG A 1 153 ? 16.933  -16.476 17.876  1.00 42.76 ? 133 ARG A CD    1 
ATOM   990  N NE    . ARG A 1 153 ? 16.136  -16.315 19.089  1.00 43.65 ? 133 ARG A NE    1 
ATOM   991  C CZ    . ARG A 1 153 ? 14.824  -16.071 19.110  1.00 44.11 ? 133 ARG A CZ    1 
ATOM   992  N NH1   . ARG A 1 153 ? 14.124  -15.940 17.979  1.00 43.93 ? 133 ARG A NH1   1 
ATOM   993  N NH2   . ARG A 1 153 ? 14.204  -15.946 20.280  1.00 44.49 ? 133 ARG A NH2   1 
ATOM   994  N N     . MET A 1 154 ? 18.713  -14.291 12.951  1.00 40.30 ? 134 MET A N     1 
ATOM   995  C CA    . MET A 1 154 ? 19.061  -14.540 11.547  1.00 40.62 ? 134 MET A CA    1 
ATOM   996  C C     . MET A 1 154 ? 20.033  -13.477 11.017  1.00 40.87 ? 134 MET A C     1 
ATOM   997  O O     . MET A 1 154 ? 20.181  -13.320 9.803   1.00 41.07 ? 134 MET A O     1 
ATOM   998  C CB    . MET A 1 154 ? 17.795  -14.558 10.681  1.00 40.65 ? 134 MET A CB    1 
ATOM   999  N N     . LYS A 1 155 ? 20.693  -12.763 11.933  1.00 41.01 ? 135 LYS A N     1 
ATOM   1000 C CA    . LYS A 1 155 ? 21.623  -11.688 11.595  1.00 40.98 ? 135 LYS A CA    1 
ATOM   1001 C C     . LYS A 1 155 ? 20.946  -10.579 10.782  1.00 40.84 ? 135 LYS A C     1 
ATOM   1002 O O     . LYS A 1 155 ? 21.576  -9.942  9.934   1.00 41.09 ? 135 LYS A O     1 
ATOM   1003 C CB    . LYS A 1 155 ? 22.844  -12.243 10.852  1.00 41.11 ? 135 LYS A CB    1 
ATOM   1004 N N     . GLN A 1 156 ? 19.667  -10.339 11.062  1.00 40.61 ? 136 GLN A N     1 
ATOM   1005 C CA    . GLN A 1 156 ? 18.900  -9.300  10.380  1.00 40.27 ? 136 GLN A CA    1 
ATOM   1006 C C     . GLN A 1 156 ? 18.537  -8.156  11.334  1.00 39.44 ? 136 GLN A C     1 
ATOM   1007 O O     . GLN A 1 156 ? 18.876  -8.169  12.519  1.00 38.69 ? 136 GLN A O     1 
ATOM   1008 C CB    . GLN A 1 156 ? 17.640  -9.904  9.747   1.00 40.40 ? 136 GLN A CB    1 
ATOM   1009 C CG    . GLN A 1 156 ? 17.922  -10.743 8.499   1.00 41.17 ? 136 GLN A CG    1 
ATOM   1010 C CD    . GLN A 1 156 ? 16.661  -11.326 7.880   1.00 41.42 ? 136 GLN A CD    1 
ATOM   1011 O OE1   . GLN A 1 156 ? 15.739  -11.744 8.591   1.00 43.79 ? 136 GLN A OE1   1 
ATOM   1012 N NE2   . GLN A 1 156 ? 16.609  -11.356 6.544   1.00 42.27 ? 136 GLN A NE2   1 
ATOM   1013 N N     . GLU A 1 157 ? 17.862  -7.152  10.789  1.00 38.81 ? 137 GLU A N     1 
ATOM   1014 C CA    . GLU A 1 157 ? 17.380  -6.025  11.569  1.00 38.31 ? 137 GLU A CA    1 
ATOM   1015 C C     . GLU A 1 157 ? 16.144  -5.456  10.893  1.00 37.39 ? 137 GLU A C     1 
ATOM   1016 O O     . GLU A 1 157 ? 15.922  -5.695  9.703   1.00 36.69 ? 137 GLU A O     1 
ATOM   1017 C CB    . GLU A 1 157 ? 18.463  -4.951  11.672  1.00 38.52 ? 137 GLU A CB    1 
ATOM   1018 C CG    . GLU A 1 157 ? 18.695  -4.199  10.371  1.00 39.16 ? 137 GLU A CG    1 
ATOM   1019 N N     . PRO A 1 158 ? 15.323  -4.710  11.646  1.00 36.66 ? 138 PRO A N     1 
ATOM   1020 C CA    . PRO A 1 158 ? 14.188  -4.036  11.024  1.00 36.26 ? 138 PRO A CA    1 
ATOM   1021 C C     . PRO A 1 158 ? 14.590  -3.230  9.778   1.00 36.06 ? 138 PRO A C     1 
ATOM   1022 O O     . PRO A 1 158 ? 15.620  -2.546  9.785   1.00 35.39 ? 138 PRO A O     1 
ATOM   1023 C CB    . PRO A 1 158 ? 13.680  -3.120  12.140  1.00 36.28 ? 138 PRO A CB    1 
ATOM   1024 C CG    . PRO A 1 158 ? 14.056  -3.820  13.392  1.00 35.82 ? 138 PRO A CG    1 
ATOM   1025 C CD    . PRO A 1 158 ? 15.369  -4.483  13.100  1.00 36.66 ? 138 PRO A CD    1 
ATOM   1026 N N     . VAL A 1 159 ? 13.793  -3.330  8.714   1.00 35.72 ? 139 VAL A N     1 
ATOM   1027 C CA    . VAL A 1 159 ? 14.098  -2.648  7.455   1.00 35.85 ? 139 VAL A CA    1 
ATOM   1028 C C     . VAL A 1 159 ? 14.233  -1.144  7.695   1.00 36.08 ? 139 VAL A C     1 
ATOM   1029 O O     . VAL A 1 159 ? 13.361  -0.509  8.284   1.00 35.57 ? 139 VAL A O     1 
ATOM   1030 C CB    . VAL A 1 159 ? 13.021  -2.892  6.363   1.00 35.67 ? 139 VAL A CB    1 
ATOM   1031 C CG1   . VAL A 1 159 ? 13.330  -2.075  5.122   1.00 36.21 ? 139 VAL A CG1   1 
ATOM   1032 C CG2   . VAL A 1 159 ? 12.905  -4.371  6.009   1.00 35.16 ? 139 VAL A CG2   1 
ATOM   1033 N N     . ARG A 1 160 ? 15.343  -0.581  7.248   1.00 36.70 ? 140 ARG A N     1 
ATOM   1034 C CA    . ARG A 1 160 ? 15.611  0.833   7.506   1.00 37.30 ? 140 ARG A CA    1 
ATOM   1035 C C     . ARG A 1 160 ? 15.143  1.705   6.355   1.00 37.23 ? 140 ARG A C     1 
ATOM   1036 O O     . ARG A 1 160 ? 14.918  1.227   5.245   1.00 37.65 ? 140 ARG A O     1 
ATOM   1037 C CB    . ARG A 1 160 ? 17.083  1.055   7.823   1.00 37.54 ? 140 ARG A CB    1 
ATOM   1038 C CG    . ARG A 1 160 ? 18.036  0.746   6.688   1.00 38.84 ? 140 ARG A CG    1 
ATOM   1039 C CD    . ARG A 1 160 ? 19.344  0.217   7.220   1.00 40.04 ? 140 ARG A CD    1 
ATOM   1040 N NE    . ARG A 1 160 ? 20.420  0.399   6.262   1.00 40.91 ? 140 ARG A NE    1 
ATOM   1041 C CZ    . ARG A 1 160 ? 21.033  1.555   6.027   1.00 43.60 ? 140 ARG A CZ    1 
ATOM   1042 N NH1   . ARG A 1 160 ? 22.027  1.609   5.144   1.00 43.53 ? 140 ARG A NH1   1 
ATOM   1043 N NH2   . ARG A 1 160 ? 20.675  2.662   6.673   1.00 45.96 ? 140 ARG A NH2   1 
ATOM   1044 N N     . THR A 1 161 ? 14.976  2.990   6.644   1.00 37.22 ? 141 THR A N     1 
ATOM   1045 C CA    . THR A 1 161 ? 14.416  3.938   5.687   1.00 37.07 ? 141 THR A CA    1 
ATOM   1046 C C     . THR A 1 161 ? 15.195  4.019   4.374   1.00 36.95 ? 141 THR A C     1 
ATOM   1047 O O     . THR A 1 161 ? 14.610  4.037   3.300   1.00 36.47 ? 141 THR A O     1 
ATOM   1048 C CB    . THR A 1 161 ? 14.297  5.333   6.333   1.00 37.29 ? 141 THR A CB    1 
ATOM   1049 O OG1   . THR A 1 161 ? 13.490  5.233   7.516   1.00 37.19 ? 141 THR A OG1   1 
ATOM   1050 C CG2   . THR A 1 161 ? 13.671  6.337   5.371   1.00 37.24 ? 141 THR A CG2   1 
ATOM   1051 N N     . ASP A 1 162 ? 16.514  4.064   4.462   1.00 37.10 ? 142 ASP A N     1 
ATOM   1052 C CA    . ASP A 1 162 ? 17.358  4.095   3.274   1.00 37.61 ? 142 ASP A CA    1 
ATOM   1053 C C     . ASP A 1 162 ? 17.136  2.888   2.359   1.00 37.82 ? 142 ASP A C     1 
ATOM   1054 O O     . ASP A 1 162 ? 17.259  3.012   1.141   1.00 38.09 ? 142 ASP A O     1 
ATOM   1055 C CB    . ASP A 1 162 ? 18.829  4.155   3.691   1.00 37.77 ? 142 ASP A CB    1 
ATOM   1056 C CG    . ASP A 1 162 ? 19.195  5.473   4.360   1.00 38.92 ? 142 ASP A CG    1 
ATOM   1057 O OD1   . ASP A 1 162 ? 18.418  6.445   4.228   1.00 41.49 ? 142 ASP A OD1   1 
ATOM   1058 O OD2   . ASP A 1 162 ? 20.260  5.542   5.016   1.00 39.26 ? 142 ASP A OD2   1 
ATOM   1059 N N     . ASP A 1 163 ? 16.835  1.728   2.948   1.00 37.87 ? 143 ASP A N     1 
ATOM   1060 C CA    . ASP A 1 163 ? 16.570  0.506   2.185   1.00 38.06 ? 143 ASP A CA    1 
ATOM   1061 C C     . ASP A 1 163 ? 15.217  0.589   1.478   1.00 37.92 ? 143 ASP A C     1 
ATOM   1062 O O     . ASP A 1 163 ? 15.095  0.205   0.318   1.00 37.66 ? 143 ASP A O     1 
ATOM   1063 C CB    . ASP A 1 163 ? 16.603  -0.736  3.089   1.00 38.33 ? 143 ASP A CB    1 
ATOM   1064 C CG    . ASP A 1 163 ? 18.009  -1.093  3.568   1.00 39.26 ? 143 ASP A CG    1 
ATOM   1065 O OD1   . ASP A 1 163 ? 19.009  -0.504  3.083   1.00 41.06 ? 143 ASP A OD1   1 
ATOM   1066 O OD2   . ASP A 1 163 ? 18.114  -1.983  4.444   1.00 41.16 ? 143 ASP A OD2   1 
ATOM   1067 N N     . GLY A 1 164 ? 14.203  1.089   2.174   1.00 38.07 ? 144 GLY A N     1 
ATOM   1068 C CA    . GLY A 1 164 ? 12.889  1.271   1.560   1.00 38.24 ? 144 GLY A CA    1 
ATOM   1069 C C     . GLY A 1 164 ? 12.947  2.322   0.469   1.00 38.90 ? 144 GLY A C     1 
ATOM   1070 O O     . GLY A 1 164 ? 12.413  2.132   -0.618  1.00 38.15 ? 144 GLY A O     1 
ATOM   1071 N N     . ARG A 1 165 ? 13.641  3.419   0.763   1.00 39.99 ? 145 ARG A N     1 
ATOM   1072 C CA    . ARG A 1 165 ? 13.869  4.500   -0.193  1.00 41.29 ? 145 ARG A CA    1 
ATOM   1073 C C     . ARG A 1 165 ? 14.632  4.021   -1.437  1.00 40.45 ? 145 ARG A C     1 
ATOM   1074 O O     . ARG A 1 165 ? 14.274  4.364   -2.564  1.00 40.58 ? 145 ARG A O     1 
ATOM   1075 C CB    . ARG A 1 165 ? 14.632  5.624   0.515   1.00 41.50 ? 145 ARG A CB    1 
ATOM   1076 C CG    . ARG A 1 165 ? 14.820  6.892   -0.278  1.00 43.79 ? 145 ARG A CG    1 
ATOM   1077 C CD    . ARG A 1 165 ? 15.356  8.024   0.626   1.00 44.91 ? 145 ARG A CD    1 
ATOM   1078 N NE    . ARG A 1 165 ? 14.442  8.249   1.746   1.00 47.92 ? 145 ARG A NE    1 
ATOM   1079 C CZ    . ARG A 1 165 ? 13.224  8.796   1.645   1.00 49.36 ? 145 ARG A CZ    1 
ATOM   1080 N NH1   . ARG A 1 165 ? 12.472  8.922   2.740   1.00 50.05 ? 145 ARG A NH1   1 
ATOM   1081 N NH2   . ARG A 1 165 ? 12.741  9.222   0.469   1.00 50.12 ? 145 ARG A NH2   1 
ATOM   1082 N N     . ALA A 1 166 ? 15.679  3.231   -1.230  1.00 40.07 ? 146 ALA A N     1 
ATOM   1083 C CA    . ALA A 1 166 ? 16.441  2.650   -2.340  1.00 39.88 ? 146 ALA A CA    1 
ATOM   1084 C C     . ALA A 1 166 ? 15.544  1.775   -3.213  1.00 40.18 ? 146 ALA A C     1 
ATOM   1085 O O     . ALA A 1 166 ? 15.619  1.846   -4.439  1.00 40.89 ? 146 ALA A O     1 
ATOM   1086 C CB    . ALA A 1 166 ? 17.617  1.839   -1.820  1.00 39.67 ? 146 ALA A CB    1 
ATOM   1087 N N     . MET A 1 167 ? 14.695  0.960   -2.585  1.00 39.69 ? 147 MET A N     1 
ATOM   1088 C CA    . MET A 1 167 ? 13.779  0.105   -3.334  1.00 39.56 ? 147 MET A CA    1 
ATOM   1089 C C     . MET A 1 167 ? 12.844  0.917   -4.226  1.00 39.37 ? 147 MET A C     1 
ATOM   1090 O O     . MET A 1 167 ? 12.576  0.504   -5.346  1.00 39.67 ? 147 MET A O     1 
ATOM   1091 C CB    . MET A 1 167 ? 12.958  -0.804  -2.405  1.00 39.25 ? 147 MET A CB    1 
ATOM   1092 C CG    . MET A 1 167 ? 12.188  -1.925  -3.137  1.00 38.98 ? 147 MET A CG    1 
ATOM   1093 S SD    . MET A 1 167 ? 13.241  -2.973  -4.190  1.00 39.47 ? 147 MET A SD    1 
ATOM   1094 C CE    . MET A 1 167 ? 14.168  -3.914  -2.972  1.00 34.74 ? 147 MET A CE    1 
ATOM   1095 N N     . ALA A 1 168 ? 12.363  2.065   -3.736  1.00 39.64 ? 148 ALA A N     1 
ATOM   1096 C CA    . ALA A 1 168 ? 11.407  2.899   -4.486  1.00 39.59 ? 148 ALA A CA    1 
ATOM   1097 C C     . ALA A 1 168 ? 12.013  3.522   -5.750  1.00 39.97 ? 148 ALA A C     1 
ATOM   1098 O O     . ALA A 1 168 ? 11.326  3.675   -6.761  1.00 40.04 ? 148 ALA A O     1 
ATOM   1099 C CB    . ALA A 1 168 ? 10.847  3.973   -3.602  1.00 39.38 ? 148 ALA A CB    1 
ATOM   1100 N N     . VAL A 1 169 ? 13.285  3.889   -5.677  1.00 39.97 ? 149 VAL A N     1 
ATOM   1101 C CA    . VAL A 1 169 ? 14.003  4.420   -6.830  1.00 40.53 ? 149 VAL A CA    1 
ATOM   1102 C C     . VAL A 1 169 ? 14.190  3.315   -7.864  1.00 40.86 ? 149 VAL A C     1 
ATOM   1103 O O     . VAL A 1 169 ? 13.981  3.538   -9.049  1.00 41.61 ? 149 VAL A O     1 
ATOM   1104 C CB    . VAL A 1 169 ? 15.371  5.048   -6.409  1.00 40.45 ? 149 VAL A CB    1 
ATOM   1105 C CG1   . VAL A 1 169 ? 16.270  5.341   -7.631  1.00 39.70 ? 149 VAL A CG1   1 
ATOM   1106 C CG2   . VAL A 1 169 ? 15.124  6.312   -5.590  1.00 40.26 ? 149 VAL A CG2   1 
ATOM   1107 N N     . ARG A 1 170 ? 14.560  2.124   -7.402  1.00 41.04 ? 150 ARG A N     1 
ATOM   1108 C CA    . ARG A 1 170 ? 14.710  0.946   -8.262  1.00 41.35 ? 150 ARG A CA    1 
ATOM   1109 C C     . ARG A 1 170 ? 13.414  0.530   -8.987  1.00 40.89 ? 150 ARG A C     1 
ATOM   1110 O O     . ARG A 1 170 ? 13.471  0.142   -10.149 1.00 41.41 ? 150 ARG A O     1 
ATOM   1111 C CB    . ARG A 1 170 ? 15.245  -0.221  -7.431  1.00 41.16 ? 150 ARG A CB    1 
ATOM   1112 C CG    . ARG A 1 170 ? 15.386  -1.529  -8.171  1.00 42.43 ? 150 ARG A CG    1 
ATOM   1113 C CD    . ARG A 1 170 ? 16.102  -2.546  -7.299  1.00 42.30 ? 150 ARG A CD    1 
ATOM   1114 N NE    . ARG A 1 170 ? 15.854  -3.918  -7.733  1.00 42.97 ? 150 ARG A NE    1 
ATOM   1115 C CZ    . ARG A 1 170 ? 16.076  -5.003  -6.990  1.00 43.63 ? 150 ARG A CZ    1 
ATOM   1116 N NH1   . ARG A 1 170 ? 16.552  -4.900  -5.748  1.00 44.54 ? 150 ARG A NH1   1 
ATOM   1117 N NH2   . ARG A 1 170 ? 15.820  -6.206  -7.488  1.00 43.83 ? 150 ARG A NH2   1 
ATOM   1118 N N     . ILE A 1 171 ? 12.261  0.594   -8.321  1.00 40.17 ? 151 ILE A N     1 
ATOM   1119 C CA    . ILE A 1 171 ? 10.992  0.220   -8.977  1.00 39.80 ? 151 ILE A CA    1 
ATOM   1120 C C     . ILE A 1 171 ? 10.257  1.405   -9.614  1.00 39.88 ? 151 ILE A C     1 
ATOM   1121 O O     . ILE A 1 171 ? 9.152   1.241   -10.149 1.00 40.35 ? 151 ILE A O     1 
ATOM   1122 C CB    . ILE A 1 171 ? 10.034  -0.578  -8.037  1.00 39.64 ? 151 ILE A CB    1 
ATOM   1123 C CG1   . ILE A 1 171 ? 9.398   0.324   -6.966  1.00 40.58 ? 151 ILE A CG1   1 
ATOM   1124 C CG2   . ILE A 1 171 ? 10.749  -1.746  -7.374  1.00 39.10 ? 151 ILE A CG2   1 
ATOM   1125 C CD1   . ILE A 1 171 ? 8.480   -0.412  -6.005  1.00 39.53 ? 151 ILE A CD1   1 
ATOM   1126 N N     . GLN A 1 172 ? 10.870  2.592   -9.547  1.00 40.04 ? 152 GLN A N     1 
ATOM   1127 C CA    . GLN A 1 172 ? 10.326  3.835   -10.111 1.00 40.11 ? 152 GLN A CA    1 
ATOM   1128 C C     . GLN A 1 172 ? 8.962   4.170   -9.500  1.00 39.00 ? 152 GLN A C     1 
ATOM   1129 O O     . GLN A 1 172 ? 7.998   4.506   -10.198 1.00 38.37 ? 152 GLN A O     1 
ATOM   1130 C CB    . GLN A 1 172 ? 10.244  3.768   -11.642 1.00 40.19 ? 152 GLN A CB    1 
ATOM   1131 C CG    . GLN A 1 172 ? 11.604  3.796   -12.357 1.00 41.60 ? 152 GLN A CG    1 
ATOM   1132 C CD    . GLN A 1 172 ? 11.481  3.547   -13.863 1.00 42.13 ? 152 GLN A CD    1 
ATOM   1133 O OE1   . GLN A 1 172 ? 11.872  4.387   -14.691 1.00 43.92 ? 152 GLN A OE1   1 
ATOM   1134 N NE2   . GLN A 1 172 ? 10.930  2.388   -14.224 1.00 45.55 ? 152 GLN A NE2   1 
ATOM   1135 N N     . ALA A 1 173 ? 8.887   4.074   -8.182  1.00 38.56 ? 153 ALA A N     1 
ATOM   1136 C CA    . ALA A 1 173 ? 7.636   4.342   -7.488  1.00 37.51 ? 153 ALA A CA    1 
ATOM   1137 C C     . ALA A 1 173 ? 7.240   5.811   -7.648  1.00 37.24 ? 153 ALA A C     1 
ATOM   1138 O O     . ALA A 1 173 ? 8.084   6.678   -7.781  1.00 36.93 ? 153 ALA A O     1 
ATOM   1139 C CB    . ALA A 1 173 ? 7.751   3.944   -6.016  1.00 37.34 ? 153 ALA A CB    1 
ATOM   1140 N N     . TYR A 1 174 ? 5.942   6.083   -7.663  1.00 37.13 ? 154 TYR A N     1 
ATOM   1141 C CA    . TYR A 1 174 ? 5.424   7.447   -7.568  1.00 37.11 ? 154 TYR A CA    1 
ATOM   1142 C C     . TYR A 1 174 ? 5.889   8.199   -6.297  1.00 37.16 ? 154 TYR A C     1 
ATOM   1143 O O     . TYR A 1 174 ? 6.136   9.416   -6.320  1.00 36.90 ? 154 TYR A O     1 
ATOM   1144 C CB    . TYR A 1 174 ? 3.896   7.370   -7.604  1.00 37.07 ? 154 TYR A CB    1 
ATOM   1145 C CG    . TYR A 1 174 ? 3.176   8.690   -7.514  1.00 37.37 ? 154 TYR A CG    1 
ATOM   1146 C CD1   . TYR A 1 174 ? 2.879   9.430   -8.653  1.00 37.23 ? 154 TYR A CD1   1 
ATOM   1147 C CD2   . TYR A 1 174 ? 2.762   9.188   -6.284  1.00 36.10 ? 154 TYR A CD2   1 
ATOM   1148 C CE1   . TYR A 1 174 ? 2.183   10.629  -8.556  1.00 38.38 ? 154 TYR A CE1   1 
ATOM   1149 C CE2   . TYR A 1 174 ? 2.109   10.363  -6.186  1.00 36.40 ? 154 TYR A CE2   1 
ATOM   1150 C CZ    . TYR A 1 174 ? 1.788   11.076  -7.306  1.00 35.05 ? 154 TYR A CZ    1 
ATOM   1151 O OH    . TYR A 1 174 ? 1.135   12.263  -7.136  1.00 35.83 ? 154 TYR A OH    1 
ATOM   1152 N N     . ASP A 1 175 ? 5.977   7.463   -5.188  1.00 36.95 ? 155 ASP A N     1 
ATOM   1153 C CA    . ASP A 1 175 ? 6.512   7.968   -3.919  1.00 36.49 ? 155 ASP A CA    1 
ATOM   1154 C C     . ASP A 1 175 ? 6.859   6.812   -2.983  1.00 36.44 ? 155 ASP A C     1 
ATOM   1155 O O     . ASP A 1 175 ? 6.445   5.690   -3.209  1.00 35.76 ? 155 ASP A O     1 
ATOM   1156 C CB    . ASP A 1 175 ? 5.518   8.896   -3.202  1.00 36.58 ? 155 ASP A CB    1 
ATOM   1157 C CG    . ASP A 1 175 ? 6.212   9.958   -2.368  1.00 36.09 ? 155 ASP A CG    1 
ATOM   1158 O OD1   . ASP A 1 175 ? 7.467   9.915   -2.221  1.00 35.93 ? 155 ASP A OD1   1 
ATOM   1159 O OD2   . ASP A 1 175 ? 5.511   10.879  -1.896  1.00 37.32 ? 155 ASP A OD2   1 
ATOM   1160 N N     . TYR A 1 176 ? 7.648   7.116   -1.953  1.00 36.56 ? 156 TYR A N     1 
ATOM   1161 C CA    . TYR A 1 176 ? 7.933   6.205   -0.855  1.00 36.70 ? 156 TYR A CA    1 
ATOM   1162 C C     . TYR A 1 176 ? 7.466   6.847   0.462   1.00 36.77 ? 156 TYR A C     1 
ATOM   1163 O O     . TYR A 1 176 ? 7.830   7.990   0.771   1.00 37.58 ? 156 TYR A O     1 
ATOM   1164 C CB    . TYR A 1 176 ? 9.426   5.869   -0.814  1.00 36.66 ? 156 TYR A CB    1 
ATOM   1165 C CG    . TYR A 1 176 ? 9.821   5.060   0.398   1.00 36.70 ? 156 TYR A CG    1 
ATOM   1166 C CD1   . TYR A 1 176 ? 9.436   3.733   0.521   1.00 36.84 ? 156 TYR A CD1   1 
ATOM   1167 C CD2   . TYR A 1 176 ? 10.555  5.633   1.426   1.00 36.44 ? 156 TYR A CD2   1 
ATOM   1168 C CE1   . TYR A 1 176 ? 9.757   3.010   1.639   1.00 37.12 ? 156 TYR A CE1   1 
ATOM   1169 C CE2   . TYR A 1 176 ? 10.893  4.913   2.539   1.00 36.64 ? 156 TYR A CE2   1 
ATOM   1170 C CZ    . TYR A 1 176 ? 10.502  3.605   2.641   1.00 36.44 ? 156 TYR A CZ    1 
ATOM   1171 O OH    . TYR A 1 176 ? 10.836  2.885   3.759   1.00 37.60 ? 156 TYR A OH    1 
ATOM   1172 N N     . LEU A 1 177 ? 6.631   6.134   1.211   1.00 36.37 ? 157 LEU A N     1 
ATOM   1173 C CA    . LEU A 1 177 ? 6.126   6.614   2.496   1.00 36.21 ? 157 LEU A CA    1 
ATOM   1174 C C     . LEU A 1 177 ? 6.216   5.533   3.556   1.00 35.61 ? 157 LEU A C     1 
ATOM   1175 O O     . LEU A 1 177 ? 6.179   4.341   3.243   1.00 35.73 ? 157 LEU A O     1 
ATOM   1176 C CB    . LEU A 1 177 ? 4.668   7.055   2.358   1.00 36.63 ? 157 LEU A CB    1 
ATOM   1177 C CG    . LEU A 1 177 ? 4.340   8.056   1.241   1.00 37.28 ? 157 LEU A CG    1 
ATOM   1178 C CD1   . LEU A 1 177 ? 2.865   8.367   1.245   1.00 40.55 ? 157 LEU A CD1   1 
ATOM   1179 C CD2   . LEU A 1 177 ? 5.118   9.304   1.411   1.00 38.03 ? 157 LEU A CD2   1 
ATOM   1180 N N     . GLU A 1 178 ? 6.335   5.971   4.808   1.00 35.05 ? 158 GLU A N     1 
ATOM   1181 C CA    . GLU A 1 178 ? 6.398   5.082   5.962   1.00 34.74 ? 158 GLU A CA    1 
ATOM   1182 C C     . GLU A 1 178 ? 5.250   5.407   6.903   1.00 34.05 ? 158 GLU A C     1 
ATOM   1183 O O     . GLU A 1 178 ? 4.926   6.577   7.104   1.00 33.21 ? 158 GLU A O     1 
ATOM   1184 C CB    . GLU A 1 178 ? 7.744   5.216   6.692   1.00 34.45 ? 158 GLU A CB    1 
ATOM   1185 C CG    . GLU A 1 178 ? 8.949   5.056   5.755   1.00 35.27 ? 158 GLU A CG    1 
ATOM   1186 C CD    . GLU A 1 178 ? 10.288  4.794   6.456   1.00 36.13 ? 158 GLU A CD    1 
ATOM   1187 O OE1   . GLU A 1 178 ? 10.559  5.385   7.516   1.00 38.11 ? 158 GLU A OE1   1 
ATOM   1188 O OE2   . GLU A 1 178 ? 11.093  3.993   5.925   1.00 37.85 ? 158 GLU A OE2   1 
ATOM   1189 N N     . CYS A 1 179 ? 4.643   4.374   7.488   1.00 33.45 ? 159 CYS A N     1 
ATOM   1190 C CA    . CYS A 1 179 ? 3.562   4.592   8.441   1.00 33.63 ? 159 CYS A CA    1 
ATOM   1191 C C     . CYS A 1 179 ? 3.496   3.547   9.546   1.00 33.07 ? 159 CYS A C     1 
ATOM   1192 O O     . CYS A 1 179 ? 4.183   2.534   9.511   1.00 32.87 ? 159 CYS A O     1 
ATOM   1193 C CB    . CYS A 1 179 ? 2.200   4.671   7.716   1.00 34.05 ? 159 CYS A CB    1 
ATOM   1194 S SG    . CYS A 1 179 ? 1.668   3.154   6.903   1.00 36.04 ? 159 CYS A SG    1 
ATOM   1195 N N     . SER A 1 180 ? 2.655   3.828   10.526  1.00 32.93 ? 160 SER A N     1 
ATOM   1196 C CA    . SER A 1 180 ? 2.289   2.858   11.531  1.00 32.89 ? 160 SER A CA    1 
ATOM   1197 C C     . SER A 1 180 ? 0.796   2.970   11.796  1.00 33.24 ? 160 SER A C     1 
ATOM   1198 O O     . SER A 1 180 ? 0.320   3.979   12.325  1.00 32.78 ? 160 SER A O     1 
ATOM   1199 C CB    . SER A 1 180 ? 3.080   3.078   12.809  1.00 32.87 ? 160 SER A CB    1 
ATOM   1200 O OG    . SER A 1 180 ? 2.475   2.429   13.920  1.00 31.33 ? 160 SER A OG    1 
ATOM   1201 N N     . ALA A 1 181 ? 0.072   1.922   11.419  1.00 34.02 ? 161 ALA A N     1 
ATOM   1202 C CA    . ALA A 1 181 ? -1.360  1.834   11.656  1.00 34.61 ? 161 ALA A CA    1 
ATOM   1203 C C     . ALA A 1 181 ? -1.638  1.875   13.154  1.00 35.16 ? 161 ALA A C     1 
ATOM   1204 O O     . ALA A 1 181 ? -2.619  2.479   13.593  1.00 35.27 ? 161 ALA A O     1 
ATOM   1205 C CB    . ALA A 1 181 ? -1.912  0.547   11.043  1.00 35.12 ? 161 ALA A CB    1 
ATOM   1206 N N     . LYS A 1 182 ? -0.739  1.258   13.927  1.00 35.67 ? 162 LYS A N     1 
ATOM   1207 C CA    . LYS A 1 182 ? -0.883  1.132   15.377  1.00 35.36 ? 162 LYS A CA    1 
ATOM   1208 C C     . LYS A 1 182 ? -0.778  2.456   16.110  1.00 35.73 ? 162 LYS A C     1 
ATOM   1209 O O     . LYS A 1 182 ? -1.446  2.658   17.116  1.00 36.61 ? 162 LYS A O     1 
ATOM   1210 C CB    . LYS A 1 182 ? 0.173   0.172   15.912  1.00 35.48 ? 162 LYS A CB    1 
ATOM   1211 C CG    . LYS A 1 182 ? 0.095   -0.084  17.426  1.00 34.59 ? 162 LYS A CG    1 
ATOM   1212 C CD    . LYS A 1 182 ? 0.808   -1.372  17.807  1.00 34.45 ? 162 LYS A CD    1 
ATOM   1213 N N     . THR A 1 183 ? 0.091   3.341   15.641  1.00 36.01 ? 163 THR A N     1 
ATOM   1214 C CA    . THR A 1 183 ? 0.210   4.669   16.223  1.00 36.21 ? 163 THR A CA    1 
ATOM   1215 C C     . THR A 1 183 ? -0.496  5.730   15.368  1.00 36.34 ? 163 THR A C     1 
ATOM   1216 O O     . THR A 1 183 ? -0.565  6.877   15.766  1.00 37.24 ? 163 THR A O     1 
ATOM   1217 C CB    . THR A 1 183 ? 1.703   5.061   16.442  1.00 36.08 ? 163 THR A CB    1 
ATOM   1218 O OG1   . THR A 1 183 ? 2.345   5.249   15.177  1.00 36.70 ? 163 THR A OG1   1 
ATOM   1219 C CG2   . THR A 1 183 ? 2.444   3.976   17.222  1.00 35.70 ? 163 THR A CG2   1 
ATOM   1220 N N     . LYS A 1 184 ? -1.000  5.348   14.193  1.00 36.66 ? 164 LYS A N     1 
ATOM   1221 C CA    . LYS A 1 184 ? -1.657  6.263   13.230  1.00 36.62 ? 164 LYS A CA    1 
ATOM   1222 C C     . LYS A 1 184 ? -0.692  7.146   12.458  1.00 36.70 ? 164 LYS A C     1 
ATOM   1223 O O     . LYS A 1 184 ? -1.116  7.810   11.516  1.00 36.53 ? 164 LYS A O     1 
ATOM   1224 C CB    . LYS A 1 184 ? -2.749  7.149   13.867  1.00 36.56 ? 164 LYS A CB    1 
ATOM   1225 C CG    . LYS A 1 184 ? -3.964  6.407   14.421  1.00 36.72 ? 164 LYS A CG    1 
ATOM   1226 C CD    . LYS A 1 184 ? -4.998  7.384   14.986  1.00 37.00 ? 164 LYS A CD    1 
ATOM   1227 N N     . GLU A 1 185 ? 0.595   7.145   12.824  1.00 36.67 ? 165 GLU A N     1 
ATOM   1228 C CA    . GLU A 1 185 ? 1.590   7.997   12.162  1.00 37.08 ? 165 GLU A CA    1 
ATOM   1229 C C     . GLU A 1 185 ? 1.723   7.707   10.653  1.00 36.45 ? 165 GLU A C     1 
ATOM   1230 O O     . GLU A 1 185 ? 1.987   6.572   10.239  1.00 36.04 ? 165 GLU A O     1 
ATOM   1231 C CB    . GLU A 1 185 ? 2.958   7.855   12.843  1.00 37.56 ? 165 GLU A CB    1 
ATOM   1232 C CG    . GLU A 1 185 ? 4.058   8.738   12.221  1.00 38.70 ? 165 GLU A CG    1 
ATOM   1233 C CD    . GLU A 1 185 ? 5.437   8.542   12.858  1.00 39.51 ? 165 GLU A CD    1 
ATOM   1234 O OE1   . GLU A 1 185 ? 5.678   7.483   13.484  1.00 43.36 ? 165 GLU A OE1   1 
ATOM   1235 O OE2   . GLU A 1 185 ? 6.283   9.449   12.717  1.00 41.69 ? 165 GLU A OE2   1 
ATOM   1236 N N     . GLY A 1 186 ? 1.514   8.739   9.843   1.00 35.68 ? 166 GLY A N     1 
ATOM   1237 C CA    . GLY A 1 186 ? 1.717   8.652   8.410   1.00 35.61 ? 166 GLY A CA    1 
ATOM   1238 C C     . GLY A 1 186 ? 0.587   8.057   7.592   1.00 35.29 ? 166 GLY A C     1 
ATOM   1239 O O     . GLY A 1 186 ? 0.674   8.031   6.371   1.00 35.43 ? 166 GLY A O     1 
ATOM   1240 N N     . VAL A 1 187 ? -0.460  7.568   8.250   1.00 35.05 ? 167 VAL A N     1 
ATOM   1241 C CA    . VAL A 1 187 ? -1.587  6.938   7.537   1.00 35.06 ? 167 VAL A CA    1 
ATOM   1242 C C     . VAL A 1 187 ? -2.350  7.944   6.688   1.00 35.47 ? 167 VAL A C     1 
ATOM   1243 O O     . VAL A 1 187 ? -2.653  7.655   5.545   1.00 35.89 ? 167 VAL A O     1 
ATOM   1244 C CB    . VAL A 1 187 ? -2.602  6.212   8.488   1.00 34.76 ? 167 VAL A CB    1 
ATOM   1245 C CG1   . VAL A 1 187 ? -3.775  5.596   7.644   1.00 32.53 ? 167 VAL A CG1   1 
ATOM   1246 C CG2   . VAL A 1 187 ? -1.898  5.145   9.304   1.00 33.97 ? 167 VAL A CG2   1 
ATOM   1247 N N     . ARG A 1 188 ? -2.655  9.115   7.241   1.00 36.20 ? 168 ARG A N     1 
ATOM   1248 C CA    . ARG A 1 188 ? -3.324  10.160  6.479   1.00 37.39 ? 168 ARG A CA    1 
ATOM   1249 C C     . ARG A 1 188 ? -2.577  10.482  5.200   1.00 37.12 ? 168 ARG A C     1 
ATOM   1250 O O     . ARG A 1 188 ? -3.179  10.565  4.135   1.00 36.82 ? 168 ARG A O     1 
ATOM   1251 C CB    . ARG A 1 188 ? -3.475  11.452  7.290   1.00 37.54 ? 168 ARG A CB    1 
ATOM   1252 C CG    . ARG A 1 188 ? -3.931  12.647  6.433   1.00 38.66 ? 168 ARG A CG    1 
ATOM   1253 C CD    . ARG A 1 188 ? -3.965  13.959  7.201   1.00 41.13 ? 168 ARG A CD    1 
ATOM   1254 N NE    . ARG A 1 188 ? -4.439  15.067  6.357   1.00 44.23 ? 168 ARG A NE    1 
ATOM   1255 C CZ    . ARG A 1 188 ? -5.714  15.288  6.028   1.00 45.66 ? 168 ARG A CZ    1 
ATOM   1256 N NH1   . ARG A 1 188 ? -6.030  16.334  5.275   1.00 45.13 ? 168 ARG A NH1   1 
ATOM   1257 N NH2   . ARG A 1 188 ? -6.682  14.472  6.443   1.00 48.14 ? 168 ARG A NH2   1 
ATOM   1258 N N     . GLU A 1 189 ? -1.260  10.672  5.299   1.00 37.25 ? 169 GLU A N     1 
ATOM   1259 C CA    . GLU A 1 189 ? -0.458  11.082  4.133   1.00 36.52 ? 169 GLU A CA    1 
ATOM   1260 C C     . GLU A 1 189 ? -0.304  9.975   3.106   1.00 35.80 ? 169 GLU A C     1 
ATOM   1261 O O     . GLU A 1 189 ? -0.227  10.248  1.920   1.00 35.79 ? 169 GLU A O     1 
ATOM   1262 C CB    . GLU A 1 189 ? 0.926   11.587  4.559   1.00 37.34 ? 169 GLU A CB    1 
ATOM   1263 C CG    . GLU A 1 189 ? 0.911   12.916  5.299   1.00 37.57 ? 169 GLU A CG    1 
ATOM   1264 C CD    . GLU A 1 189 ? 0.447   12.802  6.776   1.00 38.95 ? 169 GLU A CD    1 
ATOM   1265 O OE1   . GLU A 1 189 ? 0.436   11.699  7.360   1.00 40.51 ? 169 GLU A OE1   1 
ATOM   1266 O OE2   . GLU A 1 189 ? 0.049   13.828  7.340   1.00 42.00 ? 169 GLU A OE2   1 
ATOM   1267 N N     . VAL A 1 190 ? -0.284  8.726   3.549   1.00 35.00 ? 170 VAL A N     1 
ATOM   1268 C CA    . VAL A 1 190 ? -0.302  7.583   2.632   1.00 34.41 ? 170 VAL A CA    1 
ATOM   1269 C C     . VAL A 1 190 ? -1.495  7.684   1.686   1.00 33.64 ? 170 VAL A C     1 
ATOM   1270 O O     . VAL A 1 190 ? -1.337  7.602   0.481   1.00 32.11 ? 170 VAL A O     1 
ATOM   1271 C CB    . VAL A 1 190 ? -0.318  6.208   3.371   1.00 34.29 ? 170 VAL A CB    1 
ATOM   1272 C CG1   . VAL A 1 190 ? -0.815  5.054   2.438   1.00 34.13 ? 170 VAL A CG1   1 
ATOM   1273 C CG2   . VAL A 1 190 ? 1.078   5.899   3.958   1.00 33.58 ? 170 VAL A CG2   1 
ATOM   1274 N N     . PHE A 1 191 ? -2.682  7.883   2.240   1.00 32.73 ? 171 PHE A N     1 
ATOM   1275 C CA    . PHE A 1 191 ? -3.871  7.890   1.409   1.00 33.07 ? 171 PHE A CA    1 
ATOM   1276 C C     . PHE A 1 191 ? -4.107  9.202   0.685   1.00 32.51 ? 171 PHE A C     1 
ATOM   1277 O O     . PHE A 1 191 ? -4.784  9.245   -0.343  1.00 33.24 ? 171 PHE A O     1 
ATOM   1278 C CB    . PHE A 1 191 ? -5.079  7.499   2.266   1.00 33.12 ? 171 PHE A CB    1 
ATOM   1279 C CG    . PHE A 1 191 ? -5.125  6.041   2.529   1.00 33.76 ? 171 PHE A CG    1 
ATOM   1280 C CD1   . PHE A 1 191 ? -5.604  5.178   1.557   1.00 33.84 ? 171 PHE A CD1   1 
ATOM   1281 C CD2   . PHE A 1 191 ? -4.598  5.508   3.713   1.00 34.82 ? 171 PHE A CD2   1 
ATOM   1282 C CE1   . PHE A 1 191 ? -5.612  3.816   1.776   1.00 35.02 ? 171 PHE A CE1   1 
ATOM   1283 C CE2   . PHE A 1 191 ? -4.620  4.152   3.929   1.00 32.97 ? 171 PHE A CE2   1 
ATOM   1284 C CZ    . PHE A 1 191 ? -5.112  3.308   2.959   1.00 33.30 ? 171 PHE A CZ    1 
ATOM   1285 N N     . GLU A 1 192 ? -3.588  10.288  1.235   1.00 32.57 ? 172 GLU A N     1 
ATOM   1286 C CA    . GLU A 1 192 ? -3.674  11.565  0.559   1.00 32.66 ? 172 GLU A CA    1 
ATOM   1287 C C     . GLU A 1 192 ? -2.773  11.535  -0.652  1.00 32.31 ? 172 GLU A C     1 
ATOM   1288 O O     . GLU A 1 192 ? -3.193  11.927  -1.736  1.00 32.21 ? 172 GLU A O     1 
ATOM   1289 C CB    . GLU A 1 192 ? -3.274  12.699  1.486   1.00 32.34 ? 172 GLU A CB    1 
ATOM   1290 C CG    . GLU A 1 192 ? -3.449  14.075  0.881   1.00 34.68 ? 172 GLU A CG    1 
ATOM   1291 C CD    . GLU A 1 192 ? -3.230  15.213  1.881   1.00 35.44 ? 172 GLU A CD    1 
ATOM   1292 O OE1   . GLU A 1 192 ? -2.977  14.937  3.085   1.00 39.83 ? 172 GLU A OE1   1 
ATOM   1293 O OE2   . GLU A 1 192 ? -3.305  16.385  1.446   1.00 40.95 ? 172 GLU A OE2   1 
ATOM   1294 N N     . THR A 1 193 ? -1.543  11.050  -0.488  1.00 31.85 ? 173 THR A N     1 
ATOM   1295 C CA    . THR A 1 193 ? -0.668  10.897  -1.644  1.00 32.45 ? 173 THR A CA    1 
ATOM   1296 C C     . THR A 1 193 ? -1.264  9.981   -2.743  1.00 32.35 ? 173 THR A C     1 
ATOM   1297 O O     . THR A 1 193 ? -1.237  10.333  -3.927  1.00 32.76 ? 173 THR A O     1 
ATOM   1298 C CB    . THR A 1 193 ? 0.706   10.383  -1.235  1.00 32.78 ? 173 THR A CB    1 
ATOM   1299 O OG1   . THR A 1 193 ? 1.228   11.191  -0.180  1.00 34.25 ? 173 THR A OG1   1 
ATOM   1300 C CG2   . THR A 1 193 ? 1.637   10.430  -2.409  1.00 30.67 ? 173 THR A CG2   1 
ATOM   1301 N N     . ALA A 1 194 ? -1.804  8.833   -2.323  1.00 33.23 ? 174 ALA A N     1 
ATOM   1302 C CA    . ALA A 1 194 ? -2.493  7.855   -3.181  1.00 32.88 ? 174 ALA A CA    1 
ATOM   1303 C C     . ALA A 1 194 ? -3.661  8.423   -3.938  1.00 32.53 ? 174 ALA A C     1 
ATOM   1304 O O     . ALA A 1 194 ? -3.853  8.128   -5.112  1.00 33.21 ? 174 ALA A O     1 
ATOM   1305 C CB    . ALA A 1 194 ? -2.978  6.666   -2.348  1.00 33.39 ? 174 ALA A CB    1 
ATOM   1306 N N     . THR A 1 195 ? -4.465  9.227   -3.257  1.00 31.97 ? 175 THR A N     1 
ATOM   1307 C CA    . THR A 1 195 ? -5.576  9.874   -3.918  1.00 31.77 ? 175 THR A CA    1 
ATOM   1308 C C     . THR A 1 195 ? -5.123  10.899  -4.957  1.00 31.58 ? 175 THR A C     1 
ATOM   1309 O O     . THR A 1 195 ? -5.689  10.960  -6.034  1.00 31.13 ? 175 THR A O     1 
ATOM   1310 C CB    . THR A 1 195 ? -6.487  10.541  -2.894  1.00 31.48 ? 175 THR A CB    1 
ATOM   1311 O OG1   . THR A 1 195 ? -6.944  9.551   -1.960  1.00 31.30 ? 175 THR A OG1   1 
ATOM   1312 C CG2   . THR A 1 195 ? -7.664  11.231  -3.589  1.00 31.84 ? 175 THR A CG2   1 
ATOM   1313 N N     . ARG A 1 196 ? -4.114  11.699  -4.634  1.00 32.50 ? 176 ARG A N     1 
ATOM   1314 C CA    . ARG A 1 196 ? -3.502  12.607  -5.625  1.00 32.88 ? 176 ARG A CA    1 
ATOM   1315 C C     . ARG A 1 196 ? -2.940  11.839  -6.836  1.00 33.00 ? 176 ARG A C     1 
ATOM   1316 O O     . ARG A 1 196 ? -3.030  12.307  -7.990  1.00 31.88 ? 176 ARG A O     1 
ATOM   1317 C CB    . ARG A 1 196 ? -2.379  13.451  -4.998  1.00 32.51 ? 176 ARG A CB    1 
ATOM   1318 C CG    . ARG A 1 196 ? -2.805  14.441  -3.902  1.00 35.08 ? 176 ARG A CG    1 
ATOM   1319 C CD    . ARG A 1 196 ? -3.734  15.461  -4.428  1.00 35.34 ? 176 ARG A CD    1 
ATOM   1320 N NE    . ARG A 1 196 ? -3.988  16.573  -3.501  1.00 37.28 ? 176 ARG A NE    1 
ATOM   1321 C CZ    . ARG A 1 196 ? -4.671  17.655  -3.853  1.00 36.64 ? 176 ARG A CZ    1 
ATOM   1322 N NH1   . ARG A 1 196 ? -5.181  17.757  -5.077  1.00 37.64 ? 176 ARG A NH1   1 
ATOM   1323 N NH2   . ARG A 1 196 ? -4.865  18.629  -2.988  1.00 38.72 ? 176 ARG A NH2   1 
ATOM   1324 N N     . ALA A 1 197 ? -2.340  10.682  -6.578  1.00 34.18 ? 177 ALA A N     1 
ATOM   1325 C CA    . ALA A 1 197 ? -1.797  9.856   -7.673  1.00 33.68 ? 177 ALA A CA    1 
ATOM   1326 C C     . ALA A 1 197 ? -2.932  9.306   -8.538  1.00 33.85 ? 177 ALA A C     1 
ATOM   1327 O O     . ALA A 1 197 ? -2.846  9.259   -9.761  1.00 33.44 ? 177 ALA A O     1 
ATOM   1328 C CB    . ALA A 1 197 ? -0.973  8.717   -7.115  1.00 33.87 ? 177 ALA A CB    1 
ATOM   1329 N N     . ALA A 1 198 ? -4.006  8.879   -7.882  1.00 34.08 ? 178 ALA A N     1 
ATOM   1330 C CA    . ALA A 1 198 ? -5.198  8.375   -8.578  1.00 33.48 ? 178 ALA A CA    1 
ATOM   1331 C C     . ALA A 1 198 ? -5.814  9.442   -9.500  1.00 33.29 ? 178 ALA A C     1 
ATOM   1332 O O     . ALA A 1 198 ? -6.312  9.113   -10.583 1.00 32.63 ? 178 ALA A O     1 
ATOM   1333 C CB    . ALA A 1 198 ? -6.232  7.871   -7.525  1.00 32.44 ? 178 ALA A CB    1 
ATOM   1334 N N     . LEU A 1 199 ? -5.755  10.714  -9.079  1.00 33.52 ? 179 LEU A N     1 
ATOM   1335 C CA    . LEU A 1 199 ? -6.397  11.814  -9.804  1.00 33.47 ? 179 LEU A CA    1 
ATOM   1336 C C     . LEU A 1 199 ? -5.530  12.384  -10.917 1.00 34.55 ? 179 LEU A C     1 
ATOM   1337 O O     . LEU A 1 199 ? -6.017  13.137  -11.765 1.00 34.57 ? 179 LEU A O     1 
ATOM   1338 C CB    . LEU A 1 199 ? -6.797  12.937  -8.853  1.00 33.19 ? 179 LEU A CB    1 
ATOM   1339 C CG    . LEU A 1 199 ? -7.892  12.585  -7.848  1.00 32.48 ? 179 LEU A CG    1 
ATOM   1340 C CD1   . LEU A 1 199 ? -7.958  13.673  -6.780  1.00 28.92 ? 179 LEU A CD1   1 
ATOM   1341 C CD2   . LEU A 1 199 ? -9.235  12.401  -8.558  1.00 31.55 ? 179 LEU A CD2   1 
ATOM   1342 N N     . GLN A 1 200 ? -4.248  12.024  -10.896 1.00 34.88 ? 180 GLN A N     1 
ATOM   1343 C CA    . GLN A 1 200 ? -3.280  12.443  -11.922 1.00 36.10 ? 180 GLN A CA    1 
ATOM   1344 C C     . GLN A 1 200 ? -3.751  11.977  -13.296 1.00 35.38 ? 180 GLN A C     1 
ATOM   1345 O O     . GLN A 1 200 ? -4.233  10.862  -13.420 1.00 35.20 ? 180 GLN A O     1 
ATOM   1346 C CB    . GLN A 1 200 ? -1.934  11.785  -11.579 1.00 36.52 ? 180 GLN A CB    1 
ATOM   1347 C CG    . GLN A 1 200 ? -0.733  12.469  -12.058 1.00 38.15 ? 180 GLN A CG    1 
ATOM   1348 C CD    . GLN A 1 200 ? 0.527   11.694  -11.756 1.00 36.76 ? 180 GLN A CD    1 
ATOM   1349 O OE1   . GLN A 1 200 ? 0.564   10.459  -11.845 1.00 41.84 ? 180 GLN A OE1   1 
ATOM   1350 N NE2   . GLN A 1 200 ? 1.568   12.410  -11.411 1.00 35.58 ? 180 GLN A NE2   1 
ATOM   1351 N N     . LYS A 1 201 ? -3.620  12.824  -14.317 1.00 36.29 ? 181 LYS A N     1 
ATOM   1352 C CA    . LYS A 1 201 ? -3.882  12.389  -15.692 1.00 36.43 ? 181 LYS A CA    1 
ATOM   1353 C C     . LYS A 1 201 ? -2.936  11.231  -16.024 1.00 36.75 ? 181 LYS A C     1 
ATOM   1354 O O     . LYS A 1 201 ? -1.805  11.192  -15.538 1.00 36.07 ? 181 LYS A O     1 
ATOM   1355 C CB    . LYS A 1 201 ? -3.793  13.542  -16.683 1.00 36.66 ? 181 LYS A CB    1 
ATOM   1356 C CG    . LYS A 1 201 ? -4.988  14.485  -16.581 1.00 37.69 ? 181 LYS A CG    1 
ATOM   1357 C CD    . LYS A 1 201 ? -4.894  15.682  -17.472 1.00 39.67 ? 181 LYS A CD    1 
ATOM   1358 C CE    . LYS A 1 201 ? -5.528  16.929  -16.837 1.00 39.88 ? 181 LYS A CE    1 
ATOM   1359 N NZ    . LYS A 1 201 ? -4.568  17.599  -15.887 1.00 40.39 ? 181 LYS A NZ    1 
ATOM   1360 N N     . ARG A 1 202 ? -3.456  10.263  -16.784 1.00 36.55 ? 182 ARG A N     1 
ATOM   1361 C CA    . ARG A 1 202 ? -2.759  9.041   -17.137 1.00 36.96 ? 182 ARG A CA    1 
ATOM   1362 C C     . ARG A 1 202 ? -3.016  8.758   -18.620 1.00 36.59 ? 182 ARG A C     1 
ATOM   1363 O O     . ARG A 1 202 ? -4.162  8.566   -19.021 1.00 36.21 ? 182 ARG A O     1 
ATOM   1364 C CB    . ARG A 1 202 ? -3.263  7.867   -16.295 1.00 37.65 ? 182 ARG A CB    1 
ATOM   1365 C CG    . ARG A 1 202 ? -2.833  6.511   -16.811 1.00 38.28 ? 182 ARG A CG    1 
ATOM   1366 N N     . TYR A 1 203 ? -1.954  8.737   -19.425 1.00 36.25 ? 183 TYR A N     1 
ATOM   1367 C CA    . TYR A 1 203 ? -2.076  8.534   -20.877 1.00 36.10 ? 183 TYR A CA    1 
ATOM   1368 C C     . TYR A 1 203 ? -1.515  7.194   -21.393 1.00 36.95 ? 183 TYR A C     1 
ATOM   1369 O O     . TYR A 1 203 ? -0.311  6.938   -21.307 1.00 36.55 ? 183 TYR A O     1 
ATOM   1370 C CB    . TYR A 1 203 ? -1.365  9.654   -21.641 1.00 35.33 ? 183 TYR A CB    1 
ATOM   1371 C CG    . TYR A 1 203 ? -1.873  11.059  -21.435 1.00 34.22 ? 183 TYR A CG    1 
ATOM   1372 C CD1   . TYR A 1 203 ? -3.212  11.336  -21.186 1.00 32.57 ? 183 TYR A CD1   1 
ATOM   1373 C CD2   . TYR A 1 203 ? -1.001  12.131  -21.571 1.00 33.90 ? 183 TYR A CD2   1 
ATOM   1374 C CE1   . TYR A 1 203 ? -3.655  12.647  -21.042 1.00 32.79 ? 183 TYR A CE1   1 
ATOM   1375 C CE2   . TYR A 1 203 ? -1.429  13.428  -21.417 1.00 33.88 ? 183 TYR A CE2   1 
ATOM   1376 C CZ    . TYR A 1 203 ? -2.751  13.688  -21.147 1.00 33.15 ? 183 TYR A CZ    1 
ATOM   1377 O OH    . TYR A 1 203 ? -3.133  15.005  -21.001 1.00 33.51 ? 183 TYR A OH    1 
ATOM   1378 N N     . GLY A 1 204 ? -2.386  6.383   -21.988 1.00 37.94 ? 184 GLY A N     1 
ATOM   1379 C CA    . GLY A 1 204 ? -1.995  5.101   -22.565 1.00 39.62 ? 184 GLY A CA    1 
ATOM   1380 C C     . GLY A 1 204 ? -2.008  3.993   -21.532 1.00 40.85 ? 184 GLY A C     1 
ATOM   1381 O O     . GLY A 1 204 ? -2.170  4.263   -20.353 1.00 41.18 ? 184 GLY A O     1 
ATOM   1382 N N     . SER A 1 205 ? -1.824  2.748   -21.967 1.00 42.10 ? 185 SER A N     1 
ATOM   1383 C CA    . SER A 1 205 ? -1.837  1.593   -21.051 1.00 43.18 ? 185 SER A CA    1 
ATOM   1384 C C     . SER A 1 205 ? -0.667  0.645   -21.358 1.00 43.36 ? 185 SER A C     1 
ATOM   1385 O O     . SER A 1 205 ? -0.872  -0.532  -21.708 1.00 43.72 ? 185 SER A O     1 
ATOM   1386 C CB    . SER A 1 205 ? -3.164  0.829   -21.171 1.00 43.28 ? 185 SER A CB    1 
ATOM   1387 O OG    . SER A 1 205 ? -4.266  1.623   -20.780 1.00 45.26 ? 185 SER A OG    1 
HETATM 1388 P PB    . GDP B 2 .   ? -2.327  -8.202  6.204   1.00 29.78 ? 201 GDP A PB    1 
HETATM 1389 O O1B   . GDP B 2 .   ? -1.326  -7.694  5.217   1.00 30.65 ? 201 GDP A O1B   1 
HETATM 1390 O O2B   . GDP B 2 .   ? -2.250  -9.704  6.112   1.00 29.41 ? 201 GDP A O2B   1 
HETATM 1391 O O3B   . GDP B 2 .   ? -3.732  -7.652  5.994   1.00 28.37 ? 201 GDP A O3B   1 
HETATM 1392 O O3A   . GDP B 2 .   ? -1.829  -7.800  7.697   1.00 29.93 ? 201 GDP A O3A   1 
HETATM 1393 P PA    . GDP B 2 .   ? -2.680  -7.278  8.964   1.00 33.90 ? 201 GDP A PA    1 
HETATM 1394 O O1A   . GDP B 2 .   ? -3.756  -8.267  9.300   1.00 34.80 ? 201 GDP A O1A   1 
HETATM 1395 O O2A   . GDP B 2 .   ? -3.192  -5.861  8.845   1.00 31.53 ? 201 GDP A O2A   1 
HETATM 1396 O "O5'" . GDP B 2 .   ? -1.554  -7.229  10.114  1.00 35.11 ? 201 GDP A "O5'" 1 
HETATM 1397 C "C5'" . GDP B 2 .   ? -0.778  -8.391  10.401  1.00 36.45 ? 201 GDP A "C5'" 1 
HETATM 1398 C "C4'" . GDP B 2 .   ? -0.337  -8.374  11.853  1.00 37.75 ? 201 GDP A "C4'" 1 
HETATM 1399 O "O4'" . GDP B 2 .   ? 0.451   -7.213  12.110  1.00 37.25 ? 201 GDP A "O4'" 1 
HETATM 1400 C "C3'" . GDP B 2 .   ? -1.513  -8.292  12.787  1.00 37.95 ? 201 GDP A "C3'" 1 
HETATM 1401 O "O3'" . GDP B 2 .   ? -1.234  -8.973  14.006  1.00 41.01 ? 201 GDP A "O3'" 1 
HETATM 1402 C "C2'" . GDP B 2 .   ? -1.642  -6.828  13.087  1.00 37.77 ? 201 GDP A "C2'" 1 
HETATM 1403 O "O2'" . GDP B 2 .   ? -2.277  -6.586  14.338  1.00 36.60 ? 201 GDP A "O2'" 1 
HETATM 1404 C "C1'" . GDP B 2 .   ? -0.210  -6.376  13.062  1.00 36.74 ? 201 GDP A "C1'" 1 
HETATM 1405 N N9    . GDP B 2 .   ? -0.062  -4.975  12.613  1.00 37.52 ? 201 GDP A N9    1 
HETATM 1406 C C8    . GDP B 2 .   ? -0.669  -4.361  11.567  1.00 37.47 ? 201 GDP A C8    1 
HETATM 1407 N N7    . GDP B 2 .   ? -0.283  -3.067  11.474  1.00 36.93 ? 201 GDP A N7    1 
HETATM 1408 C C5    . GDP B 2 .   ? 0.610   -2.856  12.458  1.00 36.97 ? 201 GDP A C5    1 
HETATM 1409 C C6    . GDP B 2 .   ? 1.431   -1.723  12.939  1.00 37.51 ? 201 GDP A C6    1 
HETATM 1410 O O6    . GDP B 2 .   ? 1.415   -0.591  12.390  1.00 36.76 ? 201 GDP A O6    1 
HETATM 1411 N N1    . GDP B 2 .   ? 2.214   -1.948  14.011  1.00 37.81 ? 201 GDP A N1    1 
HETATM 1412 C C2    . GDP B 2 .   ? 2.289   -3.131  14.652  1.00 37.20 ? 201 GDP A C2    1 
HETATM 1413 N N2    . GDP B 2 .   ? 3.110   -3.247  15.721  1.00 37.10 ? 201 GDP A N2    1 
HETATM 1414 N N3    . GDP B 2 .   ? 1.565   -4.214  14.272  1.00 37.50 ? 201 GDP A N3    1 
HETATM 1415 C C4    . GDP B 2 .   ? 0.739   -4.121  13.203  1.00 37.69 ? 201 GDP A C4    1 
HETATM 1416 O O     . HOH C 3 .   ? -13.627 -2.372  -10.348 1.00 39.48 ? 202 HOH A O     1 
HETATM 1417 O O     . HOH C 3 .   ? -1.418  -14.150 -10.565 1.00 39.31 ? 203 HOH A O     1 
HETATM 1418 O O     . HOH C 3 .   ? 4.901   4.305   -10.335 1.00 23.57 ? 204 HOH A O     1 
HETATM 1419 O O     . HOH C 3 .   ? -6.758  -14.617 -12.772 1.00 46.79 ? 205 HOH A O     1 
HETATM 1420 O O     . HOH C 3 .   ? -18.340 1.367   1.715   1.00 38.31 ? 206 HOH A O     1 
HETATM 1421 O O     . HOH C 3 .   ? 8.210   -14.247 -4.059  1.00 58.93 ? 207 HOH A O     1 
HETATM 1422 O O     . HOH C 3 .   ? 3.947   12.578  -0.635  1.00 24.82 ? 208 HOH A O     1 
HETATM 1423 O O     . HOH C 3 .   ? -2.396  9.599   10.140  1.00 34.22 ? 209 HOH A O     1 
HETATM 1424 O O     . HOH C 3 .   ? -20.242 7.765   -3.102  1.00 34.14 ? 210 HOH A O     1 
HETATM 1425 O O     . HOH C 3 .   ? -4.559  18.196  3.194   1.00 43.80 ? 211 HOH A O     1 
HETATM 1426 O O     . HOH C 3 .   ? -11.065 3.562   -12.046 1.00 32.17 ? 212 HOH A O     1 
HETATM 1427 O O     . HOH C 3 .   ? -6.413  10.306  -16.894 1.00 37.72 ? 213 HOH A O     1 
HETATM 1428 O O     . HOH C 3 .   ? -4.985  16.437  -7.692  1.00 39.54 ? 214 HOH A O     1 
HETATM 1429 O O     . HOH C 3 .   ? 1.390   0.417   9.248   1.00 23.99 ? 215 HOH A O     1 
HETATM 1430 O O     . HOH C 3 .   ? -11.287 -7.439  0.500   1.00 52.04 ? 216 HOH A O     1 
HETATM 1431 O O     . HOH C 3 .   ? -14.876 9.411   -12.371 1.00 41.33 ? 217 HOH A O     1 
HETATM 1432 O O     . HOH C 3 .   ? -16.766 8.102   3.270   1.00 31.75 ? 218 HOH A O     1 
HETATM 1433 O O     . HOH C 3 .   ? -14.162 10.750  4.107   1.00 29.82 ? 219 HOH A O     1 
HETATM 1434 O O     . HOH C 3 .   ? -2.337  -21.786 -3.378  1.00 41.07 ? 220 HOH A O     1 
HETATM 1435 O O     . HOH C 3 .   ? -9.573  -11.738 -0.073  1.00 50.65 ? 221 HOH A O     1 
HETATM 1436 O O     . HOH C 3 .   ? -16.904 22.813  -2.404  1.00 23.96 ? 222 HOH A O     1 
HETATM 1437 O O     . HOH C 3 .   ? 3.197   -12.708 -9.005  1.00 41.76 ? 223 HOH A O     1 
HETATM 1438 O O     . HOH C 3 .   ? -3.083  14.685  -8.735  1.00 29.09 ? 224 HOH A O     1 
HETATM 1439 O O     . HOH C 3 .   ? 1.915   -0.074  -12.531 1.00 29.02 ? 225 HOH A O     1 
HETATM 1440 O O     . HOH C 3 .   ? 16.709  -1.571  -0.975  1.00 37.08 ? 226 HOH A O     1 
HETATM 1441 O O     . HOH C 3 .   ? -14.272 -0.090  -7.443  1.00 26.34 ? 227 HOH A O     1 
HETATM 1442 O O     . HOH C 3 .   ? 1.012   11.477  10.711  1.00 49.10 ? 228 HOH A O     1 
HETATM 1443 O O     . HOH C 3 .   ? -1.190  -8.910  -1.952  1.00 32.68 ? 229 HOH A O     1 
HETATM 1444 O O     . HOH C 3 .   ? -17.485 2.088   -5.634  1.00 35.41 ? 230 HOH A O     1 
HETATM 1445 O O     . HOH C 3 .   ? -5.693  -9.569  7.747   1.00 35.13 ? 231 HOH A O     1 
HETATM 1446 O O     . HOH C 3 .   ? 13.832  7.037   9.530   1.00 34.39 ? 232 HOH A O     1 
HETATM 1447 O O     . HOH C 3 .   ? -5.948  -2.372  -14.115 1.00 42.81 ? 233 HOH A O     1 
HETATM 1448 O O     . HOH C 3 .   ? 6.389   8.726   5.404   1.00 42.59 ? 234 HOH A O     1 
HETATM 1449 O O     . HOH C 3 .   ? 1.291   -16.098 1.804   1.00 40.54 ? 235 HOH A O     1 
HETATM 1450 O O     . HOH C 3 .   ? 5.433   -7.302  0.665   1.00 28.61 ? 236 HOH A O     1 
HETATM 1451 O O     . HOH C 3 .   ? -0.223  -1.540  8.897   1.00 31.38 ? 237 HOH A O     1 
HETATM 1452 O O     . HOH C 3 .   ? 19.323  -1.566  11.494  1.00 47.43 ? 238 HOH A O     1 
HETATM 1453 O O     . HOH C 3 .   ? -10.159 -16.329 -11.504 1.00 35.37 ? 239 HOH A O     1 
HETATM 1454 O O     . HOH C 3 .   ? -9.324  -8.393  1.985   1.00 41.48 ? 240 HOH A O     1 
HETATM 1455 O O     . HOH C 3 .   ? 16.555  -5.184  7.239   1.00 37.37 ? 241 HOH A O     1 
HETATM 1456 O O     . HOH C 3 .   ? 5.170   -13.429 -1.334  1.00 46.14 ? 242 HOH A O     1 
HETATM 1457 O O     . HOH C 3 .   ? 11.433  -11.557 7.261   1.00 42.43 ? 243 HOH A O     1 
HETATM 1458 O O     . HOH C 3 .   ? -12.088 -8.821  -12.622 1.00 37.71 ? 244 HOH A O     1 
HETATM 1459 O O     . HOH C 3 .   ? -5.605  15.165  -21.514 1.00 31.86 ? 245 HOH A O     1 
HETATM 1460 O O     . HOH C 3 .   ? 17.908  -7.175  8.271   1.00 46.57 ? 246 HOH A O     1 
HETATM 1461 O O     . HOH C 3 .   ? 6.700   -12.355 3.873   1.00 41.75 ? 247 HOH A O     1 
HETATM 1462 O O     . HOH C 3 .   ? -3.436  8.215   -12.320 1.00 47.56 ? 248 HOH A O     1 
HETATM 1463 O O     . HOH C 3 .   ? -1.370  -13.946 6.142   1.00 45.22 ? 249 HOH A O     1 
HETATM 1464 O O     . HOH C 3 .   ? -3.479  -0.122  -16.436 1.00 35.65 ? 250 HOH A O     1 
HETATM 1465 O O     . HOH C 3 .   ? 2.339   14.926  8.595   1.00 39.11 ? 251 HOH A O     1 
HETATM 1466 O O     . HOH C 3 .   ? 3.373   8.156   5.644   1.00 38.55 ? 252 HOH A O     1 
HETATM 1467 O O     . HOH C 3 .   ? 5.452   -7.829  -15.443 1.00 41.72 ? 253 HOH A O     1 
HETATM 1468 O O     . HOH C 3 .   ? -15.034 4.812   -6.872  1.00 37.57 ? 254 HOH A O     1 
HETATM 1469 O O     . HOH C 3 .   ? 16.734  -0.882  11.523  1.00 43.55 ? 255 HOH A O     1 
HETATM 1470 O O     . HOH C 3 .   ? -5.891  0.394   -14.719 1.00 38.97 ? 256 HOH A O     1 
HETATM 1471 O O     . HOH C 3 .   ? 1.787   -9.483  15.490  1.00 46.60 ? 257 HOH A O     1 
HETATM 1472 O O     . HOH C 3 .   ? -2.335  -20.002 -6.483  1.00 39.70 ? 258 HOH A O     1 
HETATM 1473 O O     . HOH C 3 .   ? -17.702 20.339  -5.441  1.00 44.64 ? 259 HOH A O     1 
HETATM 1474 O O     . HOH C 3 .   ? 10.639  6.834   -6.196  1.00 47.20 ? 260 HOH A O     1 
HETATM 1475 O O     . HOH C 3 .   ? 18.205  -9.458  -1.286  1.00 55.99 ? 261 HOH A O     1 
HETATM 1476 O O     . HOH C 3 .   ? -10.533 -11.994 -6.645  1.00 40.27 ? 262 HOH A O     1 
HETATM 1477 O O     . HOH C 3 .   ? -7.442  -9.349  -14.078 1.00 38.17 ? 263 HOH A O     1 
HETATM 1478 O O     . HOH C 3 .   ? -6.474  8.659   -13.165 1.00 45.05 ? 264 HOH A O     1 
HETATM 1479 O O     . HOH C 3 .   ? -1.925  14.256  9.538   1.00 45.81 ? 265 HOH A O     1 
HETATM 1480 O O     . HOH C 3 .   ? 3.752   -13.616 4.158   1.00 35.73 ? 266 HOH A O     1 
HETATM 1481 O O     . HOH C 3 .   ? 4.597   -1.087  19.051  1.00 47.46 ? 267 HOH A O     1 
HETATM 1482 O O     . HOH C 3 .   ? -3.414  -11.643 4.498   1.00 31.51 ? 268 HOH A O     1 
HETATM 1483 O O     . HOH C 3 .   ? -8.062  -2.262  -16.387 1.00 36.35 ? 269 HOH A O     1 
HETATM 1484 O O     . HOH C 3 .   ? -3.415  3.225   -16.886 1.00 43.05 ? 270 HOH A O     1 
HETATM 1485 O O     . HOH C 3 .   ? 17.014  -1.837  -3.173  1.00 39.64 ? 271 HOH A O     1 
HETATM 1486 O O     . HOH C 3 .   ? 9.744   7.661   8.367   1.00 50.39 ? 272 HOH A O     1 
HETATM 1487 O O     . HOH C 3 .   ? 2.510   -13.697 1.218   1.00 35.94 ? 273 HOH A O     1 
HETATM 1488 O O     . HOH C 3 .   ? -13.317 -13.010 -14.141 1.00 43.32 ? 274 HOH A O     1 
HETATM 1489 O O     . HOH C 3 .   ? -1.036  8.738   -13.392 1.00 37.90 ? 275 HOH A O     1 
HETATM 1490 O O     . HOH C 3 .   ? 0.293   16.497  6.029   1.00 45.76 ? 276 HOH A O     1 
HETATM 1491 O O     . HOH C 3 .   ? -3.574  -16.158 0.812   1.00 38.10 ? 277 HOH A O     1 
HETATM 1492 O O     . HOH C 3 .   ? -0.903  2.895   -24.414 1.00 55.81 ? 278 HOH A O     1 
HETATM 1493 O O     . HOH C 3 .   ? -9.830  6.693   -13.660 1.00 40.44 ? 279 HOH A O     1 
HETATM 1494 O O     . HOH C 3 .   ? -10.025 -9.682  -14.862 1.00 48.30 ? 280 HOH A O     1 
HETATM 1495 O O     . HOH C 3 .   ? 13.161  9.713   5.607   1.00 52.58 ? 281 HOH A O     1 
HETATM 1496 O O     . HOH C 3 .   ? -11.283 -15.102 -13.637 1.00 37.04 ? 282 HOH A O     1 
HETATM 1497 O O     . HOH C 3 .   ? -10.041 -7.018  -3.250  1.00 35.60 ? 283 HOH A O     1 
HETATM 1498 O O     . HOH C 3 .   ? 3.119   -10.790 11.412  1.00 41.36 ? 284 HOH A O     1 
HETATM 1499 O O     . HOH C 3 .   ? 0.655   13.796  -9.401  1.00 40.57 ? 285 HOH A O     1 
HETATM 1500 O O     . HOH C 3 .   ? 15.895  -5.323  4.371   1.00 44.18 ? 286 HOH A O     1 
HETATM 1501 O O     . HOH C 3 .   ? 15.872  3.801   9.817   1.00 42.30 ? 287 HOH A O     1 
HETATM 1502 O O     . HOH C 3 .   ? -7.081  -12.069 -14.458 1.00 35.70 ? 288 HOH A O     1 
HETATM 1503 O O     . HOH C 3 .   ? -19.310 7.741   3.355   1.00 51.25 ? 289 HOH A O     1 
HETATM 1504 O O     . HOH C 3 .   ? -18.053 17.621  -7.163  1.00 45.65 ? 290 HOH A O     1 
HETATM 1505 O O     . HOH C 3 .   ? -14.306 2.978   -8.495  1.00 33.77 ? 291 HOH A O     1 
HETATM 1506 O O     . HOH C 3 .   ? -5.921  3.482   17.420  1.00 47.16 ? 292 HOH A O     1 
HETATM 1507 O O     . HOH C 3 .   ? -3.244  16.183  -11.018 1.00 45.07 ? 293 HOH A O     1 
HETATM 1508 O O     . HOH C 3 .   ? 14.682  4.974   11.907  1.00 48.71 ? 294 HOH A O     1 
HETATM 1509 O O     . HOH C 3 .   ? -9.856  8.654   10.079  1.00 52.14 ? 295 HOH A O     1 
HETATM 1510 O O     . HOH C 3 .   ? -14.086 -0.087  -11.465 1.00 52.83 ? 296 HOH A O     1 
HETATM 1511 O O     . HOH C 3 .   ? 5.801   8.413   8.641   1.00 47.84 ? 297 HOH A O     1 
HETATM 1512 O O     . HOH C 3 .   ? -2.118  -15.293 -12.953 1.00 49.69 ? 298 HOH A O     1 
HETATM 1513 O O     . HOH C 3 .   ? 4.465   -9.891  7.025   1.00 46.49 ? 299 HOH A O     1 
HETATM 1514 O O     . HOH C 3 .   ? 10.427  -2.310  22.942  1.00 53.44 ? 300 HOH A O     1 
HETATM 1515 O O     . HOH C 3 .   ? -7.962  0.627   -16.623 1.00 41.52 ? 301 HOH A O     1 
HETATM 1516 O O     . HOH C 3 .   ? -3.053  -20.211 -15.464 1.00 44.96 ? 302 HOH A O     1 
HETATM 1517 O O     . HOH C 3 .   ? 2.570   -13.782 -1.431  1.00 48.25 ? 303 HOH A O     1 
HETATM 1518 O O     . HOH C 3 .   ? 3.988   0.292   -16.809 1.00 43.54 ? 304 HOH A O     1 
HETATM 1519 O O     . HOH C 3 .   ? -3.102  17.320  -1.109  1.00 39.37 ? 305 HOH A O     1 
HETATM 1520 O O     . HOH C 3 .   ? -10.137 17.498  -7.648  1.00 44.71 ? 306 HOH A O     1 
HETATM 1521 O O     . HOH C 3 .   ? 14.821  -7.213  2.390   1.00 42.05 ? 307 HOH A O     1 
HETATM 1522 O O     . HOH C 3 .   ? -12.944 -7.371  -2.758  1.00 52.01 ? 308 HOH A O     1 
HETATM 1523 O O     . HOH C 3 .   ? -7.689  21.202  -2.644  1.00 43.28 ? 309 HOH A O     1 
HETATM 1524 O O     . HOH C 3 .   ? -9.187  13.005  -12.170 1.00 45.67 ? 310 HOH A O     1 
HETATM 1525 O O     . HOH C 3 .   ? -7.747  16.232  -14.355 1.00 46.13 ? 311 HOH A O     1 
HETATM 1526 O O     . HOH C 3 .   ? -5.810  15.222  -13.115 1.00 47.93 ? 312 HOH A O     1 
HETATM 1527 O O     . HOH C 3 .   ? 17.835  -6.761  14.939  1.00 46.67 ? 313 HOH A O     1 
# 
